data_3HGJ
#
_entry.id   3HGJ
#
_cell.length_a   98.703
_cell.length_b   101.169
_cell.length_c   101.336
_cell.angle_alpha   90.000
_cell.angle_beta   114.320
_cell.angle_gamma   90.000
#
_symmetry.space_group_name_H-M   'P 1 2 1'
#
loop_
_entity.id
_entity.type
_entity.pdbx_description
1 polymer 'Chromate reductase'
2 non-polymer 'FLAVIN MONONUCLEOTIDE'
3 non-polymer P-HYDROXYBENZALDEHYDE
4 water water
#
_entity_poly.entity_id   1
_entity_poly.type   'polypeptide(L)'
_entity_poly.pdbx_seq_one_letter_code
;MALLFTPLELGGLRLKNRLAMSPMCQYSATLEGEVTDWHLLHYPTRALGGVGLILVEATAVEPLGRISPYDLGIWSEDHL
PGLKELARRIREAGAVPGIQLAHAGRKAGTARPWEGGKPLGWRVVGPSPIPFDEGYPVPEPLDEAGMERILQAFVEGARR
ALRAGFQVIELHMAHGYLLSSFLSPLSNQRTDAYGGSLENRMRFPLQVAQAVREVVPRELPLFVRVSATDWGEGGWSLED
TLAFARRLKELGVDLLDCSSGGVVLRVRIPLAPGFQVPFADAVRKRVGLRTGAVGLITTPEQAETLLQAGSADLVLLGRV
LLRDPYFPLRAAKALGVAPEVPPQYQRGF
;
_entity_poly.pdbx_strand_id   A,B,C,D
#
loop_
_chem_comp.id
_chem_comp.type
_chem_comp.name
_chem_comp.formula
FMN non-polymer 'FLAVIN MONONUCLEOTIDE' 'C17 H21 N4 O9 P'
HBA non-polymer P-HYDROXYBENZALDEHYDE 'C7 H6 O2'
#
# COMPACT_ATOMS: atom_id res chain seq x y z
N ALA A 2 12.12 -21.00 23.76
CA ALA A 2 11.74 -19.63 24.19
C ALA A 2 10.32 -19.28 23.75
N LEU A 3 9.49 -18.88 24.71
CA LEU A 3 8.13 -18.49 24.35
C LEU A 3 8.10 -17.30 23.40
N LEU A 4 9.04 -16.38 23.56
CA LEU A 4 9.13 -15.22 22.67
C LEU A 4 9.08 -15.61 21.18
N PHE A 5 9.64 -16.77 20.87
CA PHE A 5 9.71 -17.19 19.46
C PHE A 5 8.96 -18.50 19.22
N THR A 6 7.94 -18.76 20.04
CA THR A 6 6.94 -19.76 19.71
C THR A 6 5.72 -19.08 19.06
N PRO A 7 5.21 -19.66 17.96
CA PRO A 7 4.09 -19.05 17.26
C PRO A 7 2.92 -18.85 18.19
N LEU A 8 2.07 -17.87 17.87
CA LEU A 8 0.88 -17.55 18.65
C LEU A 8 -0.35 -17.63 17.75
N GLU A 9 -1.36 -18.37 18.20
CA GLU A 9 -2.67 -18.39 17.53
C GLU A 9 -3.61 -17.30 18.02
N LEU A 10 -4.13 -16.50 17.09
CA LEU A 10 -5.19 -15.52 17.40
C LEU A 10 -6.12 -15.46 16.21
N GLY A 11 -7.41 -15.48 16.47
CA GLY A 11 -8.38 -15.63 15.40
C GLY A 11 -8.09 -16.94 14.68
N GLY A 12 -7.96 -16.86 13.36
CA GLY A 12 -7.64 -18.04 12.57
C GLY A 12 -6.26 -17.95 11.96
N LEU A 13 -5.46 -16.99 12.43
CA LEU A 13 -4.10 -16.90 11.93
C LEU A 13 -3.11 -17.33 13.00
N ARG A 14 -1.84 -17.46 12.61
CA ARG A 14 -0.80 -17.82 13.54
C ARG A 14 0.34 -16.83 13.34
N LEU A 15 0.67 -16.05 14.36
CA LEU A 15 1.86 -15.23 14.30
C LEU A 15 3.08 -16.11 14.50
N LYS A 16 4.16 -15.73 13.85
CA LYS A 16 5.36 -16.55 13.86
C LYS A 16 6.07 -16.41 15.21
N ASN A 17 5.82 -15.32 15.92
CA ASN A 17 6.39 -15.19 17.26
C ASN A 17 5.55 -14.21 18.06
N ARG A 18 5.97 -13.90 19.30
CA ARG A 18 5.14 -13.08 20.21
C ARG A 18 5.62 -11.65 20.34
N LEU A 19 6.37 -11.20 19.35
CA LEU A 19 6.84 -9.85 19.35
C LEU A 19 6.02 -9.01 18.35
N ALA A 20 5.51 -7.89 18.80
CA ALA A 20 4.76 -7.04 17.90
C ALA A 20 5.37 -5.66 17.92
N MET A 21 5.32 -4.99 16.77
CA MET A 21 5.62 -3.54 16.76
C MET A 21 4.42 -2.70 17.17
N SER A 22 4.57 -1.96 18.27
CA SER A 22 3.49 -1.17 18.87
C SER A 22 3.17 0.01 17.91
N PRO A 23 1.91 0.47 17.89
CA PRO A 23 1.57 1.63 17.03
C PRO A 23 2.36 2.89 17.40
N MET A 24 2.97 3.53 16.41
CA MET A 24 3.73 4.75 16.71
C MET A 24 3.62 5.79 15.59
N CYS A 25 2.79 6.78 15.89
CA CYS A 25 2.64 7.97 15.06
C CYS A 25 3.96 8.54 14.52
N GLN A 26 4.02 8.69 13.20
CA GLN A 26 5.24 9.14 12.52
C GLN A 26 5.07 10.57 12.02
N TYR A 27 3.84 11.08 12.10
CA TYR A 27 3.51 12.39 11.53
C TYR A 27 4.15 12.63 10.19
N SER A 28 4.09 11.64 9.30
CA SER A 28 4.76 11.84 8.02
C SER A 28 3.90 11.60 6.78
N ALA A 29 2.57 11.58 6.95
CA ALA A 29 1.67 11.42 5.84
C ALA A 29 1.54 12.78 5.11
N THR A 30 0.94 12.75 3.93
CA THR A 30 0.55 14.01 3.26
C THR A 30 -0.58 14.66 4.04
N LEU A 31 -0.84 15.93 3.76
CA LEU A 31 -1.99 16.60 4.35
C LEU A 31 -3.28 15.89 4.08
N GLU A 32 -3.33 15.03 3.06
CA GLU A 32 -4.54 14.26 2.77
C GLU A 32 -4.59 12.95 3.56
N GLY A 33 -3.62 12.74 4.45
CA GLY A 33 -3.53 11.48 5.18
C GLY A 33 -3.00 10.31 4.37
N GLU A 34 -2.21 10.59 3.32
CA GLU A 34 -1.66 9.50 2.50
C GLU A 34 -0.37 8.86 3.05
N VAL A 35 -0.19 7.59 2.73
CA VAL A 35 1.06 6.89 2.95
C VAL A 35 2.14 7.55 2.08
N THR A 36 3.33 7.74 2.63
CA THR A 36 4.41 8.36 1.88
C THR A 36 5.59 7.41 1.83
N ASP A 37 6.63 7.81 1.14
CA ASP A 37 7.89 7.10 1.22
C ASP A 37 8.37 6.89 2.65
N TRP A 38 8.03 7.79 3.57
CA TRP A 38 8.52 7.61 4.94
C TRP A 38 8.00 6.32 5.54
N HIS A 39 6.68 6.11 5.46
CA HIS A 39 6.13 4.84 5.96
C HIS A 39 6.67 3.60 5.24
N LEU A 40 6.87 3.71 3.93
CA LEU A 40 7.31 2.55 3.12
C LEU A 40 8.75 2.13 3.41
N LEU A 41 9.58 3.06 3.91
CA LEU A 41 10.87 2.70 4.49
C LEU A 41 10.75 2.27 5.96
N HIS A 42 10.07 3.10 6.77
CA HIS A 42 10.02 2.91 8.22
C HIS A 42 9.53 1.50 8.64
N TYR A 43 8.42 1.05 8.08
CA TYR A 43 7.78 -0.18 8.50
C TYR A 43 8.40 -1.46 7.95
N PRO A 44 8.75 -1.45 6.66
CA PRO A 44 9.29 -2.74 6.29
C PRO A 44 10.68 -3.03 6.91
N THR A 45 11.40 -1.98 7.34
CA THR A 45 12.66 -2.16 8.05
C THR A 45 12.49 -3.03 9.30
N ARG A 46 11.47 -2.70 10.11
CA ARG A 46 11.12 -3.51 11.27
C ARG A 46 10.58 -4.90 10.95
N ALA A 47 9.90 -5.04 9.82
CA ALA A 47 9.45 -6.35 9.33
C ALA A 47 10.65 -7.27 9.04
N LEU A 48 11.63 -6.74 8.32
CA LEU A 48 12.90 -7.42 8.11
C LEU A 48 13.58 -7.68 9.45
N GLY A 49 13.45 -6.70 10.35
CA GLY A 49 13.94 -6.79 11.72
C GLY A 49 13.46 -7.97 12.53
N GLY A 50 12.33 -8.56 12.12
CA GLY A 50 11.88 -9.84 12.69
C GLY A 50 10.61 -9.90 13.55
N VAL A 51 9.84 -8.82 13.69
CA VAL A 51 8.57 -8.93 14.44
C VAL A 51 7.56 -9.84 13.72
N GLY A 52 6.77 -10.59 14.49
CA GLY A 52 5.68 -11.38 13.90
C GLY A 52 4.54 -10.50 13.38
N LEU A 53 4.30 -9.40 14.06
CA LEU A 53 3.21 -8.51 13.71
C LEU A 53 3.68 -7.05 13.77
N ILE A 54 3.26 -6.23 12.81
CA ILE A 54 3.37 -4.77 12.93
C ILE A 54 1.98 -4.17 13.04
N LEU A 55 1.79 -3.32 14.03
CA LEU A 55 0.56 -2.55 14.12
C LEU A 55 0.91 -1.18 13.65
N VAL A 56 0.46 -0.81 12.45
CA VAL A 56 0.67 0.53 11.93
C VAL A 56 0.03 1.60 12.86
N GLU A 57 0.72 2.73 12.99
CA GLU A 57 0.33 3.85 13.86
C GLU A 57 -1.16 4.22 13.76
N ALA A 58 -1.65 4.93 14.76
CA ALA A 58 -3.00 5.50 14.79
C ALA A 58 -3.40 6.14 13.45
N THR A 59 -4.45 5.61 12.84
CA THR A 59 -4.96 6.05 11.56
C THR A 59 -6.39 6.56 11.70
N ALA A 60 -6.57 7.84 11.38
CA ALA A 60 -7.81 8.56 11.77
C ALA A 60 -8.97 8.11 10.93
N VAL A 61 -10.10 7.85 11.56
CA VAL A 61 -11.25 7.33 10.85
C VAL A 61 -12.10 8.49 10.29
N GLU A 62 -11.87 9.70 10.79
CA GLU A 62 -12.39 10.90 10.13
C GLU A 62 -11.39 12.05 10.26
N PRO A 63 -11.45 13.03 9.34
CA PRO A 63 -10.44 14.09 9.36
C PRO A 63 -10.26 14.73 10.74
N LEU A 64 -11.34 14.99 11.46
CA LEU A 64 -11.20 15.68 12.74
C LEU A 64 -10.79 14.69 13.83
N GLY A 65 -10.65 13.42 13.45
CA GLY A 65 -10.12 12.40 14.34
C GLY A 65 -8.60 12.36 14.31
N ARG A 66 -7.98 13.22 13.51
CA ARG A 66 -6.53 13.22 13.45
C ARG A 66 -5.93 13.89 14.69
N ILE A 67 -4.79 13.37 15.15
CA ILE A 67 -3.87 14.13 16.03
C ILE A 67 -3.28 15.34 15.29
N SER A 68 -2.48 15.08 14.26
CA SER A 68 -1.82 16.13 13.50
C SER A 68 -2.29 16.13 12.05
N PRO A 69 -1.89 17.16 11.30
CA PRO A 69 -2.35 17.29 9.90
C PRO A 69 -1.61 16.34 8.98
N TYR A 70 -0.63 15.62 9.55
CA TYR A 70 0.14 14.64 8.82
C TYR A 70 0.02 13.21 9.37
N ASP A 71 -1.15 12.89 9.94
CA ASP A 71 -1.44 11.53 10.37
C ASP A 71 -1.85 10.71 9.15
N LEU A 72 -1.70 9.39 9.21
CA LEU A 72 -2.35 8.50 8.25
C LEU A 72 -3.84 8.69 8.45
N GLY A 73 -4.62 8.59 7.37
CA GLY A 73 -6.06 8.55 7.50
C GLY A 73 -6.63 7.34 6.77
N ILE A 74 -7.86 6.95 7.12
CA ILE A 74 -8.51 5.85 6.39
C ILE A 74 -9.97 6.17 6.06
N TRP A 75 -10.28 7.47 6.06
CA TRP A 75 -11.65 7.93 5.86
C TRP A 75 -12.05 7.98 4.37
N SER A 76 -11.11 7.71 3.46
CA SER A 76 -11.40 7.81 2.04
C SER A 76 -10.92 6.58 1.25
N GLU A 77 -11.73 6.16 0.29
CA GLU A 77 -11.30 5.10 -0.57
C GLU A 77 -10.04 5.48 -1.35
N ASP A 78 -9.72 6.76 -1.41
CA ASP A 78 -8.48 7.16 -2.07
C ASP A 78 -7.26 6.96 -1.15
N HIS A 79 -7.49 6.50 0.08
CA HIS A 79 -6.41 6.04 0.94
C HIS A 79 -5.94 4.63 0.59
N LEU A 80 -6.84 3.85 -0.04
CA LEU A 80 -6.60 2.43 -0.36
C LEU A 80 -5.27 2.09 -1.06
N PRO A 81 -4.93 2.81 -2.14
CA PRO A 81 -3.74 2.36 -2.85
C PRO A 81 -2.49 2.40 -1.96
N GLY A 82 -2.32 3.52 -1.26
CA GLY A 82 -1.21 3.68 -0.33
C GLY A 82 -1.23 2.68 0.81
N LEU A 83 -2.36 2.54 1.49
CA LEU A 83 -2.47 1.54 2.57
C LEU A 83 -2.21 0.11 2.06
N LYS A 84 -2.69 -0.18 0.86
CA LYS A 84 -2.48 -1.47 0.24
C LYS A 84 -1.00 -1.72 0.04
N GLU A 85 -0.32 -0.74 -0.53
CA GLU A 85 1.11 -0.88 -0.81
C GLU A 85 1.88 -1.08 0.51
N LEU A 86 1.42 -0.40 1.56
CA LEU A 86 2.07 -0.51 2.87
C LEU A 86 1.94 -1.91 3.46
N ALA A 87 0.71 -2.38 3.60
CA ALA A 87 0.52 -3.78 4.01
C ALA A 87 1.30 -4.75 3.14
N ARG A 88 1.41 -4.48 1.85
CA ARG A 88 2.08 -5.45 0.95
C ARG A 88 3.57 -5.48 1.28
N ARG A 89 4.17 -4.31 1.50
CA ARG A 89 5.60 -4.28 1.74
C ARG A 89 5.98 -4.82 3.10
N ILE A 90 5.10 -4.64 4.09
CA ILE A 90 5.28 -5.30 5.39
C ILE A 90 5.25 -6.84 5.29
N ARG A 91 4.25 -7.38 4.59
CA ARG A 91 4.12 -8.84 4.46
C ARG A 91 5.32 -9.37 3.64
N GLU A 92 5.70 -8.65 2.60
CA GLU A 92 6.87 -9.06 1.84
C GLU A 92 8.13 -9.17 2.71
N ALA A 93 8.24 -8.36 3.77
CA ALA A 93 9.45 -8.39 4.58
C ALA A 93 9.30 -9.29 5.82
N GLY A 94 8.21 -10.04 5.90
CA GLY A 94 8.14 -11.13 6.84
C GLY A 94 7.05 -11.04 7.89
N ALA A 95 6.45 -9.86 8.05
CA ALA A 95 5.55 -9.61 9.17
C ALA A 95 4.07 -9.59 8.77
N VAL A 96 3.18 -9.91 9.72
CA VAL A 96 1.76 -9.69 9.50
C VAL A 96 1.41 -8.22 9.64
N PRO A 97 0.71 -7.65 8.64
CA PRO A 97 0.38 -6.25 8.74
C PRO A 97 -0.92 -6.02 9.52
N GLY A 98 -0.82 -5.30 10.64
CA GLY A 98 -2.02 -4.82 11.32
C GLY A 98 -2.10 -3.28 11.32
N ILE A 99 -3.21 -2.74 11.78
CA ILE A 99 -3.32 -1.31 11.81
C ILE A 99 -4.21 -0.90 12.97
N GLN A 100 -3.85 0.20 13.62
CA GLN A 100 -4.70 0.77 14.64
C GLN A 100 -5.65 1.88 14.07
N LEU A 101 -6.95 1.72 14.30
CA LEU A 101 -7.94 2.68 13.85
C LEU A 101 -8.18 3.64 14.99
N ALA A 102 -8.17 4.93 14.70
CA ALA A 102 -8.12 5.92 15.75
C ALA A 102 -9.09 7.11 15.61
N HIS A 103 -9.46 7.69 16.75
CA HIS A 103 -10.10 9.01 16.75
C HIS A 103 -9.65 9.86 17.93
N ALA A 104 -9.04 11.01 17.62
CA ALA A 104 -8.27 11.71 18.63
C ALA A 104 -9.15 12.51 19.59
N GLY A 105 -10.46 12.44 19.46
CA GLY A 105 -11.34 13.20 20.39
C GLY A 105 -10.88 14.60 20.78
N ARG A 106 -10.94 14.95 22.07
CA ARG A 106 -10.68 16.32 22.51
C ARG A 106 -9.22 16.73 22.34
N LYS A 107 -8.37 15.74 22.05
CA LYS A 107 -6.97 15.96 21.83
C LYS A 107 -6.65 16.07 20.30
N ALA A 108 -7.68 16.12 19.47
CA ALA A 108 -7.50 16.31 18.02
C ALA A 108 -6.82 17.64 17.70
N GLY A 109 -6.05 17.69 16.62
CA GLY A 109 -5.53 18.96 16.06
C GLY A 109 -4.43 19.68 16.83
N THR A 110 -3.25 19.06 16.91
CA THR A 110 -2.09 19.69 17.46
C THR A 110 -0.96 19.54 16.41
N ALA A 111 -0.04 20.50 16.38
CA ALA A 111 1.14 20.38 15.52
C ALA A 111 1.95 19.12 15.76
N ARG A 112 2.72 18.69 14.77
CA ARG A 112 3.76 17.70 15.03
C ARG A 112 4.63 18.08 16.23
N PRO A 113 5.01 17.07 17.02
CA PRO A 113 5.79 17.22 18.26
C PRO A 113 7.02 18.10 18.06
N TRP A 114 7.66 18.01 16.90
CA TRP A 114 8.90 18.72 16.65
C TRP A 114 8.63 20.06 16.00
N GLU A 115 7.35 20.35 15.76
CA GLU A 115 6.94 21.67 15.35
C GLU A 115 6.24 22.37 16.50
N GLY A 116 6.72 22.10 17.72
CA GLY A 116 6.12 22.67 18.92
C GLY A 116 4.93 21.90 19.46
N GLY A 117 4.15 21.29 18.58
CA GLY A 117 2.99 20.50 19.01
C GLY A 117 1.83 21.24 19.66
N LYS A 118 1.69 22.53 19.38
CA LYS A 118 0.55 23.29 19.89
C LYS A 118 -0.80 22.93 19.25
N PRO A 119 -1.89 23.04 20.02
CA PRO A 119 -3.22 22.89 19.45
C PRO A 119 -3.39 23.84 18.27
N LEU A 120 -4.14 23.41 17.26
CA LEU A 120 -4.32 24.16 16.02
C LEU A 120 -5.71 24.77 16.08
N GLY A 121 -6.37 24.55 17.21
CA GLY A 121 -7.73 25.01 17.40
C GLY A 121 -8.80 24.50 16.44
N TRP A 122 -8.83 23.20 16.14
CA TRP A 122 -9.92 22.67 15.31
C TRP A 122 -11.19 22.61 16.12
N ARG A 123 -12.29 22.32 15.46
CA ARG A 123 -13.54 22.10 16.16
C ARG A 123 -13.65 20.64 16.58
N VAL A 124 -13.06 20.30 17.73
CA VAL A 124 -12.90 18.91 18.19
C VAL A 124 -14.11 18.46 19.01
N VAL A 125 -14.36 17.16 19.01
CA VAL A 125 -15.53 16.59 19.68
C VAL A 125 -15.07 15.66 20.81
N GLY A 126 -15.97 15.40 21.77
CA GLY A 126 -15.64 14.64 22.96
C GLY A 126 -16.93 14.37 23.71
N PRO A 127 -16.85 13.65 24.83
CA PRO A 127 -18.04 13.39 25.65
C PRO A 127 -18.60 14.66 26.27
N SER A 128 -17.71 15.49 26.82
CA SER A 128 -18.07 16.66 27.63
C SER A 128 -17.30 17.92 27.20
N PRO A 129 -17.90 19.09 27.42
CA PRO A 129 -17.23 20.34 27.04
C PRO A 129 -16.15 20.77 28.05
N ILE A 130 -15.10 19.96 28.17
CA ILE A 130 -14.01 20.21 29.10
C ILE A 130 -12.72 20.13 28.28
N PRO A 131 -11.97 21.24 28.20
CA PRO A 131 -10.75 21.16 27.41
C PRO A 131 -9.72 20.20 28.01
N PHE A 132 -8.88 19.60 27.16
CA PHE A 132 -7.89 18.62 27.63
C PHE A 132 -6.93 19.26 28.63
N ASP A 133 -6.46 20.46 28.32
CA ASP A 133 -5.67 21.18 29.28
C ASP A 133 -5.67 22.66 28.91
N GLU A 134 -4.97 23.50 29.71
CA GLU A 134 -4.76 24.92 29.43
CA GLU A 134 -4.84 24.92 29.42
C GLU A 134 -4.40 25.13 27.97
N GLY A 135 -5.20 25.92 27.24
CA GLY A 135 -4.87 26.23 25.85
C GLY A 135 -5.34 25.22 24.80
N TYR A 136 -6.15 24.23 25.19
CA TYR A 136 -6.79 23.38 24.18
C TYR A 136 -8.20 23.91 23.87
N PRO A 137 -8.70 23.64 22.64
CA PRO A 137 -10.04 24.14 22.37
C PRO A 137 -11.00 23.33 23.23
N VAL A 138 -12.22 23.84 23.42
CA VAL A 138 -13.21 23.18 24.23
C VAL A 138 -13.97 22.22 23.33
N PRO A 139 -13.93 20.91 23.65
CA PRO A 139 -14.51 19.94 22.73
C PRO A 139 -15.99 20.20 22.60
N GLU A 140 -16.51 19.95 21.41
CA GLU A 140 -17.95 19.89 21.22
C GLU A 140 -18.51 18.51 21.70
N PRO A 141 -19.55 18.54 22.55
CA PRO A 141 -20.03 17.27 23.09
C PRO A 141 -20.87 16.55 22.07
N LEU A 142 -20.51 15.30 21.77
CA LEU A 142 -21.21 14.51 20.77
C LEU A 142 -22.67 14.33 21.21
N ASP A 143 -23.61 14.42 20.28
CA ASP A 143 -24.96 13.88 20.54
C ASP A 143 -25.05 12.49 19.97
N GLU A 144 -26.22 11.88 20.04
CA GLU A 144 -26.32 10.50 19.63
C GLU A 144 -26.05 10.36 18.13
N ALA A 145 -26.41 11.38 17.37
CA ALA A 145 -26.21 11.35 15.94
C ALA A 145 -24.71 11.40 15.58
N GLY A 146 -23.96 12.23 16.29
CA GLY A 146 -22.51 12.34 16.09
C GLY A 146 -21.76 11.05 16.46
N MET A 147 -22.29 10.30 17.43
CA MET A 147 -21.68 9.04 17.84
C MET A 147 -21.89 7.96 16.82
N GLU A 148 -23.06 7.97 16.20
CA GLU A 148 -23.40 7.04 15.14
C GLU A 148 -22.53 7.29 13.89
N ARG A 149 -22.22 8.55 13.64
CA ARG A 149 -21.43 8.87 12.47
C ARG A 149 -19.99 8.43 12.72
N ILE A 150 -19.47 8.68 13.90
CA ILE A 150 -18.14 8.20 14.24
C ILE A 150 -18.08 6.66 14.28
N LEU A 151 -19.10 6.05 14.85
CA LEU A 151 -19.16 4.61 14.90
C LEU A 151 -19.15 4.04 13.47
N GLN A 152 -19.86 4.71 12.56
CA GLN A 152 -19.87 4.27 11.18
C GLN A 152 -18.52 4.52 10.47
N ALA A 153 -17.79 5.55 10.88
CA ALA A 153 -16.42 5.75 10.34
C ALA A 153 -15.40 4.65 10.77
N PHE A 154 -15.54 4.12 11.99
CA PHE A 154 -14.71 2.98 12.42
C PHE A 154 -15.03 1.72 11.59
N VAL A 155 -16.33 1.44 11.47
CA VAL A 155 -16.81 0.34 10.62
C VAL A 155 -16.31 0.37 9.16
N GLU A 156 -16.42 1.52 8.51
CA GLU A 156 -15.91 1.65 7.15
C GLU A 156 -14.39 1.69 7.08
N GLY A 157 -13.78 2.31 8.09
CA GLY A 157 -12.34 2.21 8.29
C GLY A 157 -11.87 0.77 8.42
N ALA A 158 -12.60 -0.05 9.16
CA ALA A 158 -12.24 -1.46 9.28
C ALA A 158 -12.40 -2.17 7.94
N ARG A 159 -13.51 -1.92 7.24
CA ARG A 159 -13.75 -2.54 5.94
C ARG A 159 -12.64 -2.16 4.98
N ARG A 160 -12.30 -0.86 4.96
CA ARG A 160 -11.22 -0.36 4.16
C ARG A 160 -9.86 -1.01 4.51
N ALA A 161 -9.57 -1.20 5.80
CA ALA A 161 -8.32 -1.86 6.21
C ALA A 161 -8.19 -3.32 5.73
N LEU A 162 -9.26 -4.07 5.87
CA LEU A 162 -9.31 -5.43 5.33
C LEU A 162 -9.09 -5.44 3.81
N ARG A 163 -9.80 -4.57 3.08
CA ARG A 163 -9.62 -4.45 1.62
C ARG A 163 -8.19 -4.06 1.25
N ALA A 164 -7.51 -3.38 2.16
CA ALA A 164 -6.11 -3.02 1.92
C ALA A 164 -5.20 -4.20 2.20
N GLY A 165 -5.75 -5.28 2.75
CA GLY A 165 -4.93 -6.47 3.09
C GLY A 165 -4.36 -6.55 4.51
N PHE A 166 -4.79 -5.66 5.39
CA PHE A 166 -4.42 -5.80 6.80
C PHE A 166 -5.21 -6.93 7.40
N GLN A 167 -4.55 -7.64 8.31
CA GLN A 167 -5.04 -8.88 8.89
C GLN A 167 -5.37 -8.81 10.41
N VAL A 168 -4.92 -7.74 11.08
CA VAL A 168 -5.26 -7.47 12.48
C VAL A 168 -5.72 -6.02 12.54
N ILE A 169 -6.89 -5.80 13.13
CA ILE A 169 -7.41 -4.45 13.39
C ILE A 169 -7.34 -4.14 14.88
N GLU A 170 -6.74 -3.01 15.25
CA GLU A 170 -6.84 -2.54 16.63
C GLU A 170 -7.65 -1.27 16.70
N LEU A 171 -8.61 -1.24 17.62
CA LEU A 171 -9.35 -0.01 17.93
C LEU A 171 -8.64 0.74 19.05
N HIS A 172 -8.27 1.99 18.79
CA HIS A 172 -7.57 2.81 19.77
C HIS A 172 -8.58 3.34 20.77
N MET A 173 -8.73 2.68 21.90
CA MET A 173 -9.56 3.24 22.98
C MET A 173 -8.75 3.63 24.20
N ALA A 174 -7.53 4.14 23.96
CA ALA A 174 -6.59 4.50 25.04
C ALA A 174 -6.11 5.95 24.95
N HIS A 175 -5.36 6.38 25.96
CA HIS A 175 -4.59 7.63 25.89
C HIS A 175 -5.39 8.92 25.78
N GLY A 176 -6.63 8.91 26.27
CA GLY A 176 -7.41 10.14 26.35
C GLY A 176 -7.90 10.66 25.01
N TYR A 177 -7.69 9.87 23.97
CA TYR A 177 -8.36 10.13 22.72
C TYR A 177 -9.85 9.83 22.88
N LEU A 178 -10.61 9.79 21.77
CA LEU A 178 -12.07 9.88 21.84
C LEU A 178 -12.71 8.80 22.72
N LEU A 179 -12.52 7.53 22.37
CA LEU A 179 -13.20 6.46 23.10
C LEU A 179 -12.65 6.25 24.53
N SER A 180 -11.34 6.47 24.71
CA SER A 180 -10.78 6.58 26.04
C SER A 180 -11.52 7.62 26.87
N SER A 181 -11.73 8.83 26.31
CA SER A 181 -12.29 9.90 27.10
C SER A 181 -13.74 9.61 27.50
N PHE A 182 -14.41 8.74 26.77
CA PHE A 182 -15.77 8.31 27.18
C PHE A 182 -15.76 7.39 28.40
N LEU A 183 -14.73 6.54 28.52
CA LEU A 183 -14.62 5.63 29.67
C LEU A 183 -14.28 6.39 30.97
N SER A 184 -13.30 7.28 30.90
CA SER A 184 -12.79 7.93 32.11
C SER A 184 -13.80 8.98 32.60
N PRO A 185 -14.14 8.98 33.90
CA PRO A 185 -14.96 10.05 34.47
C PRO A 185 -14.21 11.38 34.65
N LEU A 186 -12.90 11.36 34.46
CA LEU A 186 -12.13 12.61 34.46
C LEU A 186 -12.46 13.49 33.23
N SER A 187 -12.63 12.84 32.08
CA SER A 187 -12.97 13.52 30.84
C SER A 187 -14.47 13.48 30.49
N ASN A 188 -15.18 12.47 31.00
CA ASN A 188 -16.58 12.30 30.70
C ASN A 188 -17.44 12.61 31.92
N GLN A 189 -18.12 13.76 31.89
CA GLN A 189 -18.99 14.13 32.99
C GLN A 189 -20.42 14.30 32.48
N ARG A 190 -20.78 13.56 31.45
CA ARG A 190 -22.13 13.64 30.90
C ARG A 190 -23.14 13.10 31.88
N THR A 191 -24.36 13.63 31.76
CA THR A 191 -25.44 13.34 32.71
C THR A 191 -26.52 12.56 31.98
N ASP A 192 -26.37 12.39 30.67
CA ASP A 192 -27.25 11.54 29.89
C ASP A 192 -26.85 10.05 29.97
N ALA A 193 -27.34 9.21 29.07
CA ALA A 193 -27.08 7.76 29.17
C ALA A 193 -25.68 7.36 28.72
N TYR A 194 -24.82 8.36 28.49
CA TYR A 194 -23.45 8.13 28.04
C TYR A 194 -22.40 8.57 29.05
N GLY A 195 -22.85 8.96 30.24
CA GLY A 195 -21.94 9.23 31.34
C GLY A 195 -22.52 8.83 32.67
N GLY A 196 -21.83 9.21 33.74
CA GLY A 196 -22.15 8.70 35.06
C GLY A 196 -21.69 7.27 35.32
N SER A 197 -22.62 6.32 35.28
CA SER A 197 -22.31 4.94 35.62
C SER A 197 -21.30 4.34 34.66
N LEU A 198 -20.66 3.28 35.13
CA LEU A 198 -19.67 2.53 34.39
C LEU A 198 -20.27 1.99 33.11
N GLU A 199 -21.47 1.40 33.19
CA GLU A 199 -22.14 0.97 31.97
C GLU A 199 -22.39 2.11 31.02
N ASN A 200 -22.87 3.24 31.54
CA ASN A 200 -23.22 4.35 30.63
C ASN A 200 -21.93 4.83 29.87
N ARG A 201 -20.82 4.90 30.59
CA ARG A 201 -19.52 5.31 30.03
C ARG A 201 -18.88 4.29 29.08
N MET A 202 -19.14 3.01 29.32
CA MET A 202 -18.66 1.98 28.43
C MET A 202 -19.50 1.92 27.16
N ARG A 203 -20.73 2.46 27.22
CA ARG A 203 -21.70 2.25 26.14
C ARG A 203 -21.13 2.47 24.73
N PHE A 204 -20.70 3.70 24.46
CA PHE A 204 -20.26 4.08 23.11
C PHE A 204 -19.03 3.25 22.70
N PRO A 205 -18.03 3.12 23.59
CA PRO A 205 -16.88 2.26 23.19
C PRO A 205 -17.25 0.81 22.87
N LEU A 206 -18.16 0.23 23.63
CA LEU A 206 -18.58 -1.16 23.38
C LEU A 206 -19.42 -1.26 22.11
N GLN A 207 -20.20 -0.21 21.84
CA GLN A 207 -20.94 -0.15 20.58
C GLN A 207 -19.98 -0.15 19.38
N VAL A 208 -18.92 0.65 19.46
CA VAL A 208 -17.90 0.64 18.40
C VAL A 208 -17.24 -0.72 18.27
N ALA A 209 -16.94 -1.34 19.40
CA ALA A 209 -16.28 -2.64 19.34
C ALA A 209 -17.20 -3.65 18.65
N GLN A 210 -18.47 -3.64 19.05
CA GLN A 210 -19.39 -4.60 18.50
C GLN A 210 -19.64 -4.36 17.02
N ALA A 211 -19.79 -3.09 16.64
CA ALA A 211 -19.99 -2.75 15.24
C ALA A 211 -18.77 -3.10 14.38
N VAL A 212 -17.57 -2.91 14.89
CA VAL A 212 -16.40 -3.38 14.15
C VAL A 212 -16.21 -4.90 14.15
N ARG A 213 -16.51 -5.55 15.28
CA ARG A 213 -16.47 -7.03 15.31
C ARG A 213 -17.35 -7.59 14.20
N GLU A 214 -18.46 -6.94 13.93
CA GLU A 214 -19.41 -7.40 12.92
C GLU A 214 -18.87 -7.45 11.50
N VAL A 215 -17.94 -6.55 11.14
CA VAL A 215 -17.44 -6.51 9.76
C VAL A 215 -16.06 -7.12 9.65
N VAL A 216 -15.50 -7.56 10.77
CA VAL A 216 -14.21 -8.26 10.75
C VAL A 216 -14.46 -9.74 10.98
N PRO A 217 -14.25 -10.55 9.94
CA PRO A 217 -14.56 -11.97 10.05
C PRO A 217 -13.77 -12.55 11.19
N ARG A 218 -14.30 -13.56 11.85
CA ARG A 218 -13.66 -14.14 13.04
C ARG A 218 -12.21 -14.62 12.88
N GLU A 219 -11.81 -14.98 11.68
CA GLU A 219 -10.43 -15.50 11.54
C GLU A 219 -9.43 -14.37 11.71
N LEU A 220 -9.92 -13.14 11.62
CA LEU A 220 -9.05 -11.97 11.60
C LEU A 220 -9.13 -11.27 12.97
N PRO A 221 -8.02 -11.28 13.72
CA PRO A 221 -8.05 -10.80 15.11
C PRO A 221 -8.37 -9.33 15.21
N LEU A 222 -9.11 -9.00 16.27
CA LEU A 222 -9.53 -7.66 16.63
C LEU A 222 -8.99 -7.36 18.01
N PHE A 223 -8.15 -6.33 18.08
CA PHE A 223 -7.52 -5.88 19.32
C PHE A 223 -8.30 -4.66 19.76
N VAL A 224 -8.23 -4.37 21.06
CA VAL A 224 -8.68 -3.10 21.55
C VAL A 224 -7.57 -2.69 22.49
N ARG A 225 -7.03 -1.49 22.28
CA ARG A 225 -6.10 -0.94 23.21
C ARG A 225 -6.79 -0.01 24.21
N VAL A 226 -6.45 -0.17 25.47
CA VAL A 226 -7.04 0.64 26.51
C VAL A 226 -6.03 1.19 27.49
N SER A 227 -6.32 2.37 28.07
CA SER A 227 -5.62 2.81 29.27
C SER A 227 -6.25 2.11 30.46
N ALA A 228 -5.54 1.15 31.04
CA ALA A 228 -6.07 0.28 32.09
C ALA A 228 -6.30 1.07 33.38
N THR A 229 -5.65 2.21 33.45
CA THR A 229 -5.94 3.21 34.48
C THR A 229 -5.57 4.54 33.88
N ASP A 230 -6.30 5.59 34.27
CA ASP A 230 -5.90 6.98 33.94
C ASP A 230 -4.96 7.62 34.97
N TRP A 231 -4.63 6.86 36.02
CA TRP A 231 -3.80 7.35 37.13
C TRP A 231 -4.34 8.56 37.91
N GLY A 232 -5.62 8.89 37.74
CA GLY A 232 -6.24 9.97 38.51
C GLY A 232 -7.08 9.51 39.70
N GLU A 233 -7.14 10.30 40.76
CA GLU A 233 -8.07 10.04 41.85
C GLU A 233 -9.49 10.07 41.33
N GLY A 234 -10.26 9.06 41.69
CA GLY A 234 -11.63 8.98 41.23
C GLY A 234 -11.72 8.60 39.78
N GLY A 235 -10.57 8.37 39.14
CA GLY A 235 -10.52 8.04 37.72
C GLY A 235 -10.91 6.62 37.34
N TRP A 236 -10.55 6.26 36.10
CA TRP A 236 -10.72 4.90 35.60
C TRP A 236 -9.62 4.02 36.17
N SER A 237 -10.02 2.90 36.77
CA SER A 237 -9.07 2.04 37.52
C SER A 237 -8.88 0.67 36.86
N LEU A 238 -7.97 -0.12 37.38
CA LEU A 238 -7.79 -1.45 36.87
C LEU A 238 -9.08 -2.28 37.02
N GLU A 239 -9.81 -2.06 38.10
CA GLU A 239 -11.06 -2.81 38.28
C GLU A 239 -12.10 -2.51 37.19
N ASP A 240 -12.20 -1.24 36.80
CA ASP A 240 -13.05 -0.83 35.68
C ASP A 240 -12.54 -1.53 34.43
N THR A 241 -11.23 -1.53 34.25
CA THR A 241 -10.65 -2.29 33.14
C THR A 241 -11.05 -3.78 33.10
N LEU A 242 -11.13 -4.41 34.27
CA LEU A 242 -11.53 -5.80 34.33
C LEU A 242 -12.98 -5.94 33.84
N ALA A 243 -13.84 -5.00 34.26
CA ALA A 243 -15.26 -5.03 33.82
C ALA A 243 -15.38 -4.85 32.30
N PHE A 244 -14.69 -3.84 31.79
CA PHE A 244 -14.58 -3.56 30.37
C PHE A 244 -14.05 -4.77 29.58
N ALA A 245 -12.96 -5.37 30.04
CA ALA A 245 -12.41 -6.58 29.36
C ALA A 245 -13.44 -7.71 29.28
N ARG A 246 -14.21 -7.88 30.35
CA ARG A 246 -15.25 -8.91 30.34
C ARG A 246 -16.25 -8.67 29.22
N ARG A 247 -16.79 -7.46 29.15
CA ARG A 247 -17.69 -7.08 28.04
C ARG A 247 -17.05 -7.27 26.65
N LEU A 248 -15.83 -6.77 26.49
CA LEU A 248 -15.09 -6.94 25.24
C LEU A 248 -15.01 -8.43 24.90
N LYS A 249 -14.66 -9.26 25.88
CA LYS A 249 -14.52 -10.70 25.64
C LYS A 249 -15.86 -11.31 25.22
N GLU A 250 -16.93 -10.83 25.80
CA GLU A 250 -18.28 -11.23 25.38
C GLU A 250 -18.61 -10.83 23.95
N LEU A 251 -18.08 -9.70 23.49
CA LEU A 251 -18.28 -9.28 22.10
C LEU A 251 -17.38 -10.01 21.08
N GLY A 252 -16.56 -10.96 21.54
CA GLY A 252 -15.66 -11.67 20.64
C GLY A 252 -14.36 -10.92 20.30
N VAL A 253 -14.00 -9.94 21.11
CA VAL A 253 -12.76 -9.21 20.87
C VAL A 253 -11.65 -10.20 21.17
N ASP A 254 -10.57 -10.18 20.40
CA ASP A 254 -9.52 -11.20 20.54
C ASP A 254 -8.45 -10.94 21.63
N LEU A 255 -8.02 -9.70 21.80
CA LEU A 255 -6.89 -9.38 22.65
C LEU A 255 -7.02 -7.95 23.16
N LEU A 256 -6.67 -7.77 24.44
CA LEU A 256 -6.68 -6.42 25.03
C LEU A 256 -5.23 -5.92 25.16
N ASP A 257 -4.96 -4.84 24.47
CA ASP A 257 -3.62 -4.24 24.43
C ASP A 257 -3.56 -3.22 25.56
N CYS A 258 -2.82 -3.53 26.61
CA CYS A 258 -2.98 -2.84 27.88
C CYS A 258 -1.97 -1.72 28.05
N SER A 259 -2.45 -0.50 27.83
CA SER A 259 -1.65 0.71 28.07
C SER A 259 -2.10 1.45 29.33
N SER A 260 -1.79 2.74 29.44
CA SER A 260 -2.34 3.53 30.54
C SER A 260 -2.14 5.04 30.32
N GLY A 261 -2.80 5.86 31.12
CA GLY A 261 -2.57 7.32 31.06
C GLY A 261 -3.10 8.02 29.78
N GLY A 262 -2.69 9.28 29.58
CA GLY A 262 -3.17 10.09 28.45
C GLY A 262 -4.48 10.86 28.62
N VAL A 263 -5.32 10.48 29.59
CA VAL A 263 -6.64 11.10 29.72
C VAL A 263 -6.56 12.58 30.17
N VAL A 264 -5.75 12.85 31.17
CA VAL A 264 -5.41 14.21 31.54
C VAL A 264 -3.90 14.27 31.77
N LEU A 265 -3.36 15.48 31.89
CA LEU A 265 -1.92 15.64 31.94
C LEU A 265 -1.38 15.60 33.38
N ARG A 266 -2.09 16.19 34.31
CA ARG A 266 -1.46 16.34 35.61
C ARG A 266 -1.73 15.20 36.58
N VAL A 267 -1.20 14.03 36.23
CA VAL A 267 -1.13 12.94 37.17
C VAL A 267 0.30 12.44 37.20
N ARG A 268 0.62 11.70 38.24
CA ARG A 268 1.91 11.05 38.31
C ARG A 268 1.80 9.61 37.89
N ILE A 269 2.74 9.22 37.02
CA ILE A 269 2.72 7.92 36.38
C ILE A 269 4.02 7.25 36.76
N PRO A 270 3.94 6.13 37.48
CA PRO A 270 5.15 5.56 38.04
C PRO A 270 5.91 4.78 36.97
N LEU A 271 6.58 5.51 36.06
CA LEU A 271 7.28 4.86 34.96
C LEU A 271 8.34 3.92 35.54
N ALA A 272 8.36 2.66 35.09
CA ALA A 272 9.49 1.76 35.35
C ALA A 272 9.40 0.71 34.29
N PRO A 273 10.48 -0.05 34.09
CA PRO A 273 10.31 -1.09 33.12
C PRO A 273 9.18 -2.03 33.50
N GLY A 274 8.36 -2.38 32.50
CA GLY A 274 7.23 -3.26 32.69
C GLY A 274 6.13 -2.74 33.60
N PHE A 275 6.05 -1.43 33.80
CA PHE A 275 5.02 -0.85 34.68
C PHE A 275 3.58 -1.08 34.30
N GLN A 276 3.30 -1.44 33.04
CA GLN A 276 1.93 -1.66 32.65
C GLN A 276 1.67 -3.16 32.56
N VAL A 277 2.71 -3.95 32.83
CA VAL A 277 2.57 -5.40 32.76
C VAL A 277 1.53 -5.98 33.75
N PRO A 278 1.47 -5.44 34.98
CA PRO A 278 0.48 -5.90 35.94
C PRO A 278 -0.95 -5.76 35.40
N PHE A 279 -1.17 -4.77 34.53
CA PHE A 279 -2.49 -4.62 33.88
C PHE A 279 -2.81 -5.69 32.87
N ALA A 280 -1.86 -6.04 32.03
CA ALA A 280 -2.04 -7.17 31.14
C ALA A 280 -2.23 -8.47 31.97
N ASP A 281 -1.49 -8.57 33.08
CA ASP A 281 -1.49 -9.81 33.87
C ASP A 281 -2.85 -10.05 34.58
N ALA A 282 -3.41 -8.99 35.16
CA ALA A 282 -4.71 -9.08 35.83
C ALA A 282 -5.87 -9.46 34.89
N VAL A 283 -5.99 -8.70 33.80
CA VAL A 283 -6.99 -8.99 32.81
C VAL A 283 -6.85 -10.45 32.35
N ARG A 284 -5.64 -10.84 32.01
CA ARG A 284 -5.44 -12.16 31.44
C ARG A 284 -5.86 -13.24 32.44
N LYS A 285 -5.38 -13.13 33.66
CA LYS A 285 -5.54 -14.21 34.62
C LYS A 285 -6.93 -14.18 35.24
N ARG A 286 -7.57 -13.02 35.27
CA ARG A 286 -8.81 -12.87 36.04
C ARG A 286 -10.04 -12.87 35.14
N VAL A 287 -9.86 -12.47 33.88
CA VAL A 287 -10.98 -12.35 32.98
C VAL A 287 -10.87 -13.37 31.87
N GLY A 288 -9.66 -13.82 31.56
CA GLY A 288 -9.48 -14.88 30.59
C GLY A 288 -9.39 -14.34 29.16
N LEU A 289 -9.31 -13.02 29.04
CA LEU A 289 -9.16 -12.37 27.78
C LEU A 289 -7.65 -12.28 27.48
N ARG A 290 -7.22 -12.66 26.29
CA ARG A 290 -5.78 -12.63 25.96
C ARG A 290 -5.26 -11.20 25.97
N THR A 291 -4.01 -10.99 26.41
CA THR A 291 -3.51 -9.61 26.55
C THR A 291 -2.17 -9.36 25.85
N GLY A 292 -1.98 -8.10 25.42
CA GLY A 292 -0.71 -7.61 24.92
C GLY A 292 -0.09 -6.70 25.97
N ALA A 293 1.19 -6.95 26.31
CA ALA A 293 1.91 -6.08 27.23
C ALA A 293 2.79 -5.09 26.48
N VAL A 294 2.81 -3.86 27.01
CA VAL A 294 3.58 -2.77 26.44
C VAL A 294 3.99 -1.79 27.56
N GLY A 295 5.16 -1.18 27.39
CA GLY A 295 5.64 -0.13 28.27
C GLY A 295 7.05 -0.40 28.79
N LEU A 296 8.06 0.18 28.14
CA LEU A 296 9.42 0.05 28.65
C LEU A 296 9.89 -1.39 28.66
N ILE A 297 9.54 -2.11 27.60
CA ILE A 297 10.03 -3.45 27.38
C ILE A 297 11.19 -3.35 26.40
N THR A 298 12.41 -3.63 26.88
CA THR A 298 13.63 -3.33 26.11
C THR A 298 14.61 -4.50 26.02
N THR A 299 14.28 -5.63 26.64
CA THR A 299 15.24 -6.69 26.86
C THR A 299 14.64 -8.04 26.50
N PRO A 300 15.40 -8.90 25.81
CA PRO A 300 14.80 -10.17 25.41
C PRO A 300 14.39 -11.01 26.63
N GLU A 301 15.17 -10.90 27.69
CA GLU A 301 15.02 -11.75 28.87
C GLU A 301 13.79 -11.30 29.64
N GLN A 302 13.59 -9.99 29.65
CA GLN A 302 12.39 -9.34 30.17
C GLN A 302 11.15 -9.75 29.38
N ALA A 303 11.20 -9.65 28.05
CA ALA A 303 10.06 -10.11 27.28
C ALA A 303 9.75 -11.58 27.58
N GLU A 304 10.76 -12.43 27.53
CA GLU A 304 10.55 -13.86 27.83
C GLU A 304 9.90 -14.10 29.19
N THR A 305 10.37 -13.36 30.18
CA THR A 305 10.04 -13.64 31.56
C THR A 305 8.59 -13.32 31.78
N LEU A 306 8.14 -12.21 31.23
CA LEU A 306 6.75 -11.87 31.45
C LEU A 306 5.82 -12.88 30.76
N LEU A 307 6.21 -13.41 29.60
CA LEU A 307 5.46 -14.48 28.96
C LEU A 307 5.50 -15.74 29.82
N GLN A 308 6.68 -16.08 30.35
CA GLN A 308 6.82 -17.28 31.19
C GLN A 308 5.88 -17.16 32.43
N ALA A 309 5.67 -15.93 32.89
CA ALA A 309 4.83 -15.65 34.07
C ALA A 309 3.32 -15.69 33.83
N GLY A 310 2.92 -15.84 32.57
CA GLY A 310 1.53 -15.78 32.18
C GLY A 310 1.03 -14.34 32.22
N SER A 311 1.92 -13.36 32.11
CA SER A 311 1.47 -11.95 32.28
C SER A 311 0.76 -11.43 31.03
N ALA A 312 1.11 -11.98 29.87
CA ALA A 312 0.54 -11.51 28.61
C ALA A 312 0.64 -12.64 27.61
N ASP A 313 -0.02 -12.50 26.46
CA ASP A 313 0.24 -13.40 25.32
C ASP A 313 1.17 -12.85 24.24
N LEU A 314 1.26 -11.53 24.17
CA LEU A 314 1.98 -10.87 23.08
C LEU A 314 2.83 -9.76 23.70
N VAL A 315 4.07 -9.61 23.25
CA VAL A 315 4.92 -8.52 23.75
C VAL A 315 4.95 -7.45 22.64
N LEU A 316 4.48 -6.24 22.96
CA LEU A 316 4.61 -5.11 22.06
C LEU A 316 5.77 -4.21 22.43
N LEU A 317 6.49 -3.83 21.38
CA LEU A 317 7.69 -3.01 21.49
C LEU A 317 7.45 -1.69 20.76
N GLY A 318 7.76 -0.58 21.43
CA GLY A 318 7.65 0.75 20.81
C GLY A 318 9.00 1.38 20.57
N ARG A 319 9.45 2.18 21.54
CA ARG A 319 10.66 2.95 21.35
C ARG A 319 11.93 2.16 20.99
N VAL A 320 12.06 0.92 21.49
CA VAL A 320 13.26 0.13 21.23
C VAL A 320 13.41 -0.24 19.74
N LEU A 321 12.28 -0.39 19.06
CA LEU A 321 12.26 -0.60 17.62
C LEU A 321 12.45 0.69 16.81
N LEU A 322 12.45 1.85 17.47
CA LEU A 322 12.76 3.09 16.79
C LEU A 322 14.27 3.21 16.72
N ARG A 323 14.94 2.81 17.79
CA ARG A 323 16.38 2.94 17.84
C ARG A 323 17.11 1.65 17.46
N ASP A 324 16.39 0.54 17.50
CA ASP A 324 17.03 -0.75 17.30
C ASP A 324 16.12 -1.64 16.46
N PRO A 325 15.97 -1.31 15.17
CA PRO A 325 14.83 -1.91 14.47
C PRO A 325 14.98 -3.40 14.18
N TYR A 326 16.22 -3.88 14.25
CA TYR A 326 16.54 -5.30 14.16
C TYR A 326 16.62 -5.99 15.53
N PHE A 327 16.15 -5.31 16.56
CA PHE A 327 16.02 -5.93 17.89
C PHE A 327 15.60 -7.39 17.87
N PRO A 328 14.54 -7.73 17.13
CA PRO A 328 14.06 -9.11 17.35
C PRO A 328 15.05 -10.19 16.88
N LEU A 329 15.94 -9.86 15.94
CA LEU A 329 16.95 -10.83 15.50
C LEU A 329 18.03 -11.02 16.55
N ARG A 330 18.44 -9.93 17.20
CA ARG A 330 19.28 -10.01 18.41
C ARG A 330 18.61 -10.77 19.53
N ALA A 331 17.34 -10.44 19.80
CA ALA A 331 16.57 -11.16 20.80
C ALA A 331 16.60 -12.67 20.61
N ALA A 332 16.32 -13.15 19.41
CA ALA A 332 16.27 -14.60 19.22
C ALA A 332 17.60 -15.22 19.64
N LYS A 333 18.69 -14.58 19.25
CA LYS A 333 20.02 -15.12 19.47
C LYS A 333 20.31 -15.17 20.96
N ALA A 334 19.85 -14.17 21.68
CA ALA A 334 20.05 -14.11 23.12
C ALA A 334 19.15 -15.10 23.83
N LEU A 335 18.15 -15.63 23.15
CA LEU A 335 17.32 -16.65 23.83
C LEU A 335 17.60 -18.05 23.27
N GLY A 336 18.78 -18.19 22.68
CA GLY A 336 19.21 -19.47 22.14
C GLY A 336 18.44 -19.90 20.90
N VAL A 337 17.81 -18.95 20.22
CA VAL A 337 17.06 -19.30 19.03
C VAL A 337 17.76 -18.83 17.74
N ALA A 338 17.69 -19.64 16.70
CA ALA A 338 18.30 -19.27 15.41
C ALA A 338 17.49 -18.15 14.80
N PRO A 339 18.10 -16.97 14.64
CA PRO A 339 17.31 -15.85 14.18
C PRO A 339 16.98 -15.95 12.69
N GLU A 340 15.85 -15.37 12.31
CA GLU A 340 15.35 -15.37 10.96
C GLU A 340 16.05 -14.29 10.16
N VAL A 341 17.21 -14.58 9.60
CA VAL A 341 18.01 -13.54 8.95
C VAL A 341 17.86 -13.57 7.42
N PRO A 342 17.74 -12.38 6.79
CA PRO A 342 17.75 -12.41 5.33
C PRO A 342 19.09 -13.00 4.82
N PRO A 343 19.04 -13.83 3.76
CA PRO A 343 20.27 -14.49 3.35
C PRO A 343 21.34 -13.44 3.00
N GLN A 344 20.95 -12.32 2.43
CA GLN A 344 21.88 -11.23 2.16
C GLN A 344 22.65 -10.82 3.41
N TYR A 345 22.06 -11.04 4.59
CA TYR A 345 22.69 -10.67 5.87
C TYR A 345 23.28 -11.81 6.70
N GLN A 346 23.42 -13.02 6.15
CA GLN A 346 23.77 -14.11 7.05
CA GLN A 346 23.82 -14.20 6.94
C GLN A 346 25.17 -13.99 7.63
N ARG A 347 26.09 -13.39 6.87
CA ARG A 347 27.46 -13.19 7.31
CA ARG A 347 27.46 -13.19 7.32
C ARG A 347 27.55 -12.19 8.46
N GLY A 348 26.44 -11.56 8.82
CA GLY A 348 26.46 -10.50 9.83
C GLY A 348 25.97 -10.95 11.20
N PHE A 349 25.54 -12.20 11.28
CA PHE A 349 24.75 -12.64 12.43
C PHE A 349 25.33 -13.88 13.08
N ALA B 2 -9.95 -37.74 -37.45
CA ALA B 2 -9.29 -38.10 -36.17
C ALA B 2 -10.06 -37.41 -35.08
N LEU B 3 -10.57 -38.20 -34.14
CA LEU B 3 -11.34 -37.62 -33.07
C LEU B 3 -10.54 -36.56 -32.33
N LEU B 4 -9.25 -36.81 -32.16
CA LEU B 4 -8.40 -35.92 -31.37
C LEU B 4 -8.59 -34.49 -31.88
N PHE B 5 -8.84 -34.36 -33.17
CA PHE B 5 -8.96 -33.03 -33.76
C PHE B 5 -10.35 -32.73 -34.30
N THR B 6 -11.36 -33.37 -33.71
CA THR B 6 -12.73 -33.02 -33.98
C THR B 6 -13.27 -32.24 -32.79
N PRO B 7 -13.98 -31.14 -33.06
CA PRO B 7 -14.49 -30.30 -31.96
C PRO B 7 -15.29 -31.09 -30.95
N LEU B 8 -15.35 -30.55 -29.72
CA LEU B 8 -16.10 -31.13 -28.63
C LEU B 8 -17.06 -30.10 -28.03
N GLU B 9 -18.33 -30.46 -27.90
CA GLU B 9 -19.28 -29.55 -27.24
C GLU B 9 -19.41 -29.90 -25.77
N LEU B 10 -19.18 -28.92 -24.90
CA LEU B 10 -19.51 -29.00 -23.48
C LEU B 10 -20.12 -27.67 -23.08
N GLY B 11 -21.05 -27.71 -22.14
CA GLY B 11 -21.84 -26.54 -21.84
C GLY B 11 -22.42 -26.03 -23.15
N GLY B 12 -22.37 -24.71 -23.36
CA GLY B 12 -22.80 -24.13 -24.61
C GLY B 12 -21.65 -23.74 -25.52
N LEU B 13 -20.44 -24.19 -25.20
CA LEU B 13 -19.32 -23.96 -26.11
C LEU B 13 -18.79 -25.19 -26.84
N ARG B 14 -18.01 -24.91 -27.87
CA ARG B 14 -17.39 -25.90 -28.71
C ARG B 14 -15.88 -25.66 -28.61
N LEU B 15 -15.19 -26.63 -27.99
CA LEU B 15 -13.76 -26.70 -28.05
C LEU B 15 -13.34 -27.15 -29.44
N LYS B 16 -12.27 -26.56 -29.95
CA LYS B 16 -11.84 -26.81 -31.32
C LYS B 16 -11.16 -28.17 -31.48
N ASN B 17 -10.71 -28.76 -30.37
CA ASN B 17 -10.24 -30.14 -30.44
C ASN B 17 -10.37 -30.79 -29.07
N ARG B 18 -9.78 -31.95 -28.88
CA ARG B 18 -9.96 -32.67 -27.63
C ARG B 18 -8.72 -32.74 -26.78
N LEU B 19 -7.74 -31.86 -27.04
CA LEU B 19 -6.57 -31.80 -26.18
C LEU B 19 -6.70 -30.58 -25.30
N ALA B 20 -6.42 -30.79 -24.04
CA ALA B 20 -6.38 -29.71 -23.08
C ALA B 20 -5.04 -29.79 -22.35
N MET B 21 -4.50 -28.61 -22.00
CA MET B 21 -3.35 -28.54 -21.11
C MET B 21 -3.74 -28.75 -19.66
N SER B 22 -3.17 -29.77 -19.00
CA SER B 22 -3.56 -30.12 -17.63
C SER B 22 -3.06 -29.04 -16.66
N PRO B 23 -3.82 -28.76 -15.58
CA PRO B 23 -3.28 -27.78 -14.61
C PRO B 23 -1.95 -28.18 -14.04
N MET B 24 -0.98 -27.27 -14.08
CA MET B 24 0.33 -27.58 -13.56
C MET B 24 0.89 -26.41 -12.83
N CYS B 25 0.91 -26.49 -11.51
CA CYS B 25 1.56 -25.45 -10.70
C CYS B 25 2.95 -25.06 -11.18
N GLN B 26 3.16 -23.74 -11.25
CA GLN B 26 4.40 -23.14 -11.73
C GLN B 26 5.20 -22.45 -10.60
N TYR B 27 4.54 -22.24 -9.44
CA TYR B 27 5.18 -21.64 -8.26
C TYR B 27 5.89 -20.36 -8.59
N SER B 28 5.29 -19.54 -9.44
CA SER B 28 5.96 -18.39 -10.01
C SER B 28 5.11 -17.15 -9.82
N ALA B 29 4.09 -17.23 -8.99
CA ALA B 29 3.29 -16.01 -8.70
C ALA B 29 4.08 -15.15 -7.73
N THR B 30 3.60 -13.92 -7.52
CA THR B 30 4.09 -13.13 -6.39
C THR B 30 3.62 -13.71 -5.07
N LEU B 31 4.20 -13.20 -3.99
CA LEU B 31 3.77 -13.46 -2.62
C LEU B 31 2.29 -13.30 -2.39
N GLU B 32 1.69 -12.41 -3.16
CA GLU B 32 0.29 -12.04 -3.07
C GLU B 32 -0.59 -12.78 -4.09
N GLY B 33 -0.02 -13.75 -4.80
CA GLY B 33 -0.79 -14.60 -5.70
C GLY B 33 -1.04 -14.05 -7.08
N GLU B 34 -0.31 -12.99 -7.45
CA GLU B 34 -0.52 -12.34 -8.73
C GLU B 34 0.20 -13.06 -9.89
N VAL B 35 -0.41 -12.97 -11.07
CA VAL B 35 0.16 -13.45 -12.31
C VAL B 35 1.43 -12.64 -12.55
N THR B 36 2.47 -13.27 -13.10
CA THR B 36 3.69 -12.55 -13.45
C THR B 36 4.10 -12.83 -14.91
N ASP B 37 5.23 -12.30 -15.33
CA ASP B 37 5.65 -12.49 -16.73
C ASP B 37 5.78 -13.97 -17.03
N TRP B 38 6.12 -14.73 -16.00
CA TRP B 38 6.29 -16.15 -16.23
C TRP B 38 5.02 -16.81 -16.78
N HIS B 39 3.88 -16.57 -16.15
CA HIS B 39 2.65 -17.14 -16.67
C HIS B 39 2.28 -16.54 -18.02
N LEU B 40 2.53 -15.26 -18.22
CA LEU B 40 2.20 -14.66 -19.52
C LEU B 40 3.05 -15.18 -20.68
N LEU B 41 4.19 -15.77 -20.37
CA LEU B 41 4.94 -16.50 -21.41
C LEU B 41 4.58 -18.00 -21.47
N HIS B 42 4.48 -18.63 -20.30
CA HIS B 42 4.34 -20.08 -20.19
C HIS B 42 3.05 -20.53 -20.85
N TYR B 43 1.94 -19.85 -20.52
CA TYR B 43 0.65 -20.33 -21.00
C TYR B 43 0.33 -20.04 -22.45
N PRO B 44 0.66 -18.84 -22.96
CA PRO B 44 0.28 -18.64 -24.35
C PRO B 44 1.16 -19.41 -25.36
N THR B 45 2.35 -19.81 -24.91
CA THR B 45 3.23 -20.63 -25.72
C THR B 45 2.46 -21.89 -26.06
N ARG B 46 1.73 -22.39 -25.10
CA ARG B 46 0.98 -23.61 -25.31
C ARG B 46 -0.32 -23.43 -26.08
N ALA B 47 -1.01 -22.30 -25.90
CA ALA B 47 -2.08 -21.95 -26.83
C ALA B 47 -1.63 -21.87 -28.30
N LEU B 48 -0.48 -21.22 -28.56
CA LEU B 48 0.01 -21.22 -29.93
C LEU B 48 0.27 -22.68 -30.33
N GLY B 49 0.67 -23.49 -29.36
CA GLY B 49 1.08 -24.88 -29.64
C GLY B 49 -0.09 -25.73 -30.02
N GLY B 50 -1.30 -25.19 -29.86
CA GLY B 50 -2.47 -25.75 -30.55
C GLY B 50 -3.55 -26.43 -29.68
N VAL B 51 -3.43 -26.39 -28.36
CA VAL B 51 -4.43 -27.07 -27.51
C VAL B 51 -5.75 -26.34 -27.63
N GLY B 52 -6.85 -27.06 -27.48
CA GLY B 52 -8.14 -26.43 -27.59
C GLY B 52 -8.49 -25.74 -26.30
N LEU B 53 -7.92 -26.24 -25.21
CA LEU B 53 -8.23 -25.71 -23.89
C LEU B 53 -6.96 -25.68 -23.04
N ILE B 54 -6.77 -24.57 -22.34
CA ILE B 54 -5.84 -24.52 -21.24
C ILE B 54 -6.52 -24.44 -19.89
N LEU B 55 -6.15 -25.36 -19.00
CA LEU B 55 -6.52 -25.24 -17.59
C LEU B 55 -5.34 -24.64 -16.79
N VAL B 56 -5.48 -23.36 -16.45
CA VAL B 56 -4.49 -22.69 -15.58
C VAL B 56 -4.38 -23.43 -14.26
N GLU B 57 -3.14 -23.64 -13.83
CA GLU B 57 -2.79 -24.34 -12.57
C GLU B 57 -3.73 -24.08 -11.39
N ALA B 58 -3.61 -24.93 -10.38
CA ALA B 58 -4.34 -24.75 -9.10
C ALA B 58 -4.21 -23.32 -8.58
N THR B 59 -5.33 -22.63 -8.43
CA THR B 59 -5.38 -21.22 -8.05
C THR B 59 -6.16 -21.09 -6.75
N ALA B 60 -5.50 -20.62 -5.70
CA ALA B 60 -6.03 -20.70 -4.35
C ALA B 60 -7.15 -19.72 -4.02
N VAL B 61 -8.19 -20.25 -3.39
CA VAL B 61 -9.42 -19.52 -3.10
C VAL B 61 -9.28 -18.77 -1.75
N GLU B 62 -8.26 -19.09 -0.97
CA GLU B 62 -7.91 -18.24 0.20
C GLU B 62 -6.45 -18.46 0.50
N PRO B 63 -5.79 -17.46 1.13
CA PRO B 63 -4.34 -17.61 1.24
C PRO B 63 -3.92 -18.90 1.92
N LEU B 64 -4.72 -19.35 2.89
CA LEU B 64 -4.46 -20.62 3.61
C LEU B 64 -4.63 -21.89 2.74
N GLY B 65 -5.34 -21.75 1.63
CA GLY B 65 -5.52 -22.85 0.68
C GLY B 65 -4.41 -23.02 -0.36
N ARG B 66 -3.34 -22.21 -0.29
CA ARG B 66 -2.20 -22.35 -1.19
C ARG B 66 -1.31 -23.54 -0.85
N ILE B 67 -0.66 -24.08 -1.89
CA ILE B 67 0.39 -25.05 -1.68
C ILE B 67 1.58 -24.23 -1.22
N SER B 68 2.16 -23.40 -2.11
CA SER B 68 3.33 -22.57 -1.79
C SER B 68 3.01 -21.08 -1.68
N PRO B 69 3.97 -20.29 -1.14
CA PRO B 69 3.81 -18.83 -1.00
C PRO B 69 3.85 -18.13 -2.34
N TYR B 70 4.04 -18.91 -3.41
CA TYR B 70 4.03 -18.35 -4.76
C TYR B 70 3.02 -19.08 -5.65
N ASP B 71 1.90 -19.49 -5.08
CA ASP B 71 0.81 -20.04 -5.89
C ASP B 71 0.05 -18.84 -6.46
N LEU B 72 -0.54 -19.03 -7.64
CA LEU B 72 -1.57 -18.11 -8.09
C LEU B 72 -2.68 -18.08 -7.07
N GLY B 73 -3.31 -16.92 -6.92
CA GLY B 73 -4.46 -16.83 -6.01
C GLY B 73 -5.63 -16.11 -6.64
N ILE B 74 -6.81 -16.30 -6.06
CA ILE B 74 -8.02 -15.63 -6.57
C ILE B 74 -8.89 -15.07 -5.43
N TRP B 75 -8.32 -14.93 -4.23
CA TRP B 75 -9.10 -14.44 -3.06
C TRP B 75 -9.35 -12.93 -3.08
N SER B 76 -8.75 -12.21 -4.00
CA SER B 76 -8.78 -10.76 -3.94
C SER B 76 -9.19 -10.17 -5.27
N GLU B 77 -9.91 -9.06 -5.19
CA GLU B 77 -10.24 -8.27 -6.37
C GLU B 77 -9.02 -7.85 -7.19
N ASP B 78 -7.87 -7.69 -6.54
CA ASP B 78 -6.69 -7.19 -7.22
C ASP B 78 -5.98 -8.28 -7.98
N HIS B 79 -6.47 -9.53 -7.86
CA HIS B 79 -6.01 -10.60 -8.75
C HIS B 79 -6.59 -10.47 -10.16
N LEU B 80 -7.70 -9.74 -10.27
CA LEU B 80 -8.41 -9.60 -11.54
C LEU B 80 -7.49 -9.17 -12.66
N PRO B 81 -6.79 -8.05 -12.50
CA PRO B 81 -6.09 -7.50 -13.65
C PRO B 81 -5.14 -8.55 -14.23
N GLY B 82 -4.42 -9.25 -13.37
CA GLY B 82 -3.46 -10.24 -13.84
C GLY B 82 -4.15 -11.41 -14.51
N LEU B 83 -5.20 -11.92 -13.85
CA LEU B 83 -5.91 -13.10 -14.35
C LEU B 83 -6.59 -12.78 -15.69
N LYS B 84 -7.12 -11.57 -15.80
CA LYS B 84 -7.71 -11.10 -17.03
C LYS B 84 -6.73 -11.05 -18.20
N GLU B 85 -5.53 -10.54 -17.96
CA GLU B 85 -4.50 -10.47 -19.02
C GLU B 85 -4.05 -11.88 -19.45
N LEU B 86 -3.87 -12.76 -18.48
CA LEU B 86 -3.57 -14.16 -18.70
C LEU B 86 -4.62 -14.85 -19.56
N ALA B 87 -5.88 -14.73 -19.17
CA ALA B 87 -6.93 -15.31 -19.99
C ALA B 87 -6.98 -14.70 -21.40
N ARG B 88 -6.78 -13.38 -21.50
CA ARG B 88 -6.85 -12.67 -22.80
C ARG B 88 -5.74 -13.18 -23.76
N ARG B 89 -4.55 -13.35 -23.22
CA ARG B 89 -3.40 -13.78 -24.01
CA ARG B 89 -3.40 -13.78 -24.02
C ARG B 89 -3.54 -15.24 -24.44
N ILE B 90 -4.16 -16.04 -23.58
CA ILE B 90 -4.39 -17.43 -23.92
C ILE B 90 -5.35 -17.49 -25.10
N ARG B 91 -6.44 -16.71 -25.00
CA ARG B 91 -7.44 -16.60 -26.05
C ARG B 91 -6.88 -15.99 -27.32
N GLU B 92 -6.12 -14.92 -27.18
CA GLU B 92 -5.47 -14.34 -28.32
C GLU B 92 -4.57 -15.34 -29.06
N ALA B 93 -4.00 -16.29 -28.32
CA ALA B 93 -3.14 -17.31 -28.97
C ALA B 93 -3.88 -18.56 -29.46
N GLY B 94 -5.20 -18.61 -29.24
CA GLY B 94 -6.00 -19.65 -29.91
C GLY B 94 -6.76 -20.63 -29.03
N ALA B 95 -6.51 -20.59 -27.73
CA ALA B 95 -7.06 -21.60 -26.84
C ALA B 95 -8.19 -20.99 -26.03
N VAL B 96 -9.13 -21.82 -25.59
CA VAL B 96 -10.10 -21.45 -24.55
C VAL B 96 -9.39 -21.46 -23.19
N PRO B 97 -9.49 -20.33 -22.47
CA PRO B 97 -8.97 -20.23 -21.11
C PRO B 97 -9.90 -20.81 -20.01
N GLY B 98 -9.40 -21.84 -19.35
CA GLY B 98 -9.93 -22.32 -18.09
C GLY B 98 -8.94 -22.21 -16.93
N ILE B 99 -9.43 -22.47 -15.73
CA ILE B 99 -8.66 -22.29 -14.50
C ILE B 99 -9.16 -23.30 -13.49
N GLN B 100 -8.23 -23.89 -12.78
CA GLN B 100 -8.55 -24.84 -11.70
C GLN B 100 -8.62 -24.10 -10.34
N LEU B 101 -9.77 -24.14 -9.65
CA LEU B 101 -9.87 -23.46 -8.37
C LEU B 101 -9.49 -24.48 -7.31
N ALA B 102 -8.69 -24.06 -6.33
CA ALA B 102 -8.10 -25.04 -5.41
C ALA B 102 -8.05 -24.61 -3.94
N HIS B 103 -8.05 -25.60 -3.05
CA HIS B 103 -7.67 -25.39 -1.64
C HIS B 103 -6.82 -26.59 -1.18
N ALA B 104 -5.62 -26.30 -0.70
CA ALA B 104 -4.65 -27.36 -0.40
C ALA B 104 -4.91 -28.07 0.93
N GLY B 105 -5.87 -27.59 1.73
CA GLY B 105 -6.16 -28.22 3.03
C GLY B 105 -4.95 -28.64 3.85
N ARG B 106 -4.90 -29.91 4.23
CA ARG B 106 -3.86 -30.33 5.14
C ARG B 106 -2.45 -30.38 4.53
N LYS B 107 -2.35 -30.18 3.23
CA LYS B 107 -1.07 -30.24 2.55
C LYS B 107 -0.69 -28.82 2.12
N ALA B 108 -1.41 -27.83 2.66
CA ALA B 108 -1.10 -26.44 2.37
C ALA B 108 0.23 -26.03 3.00
N GLY B 109 0.88 -25.03 2.43
CA GLY B 109 2.03 -24.43 3.10
C GLY B 109 3.32 -25.24 3.03
N THR B 110 3.79 -25.50 1.80
CA THR B 110 5.13 -26.06 1.62
C THR B 110 5.96 -25.18 0.69
N ALA B 111 7.27 -25.27 0.78
CA ALA B 111 8.19 -24.58 -0.11
C ALA B 111 8.03 -25.01 -1.56
N ARG B 112 8.48 -24.15 -2.47
CA ARG B 112 8.68 -24.57 -3.84
C ARG B 112 9.43 -25.89 -3.85
N PRO B 113 9.06 -26.78 -4.79
CA PRO B 113 9.64 -28.10 -4.95
C PRO B 113 11.16 -28.02 -5.11
N TRP B 114 11.64 -27.05 -5.88
CA TRP B 114 13.07 -26.96 -6.16
C TRP B 114 13.76 -26.15 -5.11
N GLU B 115 13.04 -25.92 -4.01
CA GLU B 115 13.62 -25.25 -2.86
C GLU B 115 13.44 -26.10 -1.60
N GLY B 116 13.29 -27.40 -1.78
CA GLY B 116 13.17 -28.30 -0.63
C GLY B 116 11.75 -28.77 -0.36
N GLY B 117 10.77 -27.98 -0.79
CA GLY B 117 9.36 -28.32 -0.58
C GLY B 117 9.00 -28.69 0.86
N LYS B 118 9.74 -28.18 1.83
CA LYS B 118 9.44 -28.51 3.24
C LYS B 118 8.32 -27.64 3.80
N PRO B 119 7.51 -28.22 4.68
CA PRO B 119 6.42 -27.53 5.36
C PRO B 119 6.87 -26.23 6.04
N LEU B 120 5.98 -25.24 6.10
CA LEU B 120 6.34 -23.91 6.55
C LEU B 120 5.71 -23.56 7.91
N GLY B 121 4.86 -24.43 8.44
CA GLY B 121 4.28 -24.19 9.75
C GLY B 121 2.96 -23.41 9.76
N TRP B 122 2.25 -23.41 8.63
CA TRP B 122 0.97 -22.70 8.57
C TRP B 122 -0.11 -23.43 9.36
N ARG B 123 -1.15 -22.70 9.76
CA ARG B 123 -2.32 -23.29 10.39
C ARG B 123 -3.22 -23.95 9.38
N VAL B 124 -2.81 -25.09 8.87
CA VAL B 124 -3.55 -25.69 7.76
C VAL B 124 -4.77 -26.42 8.31
N VAL B 125 -5.78 -26.57 7.46
CA VAL B 125 -7.05 -27.12 7.90
C VAL B 125 -7.40 -28.35 7.13
N GLY B 126 -8.27 -29.18 7.70
CA GLY B 126 -8.61 -30.45 7.08
C GLY B 126 -9.90 -30.97 7.65
N PRO B 127 -10.32 -32.17 7.22
CA PRO B 127 -11.50 -32.70 7.89
C PRO B 127 -11.17 -33.20 9.32
N SER B 128 -9.94 -33.61 9.55
CA SER B 128 -9.56 -34.30 10.79
C SER B 128 -8.15 -33.90 11.20
N PRO B 129 -7.83 -34.08 12.50
CA PRO B 129 -6.49 -33.84 12.98
C PRO B 129 -5.57 -35.02 12.73
N ILE B 130 -5.37 -35.34 11.45
CA ILE B 130 -4.36 -36.31 11.05
C ILE B 130 -3.44 -35.63 10.03
N PRO B 131 -2.16 -35.42 10.40
CA PRO B 131 -1.14 -34.83 9.51
C PRO B 131 -0.98 -35.69 8.26
N PHE B 132 -0.57 -35.07 7.16
CA PHE B 132 -0.40 -35.78 5.90
C PHE B 132 0.64 -36.89 6.08
N ASP B 133 1.67 -36.57 6.84
CA ASP B 133 2.79 -37.48 7.02
C ASP B 133 3.79 -36.83 7.97
N GLU B 134 4.75 -37.61 8.43
CA GLU B 134 5.77 -37.12 9.38
C GLU B 134 6.45 -35.83 8.93
N GLY B 135 6.38 -34.78 9.75
CA GLY B 135 6.95 -33.49 9.41
C GLY B 135 5.90 -32.46 9.02
N TYR B 136 4.69 -32.93 8.70
CA TYR B 136 3.62 -32.04 8.26
C TYR B 136 2.78 -31.68 9.47
N PRO B 137 2.32 -30.44 9.55
CA PRO B 137 1.53 -30.05 10.72
C PRO B 137 0.26 -30.90 10.83
N VAL B 138 -0.25 -31.09 12.05
CA VAL B 138 -1.57 -31.66 12.19
C VAL B 138 -2.60 -30.62 11.78
N PRO B 139 -3.41 -30.95 10.79
CA PRO B 139 -4.36 -29.96 10.35
C PRO B 139 -5.40 -29.69 11.45
N GLU B 140 -6.03 -28.54 11.34
CA GLU B 140 -7.03 -28.14 12.29
C GLU B 140 -8.42 -28.50 11.74
N PRO B 141 -9.15 -29.35 12.47
CA PRO B 141 -10.41 -29.81 11.89
C PRO B 141 -11.36 -28.63 11.67
N LEU B 142 -12.02 -28.59 10.52
CA LEU B 142 -12.97 -27.54 10.21
C LEU B 142 -14.28 -27.75 10.95
N ASP B 143 -14.81 -26.68 11.53
CA ASP B 143 -16.20 -26.70 11.96
C ASP B 143 -17.06 -26.16 10.84
N GLU B 144 -18.37 -26.23 11.02
CA GLU B 144 -19.31 -25.88 9.96
C GLU B 144 -19.23 -24.43 9.53
N ALA B 145 -18.71 -23.58 10.41
CA ALA B 145 -18.43 -22.19 10.05
C ALA B 145 -17.24 -22.12 9.10
N GLY B 146 -16.22 -22.92 9.37
CA GLY B 146 -15.04 -23.00 8.49
C GLY B 146 -15.36 -23.56 7.10
N MET B 147 -16.21 -24.58 7.04
CA MET B 147 -16.60 -25.18 5.75
C MET B 147 -17.41 -24.17 4.94
N GLU B 148 -18.25 -23.38 5.60
CA GLU B 148 -19.07 -22.41 4.89
C GLU B 148 -18.21 -21.29 4.31
N ARG B 149 -17.25 -20.81 5.09
CA ARG B 149 -16.33 -19.78 4.64
C ARG B 149 -15.57 -20.21 3.39
N ILE B 150 -15.01 -21.41 3.46
CA ILE B 150 -14.30 -22.02 2.33
C ILE B 150 -15.20 -22.27 1.12
N LEU B 151 -16.42 -22.76 1.33
CA LEU B 151 -17.40 -22.83 0.25
C LEU B 151 -17.57 -21.50 -0.46
N GLN B 152 -17.79 -20.44 0.34
CA GLN B 152 -18.07 -19.14 -0.27
C GLN B 152 -16.81 -18.61 -0.96
N ALA B 153 -15.65 -18.99 -0.46
CA ALA B 153 -14.42 -18.58 -1.13
C ALA B 153 -14.27 -19.27 -2.51
N PHE B 154 -14.65 -20.56 -2.58
CA PHE B 154 -14.92 -21.22 -3.89
C PHE B 154 -15.97 -20.50 -4.77
N VAL B 155 -17.13 -20.15 -4.21
CA VAL B 155 -18.17 -19.46 -4.98
C VAL B 155 -17.65 -18.13 -5.51
N GLU B 156 -16.95 -17.42 -4.64
CA GLU B 156 -16.48 -16.09 -4.97
C GLU B 156 -15.32 -16.18 -5.96
N GLY B 157 -14.47 -17.18 -5.80
CA GLY B 157 -13.35 -17.40 -6.72
C GLY B 157 -13.83 -17.77 -8.11
N ALA B 158 -14.91 -18.55 -8.20
CA ALA B 158 -15.56 -18.76 -9.51
C ALA B 158 -16.13 -17.47 -10.15
N ARG B 159 -16.86 -16.66 -9.37
CA ARG B 159 -17.35 -15.38 -9.89
C ARG B 159 -16.20 -14.54 -10.41
N ARG B 160 -15.12 -14.49 -9.64
CA ARG B 160 -13.93 -13.77 -10.06
C ARG B 160 -13.32 -14.31 -11.36
N ALA B 161 -13.22 -15.64 -11.48
CA ALA B 161 -12.75 -16.29 -12.71
C ALA B 161 -13.57 -15.92 -13.96
N LEU B 162 -14.88 -16.03 -13.86
CA LEU B 162 -15.78 -15.55 -14.91
C LEU B 162 -15.55 -14.08 -15.27
N ARG B 163 -15.51 -13.21 -14.27
CA ARG B 163 -15.31 -11.81 -14.56
CA ARG B 163 -15.29 -11.78 -14.52
C ARG B 163 -13.97 -11.60 -15.28
N ALA B 164 -12.99 -12.46 -15.01
CA ALA B 164 -11.69 -12.28 -15.67
C ALA B 164 -11.70 -12.84 -17.09
N GLY B 165 -12.83 -13.47 -17.45
CA GLY B 165 -13.01 -14.05 -18.81
C GLY B 165 -12.63 -15.52 -18.97
N PHE B 166 -12.47 -16.23 -17.87
CA PHE B 166 -12.29 -17.67 -17.98
C PHE B 166 -13.63 -18.32 -18.33
N GLN B 167 -13.59 -19.35 -19.14
CA GLN B 167 -14.80 -19.92 -19.73
C GLN B 167 -15.02 -21.35 -19.28
N VAL B 168 -14.00 -21.96 -18.68
CA VAL B 168 -14.18 -23.27 -18.03
C VAL B 168 -13.64 -23.17 -16.60
N ILE B 169 -14.41 -23.65 -15.63
CA ILE B 169 -13.96 -23.72 -14.24
C ILE B 169 -13.77 -25.18 -13.86
N GLU B 170 -12.61 -25.53 -13.35
CA GLU B 170 -12.46 -26.82 -12.68
C GLU B 170 -12.29 -26.65 -11.18
N LEU B 171 -12.98 -27.50 -10.43
CA LEU B 171 -12.83 -27.58 -8.99
C LEU B 171 -11.89 -28.72 -8.67
N HIS B 172 -10.83 -28.41 -7.93
CA HIS B 172 -9.79 -29.35 -7.63
C HIS B 172 -10.26 -30.16 -6.45
N MET B 173 -10.88 -31.31 -6.70
CA MET B 173 -11.18 -32.22 -5.60
C MET B 173 -10.34 -33.48 -5.53
N ALA B 174 -9.05 -33.36 -5.82
CA ALA B 174 -8.19 -34.52 -5.92
C ALA B 174 -6.90 -34.30 -5.18
N HIS B 175 -6.08 -35.35 -5.19
CA HIS B 175 -4.70 -35.38 -4.73
C HIS B 175 -4.52 -35.03 -3.25
N GLY B 176 -5.51 -35.39 -2.44
CA GLY B 176 -5.41 -35.26 -0.99
C GLY B 176 -5.39 -33.83 -0.47
N TYR B 177 -5.76 -32.87 -1.32
CA TYR B 177 -6.00 -31.51 -0.87
C TYR B 177 -7.41 -31.42 -0.24
N LEU B 178 -7.87 -30.21 0.09
CA LEU B 178 -9.00 -30.11 1.04
C LEU B 178 -10.11 -31.08 0.69
N LEU B 179 -10.66 -30.97 -0.51
CA LEU B 179 -11.96 -31.56 -0.75
C LEU B 179 -11.83 -33.06 -0.95
N SER B 180 -10.70 -33.43 -1.55
CA SER B 180 -10.21 -34.80 -1.69
C SER B 180 -10.07 -35.49 -0.33
N SER B 181 -9.50 -34.78 0.65
CA SER B 181 -9.32 -35.31 2.01
C SER B 181 -10.66 -35.57 2.71
N PHE B 182 -11.72 -34.87 2.33
CA PHE B 182 -13.05 -35.16 2.92
C PHE B 182 -13.62 -36.46 2.33
N LEU B 183 -13.39 -36.67 1.03
CA LEU B 183 -13.93 -37.84 0.33
C LEU B 183 -13.33 -39.13 0.92
N SER B 184 -12.02 -39.12 1.14
CA SER B 184 -11.28 -40.29 1.56
C SER B 184 -11.38 -40.55 3.05
N PRO B 185 -11.66 -41.81 3.43
CA PRO B 185 -11.65 -42.18 4.84
C PRO B 185 -10.25 -42.33 5.40
N LEU B 186 -9.23 -42.26 4.56
CA LEU B 186 -7.85 -42.31 5.04
C LEU B 186 -7.48 -41.02 5.73
N SER B 187 -8.20 -39.96 5.39
CA SER B 187 -7.88 -38.63 5.89
C SER B 187 -9.10 -38.02 6.59
N ASN B 188 -10.25 -38.67 6.44
CA ASN B 188 -11.45 -38.14 7.05
C ASN B 188 -12.09 -39.12 8.02
N GLN B 189 -12.15 -38.70 9.29
CA GLN B 189 -12.46 -39.57 10.41
C GLN B 189 -13.53 -38.93 11.27
N ARG B 190 -14.15 -37.89 10.75
CA ARG B 190 -15.17 -37.16 11.48
C ARG B 190 -16.34 -38.03 11.91
N THR B 191 -16.89 -37.75 13.09
CA THR B 191 -18.03 -38.49 13.57
C THR B 191 -19.28 -37.66 13.39
N ASP B 192 -19.13 -36.50 12.77
CA ASP B 192 -20.32 -35.71 12.53
C ASP B 192 -20.98 -36.11 11.20
N ALA B 193 -21.85 -35.26 10.70
CA ALA B 193 -22.49 -35.50 9.42
C ALA B 193 -21.49 -35.46 8.26
N TYR B 194 -20.24 -35.15 8.51
CA TYR B 194 -19.31 -34.99 7.37
C TYR B 194 -18.30 -36.09 7.20
N GLY B 195 -18.35 -37.08 8.08
CA GLY B 195 -17.46 -38.23 8.00
C GLY B 195 -18.24 -39.49 8.33
N GLY B 196 -17.54 -40.60 8.39
CA GLY B 196 -18.20 -41.88 8.61
C GLY B 196 -18.57 -42.48 7.27
N SER B 197 -19.82 -42.31 6.89
CA SER B 197 -20.33 -42.99 5.72
C SER B 197 -19.87 -42.30 4.43
N LEU B 198 -20.00 -43.04 3.33
CA LEU B 198 -19.80 -42.48 2.02
C LEU B 198 -20.72 -41.27 1.79
N GLU B 199 -21.99 -41.41 2.18
CA GLU B 199 -22.92 -40.29 2.04
C GLU B 199 -22.36 -39.03 2.69
N ASN B 200 -21.90 -39.18 3.94
CA ASN B 200 -21.39 -38.05 4.72
C ASN B 200 -20.08 -37.47 4.17
N ARG B 201 -19.12 -38.34 3.85
CA ARG B 201 -17.85 -37.87 3.24
C ARG B 201 -17.99 -37.11 1.91
N MET B 202 -19.04 -37.41 1.15
CA MET B 202 -19.32 -36.72 -0.09
C MET B 202 -20.04 -35.40 0.16
N ARG B 203 -20.65 -35.25 1.34
CA ARG B 203 -21.49 -34.09 1.57
C ARG B 203 -20.83 -32.74 1.33
N PHE B 204 -19.72 -32.46 2.02
CA PHE B 204 -19.11 -31.14 1.89
C PHE B 204 -18.63 -30.88 0.44
N PRO B 205 -17.88 -31.85 -0.13
CA PRO B 205 -17.52 -31.71 -1.56
C PRO B 205 -18.72 -31.47 -2.47
N LEU B 206 -19.80 -32.22 -2.28
CA LEU B 206 -20.94 -32.07 -3.16
C LEU B 206 -21.61 -30.73 -2.95
N GLN B 207 -21.50 -30.18 -1.75
CA GLN B 207 -22.11 -28.88 -1.49
C GLN B 207 -21.34 -27.80 -2.22
N VAL B 208 -20.02 -27.92 -2.21
CA VAL B 208 -19.17 -26.99 -2.95
C VAL B 208 -19.52 -27.06 -4.45
N ALA B 209 -19.51 -28.27 -4.99
CA ALA B 209 -19.99 -28.45 -6.35
C ALA B 209 -21.30 -27.73 -6.66
N GLN B 210 -22.34 -27.93 -5.82
CA GLN B 210 -23.65 -27.33 -6.06
C GLN B 210 -23.56 -25.80 -6.02
N ALA B 211 -22.82 -25.30 -5.04
CA ALA B 211 -22.76 -23.87 -4.80
C ALA B 211 -22.01 -23.15 -5.93
N VAL B 212 -20.93 -23.76 -6.41
CA VAL B 212 -20.24 -23.19 -7.58
C VAL B 212 -21.07 -23.34 -8.85
N ARG B 213 -21.70 -24.49 -9.00
CA ARG B 213 -22.54 -24.73 -10.19
C ARG B 213 -23.59 -23.62 -10.34
N GLU B 214 -24.02 -23.05 -9.23
CA GLU B 214 -25.09 -22.06 -9.23
C GLU B 214 -24.66 -20.72 -9.81
N VAL B 215 -23.37 -20.38 -9.68
CA VAL B 215 -22.89 -19.07 -10.15
C VAL B 215 -22.18 -19.13 -11.51
N VAL B 216 -21.94 -20.34 -11.98
CA VAL B 216 -21.45 -20.54 -13.34
C VAL B 216 -22.62 -20.87 -14.24
N PRO B 217 -22.99 -19.92 -15.11
CA PRO B 217 -23.98 -20.15 -16.16
C PRO B 217 -23.78 -21.51 -16.81
N ARG B 218 -24.88 -22.23 -16.98
CA ARG B 218 -24.90 -23.48 -17.78
C ARG B 218 -24.01 -23.46 -19.03
N GLU B 219 -24.02 -22.38 -19.80
CA GLU B 219 -23.25 -22.41 -21.03
C GLU B 219 -21.74 -22.67 -20.82
N LEU B 220 -21.27 -22.41 -19.60
CA LEU B 220 -19.85 -22.56 -19.28
C LEU B 220 -19.60 -23.89 -18.53
N PRO B 221 -18.67 -24.73 -19.05
CA PRO B 221 -18.38 -25.99 -18.38
C PRO B 221 -17.84 -25.85 -16.95
N LEU B 222 -18.46 -26.61 -16.05
CA LEU B 222 -17.89 -26.92 -14.75
C LEU B 222 -17.31 -28.33 -14.78
N PHE B 223 -15.98 -28.42 -14.59
CA PHE B 223 -15.26 -29.68 -14.44
C PHE B 223 -15.10 -29.96 -12.95
N VAL B 224 -14.86 -31.21 -12.58
CA VAL B 224 -14.35 -31.50 -11.27
C VAL B 224 -13.24 -32.52 -11.40
N ARG B 225 -12.08 -32.22 -10.85
CA ARG B 225 -11.01 -33.21 -10.83
C ARG B 225 -11.11 -34.01 -9.54
N VAL B 226 -10.97 -35.32 -9.68
CA VAL B 226 -11.04 -36.21 -8.53
C VAL B 226 -9.87 -37.19 -8.60
N SER B 227 -9.39 -37.62 -7.44
CA SER B 227 -8.55 -38.84 -7.36
C SER B 227 -9.51 -40.04 -7.32
N ALA B 228 -9.68 -40.72 -8.45
CA ALA B 228 -10.64 -41.84 -8.60
C ALA B 228 -10.40 -43.06 -7.70
N THR B 229 -9.14 -43.29 -7.34
CA THR B 229 -8.76 -44.13 -6.16
C THR B 229 -7.64 -43.43 -5.37
N ASP B 230 -7.60 -43.63 -4.05
CA ASP B 230 -6.44 -43.17 -3.28
C ASP B 230 -5.37 -44.26 -3.12
N TRP B 231 -5.66 -45.44 -3.69
CA TRP B 231 -4.67 -46.53 -3.77
C TRP B 231 -4.39 -47.24 -2.43
N GLY B 232 -5.04 -46.81 -1.37
CA GLY B 232 -4.86 -47.42 -0.04
C GLY B 232 -5.93 -48.41 0.39
N GLU B 233 -5.51 -49.48 1.08
CA GLU B 233 -6.48 -50.48 1.52
C GLU B 233 -7.54 -49.84 2.41
N GLY B 234 -8.80 -50.12 2.09
CA GLY B 234 -9.94 -49.52 2.78
C GLY B 234 -10.17 -48.08 2.38
N GLY B 235 -9.41 -47.63 1.39
CA GLY B 235 -9.47 -46.23 0.95
C GLY B 235 -10.60 -45.93 -0.03
N TRP B 236 -10.50 -44.77 -0.65
CA TRP B 236 -11.51 -44.31 -1.59
C TRP B 236 -11.31 -45.10 -2.87
N SER B 237 -12.36 -45.75 -3.37
CA SER B 237 -12.18 -46.68 -4.49
C SER B 237 -12.83 -46.17 -5.76
N LEU B 238 -12.67 -46.94 -6.85
CA LEU B 238 -13.36 -46.66 -8.11
C LEU B 238 -14.89 -46.65 -7.92
N GLU B 239 -15.40 -47.59 -7.14
CA GLU B 239 -16.84 -47.68 -6.90
C GLU B 239 -17.32 -46.43 -6.19
N ASP B 240 -16.54 -45.95 -5.21
CA ASP B 240 -16.86 -44.65 -4.60
C ASP B 240 -16.99 -43.56 -5.67
N THR B 241 -15.96 -43.46 -6.52
CA THR B 241 -15.94 -42.49 -7.61
C THR B 241 -17.19 -42.56 -8.49
N LEU B 242 -17.60 -43.78 -8.81
CA LEU B 242 -18.84 -43.96 -9.55
C LEU B 242 -20.05 -43.34 -8.80
N ALA B 243 -20.19 -43.61 -7.51
CA ALA B 243 -21.25 -42.97 -6.71
C ALA B 243 -21.17 -41.42 -6.69
N PHE B 244 -19.97 -40.89 -6.49
CA PHE B 244 -19.72 -39.43 -6.45
C PHE B 244 -19.99 -38.83 -7.83
N ALA B 245 -19.49 -39.52 -8.86
CA ALA B 245 -19.71 -39.08 -10.23
C ALA B 245 -21.19 -38.94 -10.47
N ARG B 246 -21.94 -39.94 -10.03
CA ARG B 246 -23.36 -39.95 -10.28
C ARG B 246 -24.06 -38.74 -9.64
N ARG B 247 -23.69 -38.38 -8.42
CA ARG B 247 -24.23 -37.17 -7.77
C ARG B 247 -23.79 -35.85 -8.43
N LEU B 248 -22.51 -35.78 -8.83
CA LEU B 248 -22.09 -34.61 -9.58
C LEU B 248 -22.96 -34.50 -10.84
N LYS B 249 -23.14 -35.59 -11.58
CA LYS B 249 -23.88 -35.52 -12.84
C LYS B 249 -25.25 -34.96 -12.57
N GLU B 250 -25.85 -35.45 -11.49
CA GLU B 250 -27.14 -34.95 -11.01
C GLU B 250 -27.12 -33.43 -10.69
N LEU B 251 -25.98 -32.89 -10.29
CA LEU B 251 -25.91 -31.46 -9.97
C LEU B 251 -25.56 -30.55 -11.15
N GLY B 252 -25.38 -31.14 -12.34
CA GLY B 252 -25.05 -30.36 -13.52
C GLY B 252 -23.55 -30.15 -13.78
N VAL B 253 -22.72 -30.91 -13.09
CA VAL B 253 -21.29 -30.89 -13.37
C VAL B 253 -21.14 -31.46 -14.78
N ASP B 254 -20.34 -30.83 -15.63
CA ASP B 254 -20.22 -31.20 -17.06
C ASP B 254 -19.24 -32.32 -17.36
N LEU B 255 -18.22 -32.46 -16.52
CA LEU B 255 -17.14 -33.37 -16.86
C LEU B 255 -16.33 -33.70 -15.64
N LEU B 256 -16.02 -34.99 -15.49
CA LEU B 256 -15.16 -35.43 -14.40
C LEU B 256 -13.73 -35.67 -14.91
N ASP B 257 -12.79 -34.94 -14.32
CA ASP B 257 -11.36 -34.99 -14.72
C ASP B 257 -10.66 -36.01 -13.82
N CYS B 258 -10.26 -37.14 -14.39
CA CYS B 258 -10.03 -38.37 -13.62
C CYS B 258 -8.56 -38.66 -13.31
N SER B 259 -8.18 -38.34 -12.08
CA SER B 259 -6.81 -38.49 -11.61
C SER B 259 -6.81 -39.57 -10.51
N SER B 260 -5.73 -39.67 -9.75
CA SER B 260 -5.68 -40.67 -8.68
C SER B 260 -4.68 -40.27 -7.61
N GLY B 261 -4.85 -40.83 -6.40
CA GLY B 261 -3.80 -40.76 -5.39
C GLY B 261 -3.55 -39.37 -4.82
N GLY B 262 -2.38 -39.18 -4.22
CA GLY B 262 -2.02 -37.98 -3.46
C GLY B 262 -2.60 -37.89 -2.06
N VAL B 263 -3.64 -38.70 -1.75
CA VAL B 263 -4.28 -38.59 -0.44
C VAL B 263 -3.36 -38.83 0.74
N VAL B 264 -2.61 -39.95 0.70
CA VAL B 264 -1.50 -40.20 1.62
C VAL B 264 -0.26 -40.60 0.80
N LEU B 265 0.89 -40.73 1.43
CA LEU B 265 2.12 -41.03 0.69
C LEU B 265 2.39 -42.53 0.54
N ARG B 266 2.16 -43.28 1.61
CA ARG B 266 2.73 -44.62 1.74
C ARG B 266 1.99 -45.68 0.92
N VAL B 267 1.69 -45.40 -0.34
CA VAL B 267 0.92 -46.36 -1.14
C VAL B 267 1.58 -46.70 -2.46
N ARG B 268 1.16 -47.82 -3.06
CA ARG B 268 1.78 -48.29 -4.27
C ARG B 268 0.95 -47.87 -5.48
N ILE B 269 1.51 -47.04 -6.36
CA ILE B 269 0.75 -46.61 -7.52
C ILE B 269 1.30 -47.17 -8.83
N PRO B 270 0.48 -47.94 -9.56
CA PRO B 270 0.98 -48.67 -10.71
C PRO B 270 1.13 -47.77 -11.93
N LEU B 271 2.13 -46.89 -11.90
CA LEU B 271 2.46 -45.97 -12.99
C LEU B 271 2.69 -46.69 -14.32
N ALA B 272 1.96 -46.29 -15.36
CA ALA B 272 2.26 -46.72 -16.72
C ALA B 272 1.52 -45.82 -17.68
N PRO B 273 1.92 -45.80 -18.96
CA PRO B 273 1.15 -45.05 -19.92
C PRO B 273 -0.32 -45.38 -19.76
N GLY B 274 -1.13 -44.34 -19.54
CA GLY B 274 -2.59 -44.45 -19.43
C GLY B 274 -3.13 -45.17 -18.22
N PHE B 275 -2.35 -45.22 -17.13
CA PHE B 275 -2.78 -45.96 -15.95
C PHE B 275 -4.07 -45.39 -15.33
N GLN B 276 -4.41 -44.14 -15.64
CA GLN B 276 -5.67 -43.58 -15.10
C GLN B 276 -6.79 -43.60 -16.11
N VAL B 277 -6.51 -44.09 -17.32
CA VAL B 277 -7.53 -44.10 -18.34
C VAL B 277 -8.73 -45.01 -17.95
N PRO B 278 -8.46 -46.12 -17.26
CA PRO B 278 -9.54 -47.03 -16.82
C PRO B 278 -10.61 -46.31 -16.00
N PHE B 279 -10.18 -45.36 -15.15
CA PHE B 279 -11.08 -44.62 -14.27
C PHE B 279 -11.99 -43.70 -15.06
N ALA B 280 -11.42 -42.97 -16.02
CA ALA B 280 -12.21 -42.14 -16.93
C ALA B 280 -13.15 -43.01 -17.78
N ASP B 281 -12.69 -44.23 -18.09
CA ASP B 281 -13.45 -45.13 -18.95
C ASP B 281 -14.71 -45.63 -18.21
N ALA B 282 -14.52 -46.04 -16.95
CA ALA B 282 -15.58 -46.60 -16.14
C ALA B 282 -16.67 -45.57 -15.81
N VAL B 283 -16.27 -44.36 -15.42
CA VAL B 283 -17.23 -43.30 -15.09
C VAL B 283 -18.12 -42.98 -16.30
N ARG B 284 -17.50 -42.84 -17.46
CA ARG B 284 -18.18 -42.36 -18.63
C ARG B 284 -19.17 -43.44 -19.11
N LYS B 285 -18.73 -44.70 -19.08
CA LYS B 285 -19.57 -45.78 -19.62
C LYS B 285 -20.64 -46.27 -18.63
N ARG B 286 -20.39 -46.13 -17.34
CA ARG B 286 -21.35 -46.67 -16.38
C ARG B 286 -22.21 -45.57 -15.81
N VAL B 287 -21.72 -44.33 -15.85
CA VAL B 287 -22.45 -43.22 -15.24
C VAL B 287 -23.02 -42.31 -16.31
N GLY B 288 -22.34 -42.18 -17.43
CA GLY B 288 -22.83 -41.29 -18.49
C GLY B 288 -22.42 -39.85 -18.29
N LEU B 289 -21.52 -39.61 -17.35
CA LEU B 289 -20.91 -38.28 -17.18
C LEU B 289 -19.66 -38.16 -18.05
N ARG B 290 -19.52 -37.09 -18.82
CA ARG B 290 -18.33 -36.98 -19.72
C ARG B 290 -17.05 -37.05 -18.89
N THR B 291 -15.94 -37.52 -19.45
CA THR B 291 -14.67 -37.61 -18.70
C THR B 291 -13.44 -36.97 -19.38
N GLY B 292 -12.55 -36.38 -18.60
CA GLY B 292 -11.17 -36.06 -19.07
C GLY B 292 -10.19 -37.15 -18.62
N ALA B 293 -9.34 -37.65 -19.54
CA ALA B 293 -8.33 -38.65 -19.21
C ALA B 293 -7.02 -37.89 -19.08
N VAL B 294 -6.18 -38.30 -18.10
CA VAL B 294 -4.86 -37.66 -17.87
C VAL B 294 -3.96 -38.74 -17.25
N GLY B 295 -2.66 -38.69 -17.55
CA GLY B 295 -1.69 -39.53 -16.86
C GLY B 295 -0.81 -40.32 -17.81
N LEU B 296 0.40 -39.81 -18.05
CA LEU B 296 1.36 -40.44 -18.93
C LEU B 296 0.80 -40.67 -20.33
N ILE B 297 0.09 -39.66 -20.86
CA ILE B 297 -0.35 -39.65 -22.25
C ILE B 297 0.60 -38.74 -23.04
N THR B 298 1.32 -39.30 -24.00
CA THR B 298 2.49 -38.61 -24.57
C THR B 298 2.58 -38.77 -26.09
N THR B 299 1.61 -39.46 -26.66
CA THR B 299 1.70 -39.93 -28.05
C THR B 299 0.40 -39.60 -28.77
N PRO B 300 0.47 -39.15 -30.04
CA PRO B 300 -0.81 -38.82 -30.70
C PRO B 300 -1.72 -40.05 -30.86
N GLU B 301 -1.11 -41.19 -31.18
CA GLU B 301 -1.85 -42.41 -31.52
C GLU B 301 -2.52 -42.99 -30.26
N GLN B 302 -1.85 -42.84 -29.12
CA GLN B 302 -2.36 -43.24 -27.80
C GLN B 302 -3.59 -42.39 -27.43
N ALA B 303 -3.44 -41.07 -27.55
CA ALA B 303 -4.54 -40.12 -27.35
C ALA B 303 -5.71 -40.41 -28.30
N GLU B 304 -5.45 -40.49 -29.59
CA GLU B 304 -6.50 -40.91 -30.53
C GLU B 304 -7.17 -42.22 -30.14
N THR B 305 -6.37 -43.20 -29.77
CA THR B 305 -6.90 -44.52 -29.50
C THR B 305 -7.85 -44.54 -28.27
N LEU B 306 -7.48 -43.83 -27.21
CA LEU B 306 -8.31 -43.92 -26.05
C LEU B 306 -9.64 -43.20 -26.29
N LEU B 307 -9.63 -42.16 -27.15
CA LEU B 307 -10.85 -41.51 -27.62
C LEU B 307 -11.66 -42.48 -28.49
N GLN B 308 -10.99 -43.15 -29.43
CA GLN B 308 -11.68 -44.14 -30.25
C GLN B 308 -12.40 -45.17 -29.36
N ALA B 309 -11.75 -45.58 -28.27
CA ALA B 309 -12.32 -46.63 -27.39
C ALA B 309 -13.47 -46.13 -26.51
N GLY B 310 -13.72 -44.83 -26.61
CA GLY B 310 -14.74 -44.20 -25.79
C GLY B 310 -14.37 -44.15 -24.32
N SER B 311 -13.07 -44.12 -24.03
CA SER B 311 -12.63 -44.10 -22.64
C SER B 311 -12.66 -42.71 -22.04
N ALA B 312 -12.83 -41.68 -22.88
CA ALA B 312 -12.92 -40.33 -22.36
C ALA B 312 -13.39 -39.38 -23.45
N ASP B 313 -13.75 -38.18 -23.03
CA ASP B 313 -14.22 -37.19 -24.00
C ASP B 313 -13.10 -36.20 -24.33
N LEU B 314 -12.24 -36.00 -23.34
CA LEU B 314 -11.17 -35.01 -23.40
C LEU B 314 -9.83 -35.68 -23.04
N VAL B 315 -8.74 -35.27 -23.69
CA VAL B 315 -7.43 -35.81 -23.35
C VAL B 315 -6.64 -34.68 -22.73
N LEU B 316 -6.26 -34.85 -21.48
CA LEU B 316 -5.48 -33.83 -20.81
C LEU B 316 -3.98 -34.15 -20.77
N LEU B 317 -3.16 -33.22 -21.23
CA LEU B 317 -1.70 -33.37 -21.22
C LEU B 317 -1.06 -32.45 -20.18
N GLY B 318 -0.13 -33.00 -19.39
CA GLY B 318 0.68 -32.19 -18.48
C GLY B 318 2.16 -32.19 -18.87
N ARG B 319 2.91 -33.17 -18.40
CA ARG B 319 4.36 -33.10 -18.58
C ARG B 319 4.81 -32.97 -20.03
N VAL B 320 4.14 -33.64 -20.96
CA VAL B 320 4.62 -33.61 -22.36
C VAL B 320 4.55 -32.18 -22.93
N LEU B 321 3.59 -31.40 -22.47
CA LEU B 321 3.50 -30.00 -22.84
C LEU B 321 4.53 -29.11 -22.09
N LEU B 322 5.20 -29.64 -21.07
CA LEU B 322 6.31 -28.88 -20.44
C LEU B 322 7.59 -28.93 -21.30
N ARG B 323 7.88 -30.12 -21.83
CA ARG B 323 9.07 -30.32 -22.65
C ARG B 323 8.78 -30.23 -24.16
N ASP B 324 7.51 -30.24 -24.53
CA ASP B 324 7.09 -30.15 -25.93
C ASP B 324 5.82 -29.31 -26.13
N PRO B 325 5.95 -27.99 -26.04
CA PRO B 325 4.79 -27.12 -25.97
C PRO B 325 3.93 -27.06 -27.25
N TYR B 326 4.54 -27.39 -28.39
CA TYR B 326 3.86 -27.42 -29.66
C TYR B 326 3.52 -28.87 -30.08
N PHE B 327 3.54 -29.79 -29.12
CA PHE B 327 2.95 -31.12 -29.33
C PHE B 327 1.68 -31.18 -30.21
N PRO B 328 0.66 -30.33 -29.93
CA PRO B 328 -0.57 -30.57 -30.67
C PRO B 328 -0.43 -30.33 -32.19
N LEU B 329 0.51 -29.46 -32.58
CA LEU B 329 0.67 -29.20 -34.02
C LEU B 329 1.35 -30.39 -34.68
N ARG B 330 2.29 -30.99 -33.95
CA ARG B 330 2.87 -32.27 -34.36
C ARG B 330 1.83 -33.35 -34.43
N ALA B 331 1.05 -33.49 -33.36
CA ALA B 331 -0.04 -34.47 -33.30
C ALA B 331 -0.96 -34.48 -34.52
N ALA B 332 -1.45 -33.31 -34.93
CA ALA B 332 -2.32 -33.22 -36.09
C ALA B 332 -1.63 -33.85 -37.29
N LYS B 333 -0.43 -33.41 -37.59
CA LYS B 333 0.30 -33.97 -38.72
C LYS B 333 0.39 -35.50 -38.61
N ALA B 334 0.81 -35.97 -37.44
CA ALA B 334 0.83 -37.40 -37.13
C ALA B 334 -0.48 -38.14 -37.36
N LEU B 335 -1.62 -37.45 -37.36
CA LEU B 335 -2.91 -38.16 -37.57
C LEU B 335 -3.58 -37.93 -38.93
N GLY B 336 -2.83 -37.37 -39.89
CA GLY B 336 -3.38 -37.03 -41.21
C GLY B 336 -4.13 -35.71 -41.26
N VAL B 337 -4.03 -34.91 -40.20
CA VAL B 337 -4.73 -33.64 -40.10
C VAL B 337 -3.77 -32.46 -40.35
N ALA B 338 -4.11 -31.56 -41.26
CA ALA B 338 -3.30 -30.36 -41.49
C ALA B 338 -3.26 -29.49 -40.22
N PRO B 339 -2.06 -29.26 -39.68
CA PRO B 339 -2.03 -28.55 -38.39
C PRO B 339 -2.45 -27.08 -38.54
N GLU B 340 -3.11 -26.58 -37.50
CA GLU B 340 -3.54 -25.20 -37.41
C GLU B 340 -2.37 -24.35 -36.94
N VAL B 341 -1.64 -23.77 -37.88
CA VAL B 341 -0.33 -23.20 -37.57
C VAL B 341 -0.32 -21.69 -37.77
N PRO B 342 0.33 -20.96 -36.87
CA PRO B 342 0.39 -19.54 -37.18
C PRO B 342 1.10 -19.30 -38.52
N PRO B 343 0.66 -18.27 -39.26
CA PRO B 343 1.13 -17.91 -40.58
C PRO B 343 2.66 -17.74 -40.61
N GLN B 344 3.18 -17.07 -39.59
CA GLN B 344 4.60 -16.87 -39.37
C GLN B 344 5.41 -18.18 -39.43
N TYR B 345 4.75 -19.29 -39.08
CA TYR B 345 5.46 -20.56 -38.89
C TYR B 345 5.18 -21.56 -39.99
N GLN B 346 4.47 -21.11 -41.02
CA GLN B 346 3.92 -22.02 -42.03
C GLN B 346 5.02 -22.84 -42.72
N ARG B 347 6.11 -22.19 -43.11
CA ARG B 347 7.21 -22.87 -43.76
C ARG B 347 7.92 -23.86 -42.84
N GLY B 348 7.60 -23.84 -41.55
CA GLY B 348 8.21 -24.81 -40.65
C GLY B 348 7.46 -26.11 -40.45
N PHE B 349 6.35 -26.30 -41.16
CA PHE B 349 5.44 -27.43 -40.95
C PHE B 349 5.10 -28.10 -42.29
N ALA C 2 -13.76 41.54 15.47
CA ALA C 2 -14.31 41.64 14.09
C ALA C 2 -15.12 40.37 13.79
N LEU C 3 -16.43 40.51 13.69
CA LEU C 3 -17.26 39.36 13.42
C LEU C 3 -16.87 38.74 12.08
N LEU C 4 -16.36 39.57 11.16
CA LEU C 4 -15.96 39.08 9.84
C LEU C 4 -14.96 37.93 9.95
N PHE C 5 -14.16 37.95 11.02
CA PHE C 5 -13.15 36.89 11.21
C PHE C 5 -13.38 35.97 12.41
N THR C 6 -14.65 35.81 12.78
CA THR C 6 -15.08 34.82 13.77
C THR C 6 -15.75 33.63 13.03
N PRO C 7 -15.54 32.40 13.52
CA PRO C 7 -16.02 31.22 12.77
C PRO C 7 -17.53 31.21 12.77
N LEU C 8 -18.10 30.55 11.77
CA LEU C 8 -19.53 30.35 11.66
C LEU C 8 -19.79 28.84 11.69
N GLU C 9 -20.42 28.36 12.77
CA GLU C 9 -20.87 26.96 12.85
C GLU C 9 -22.15 26.70 12.07
N LEU C 10 -22.08 25.77 11.12
CA LEU C 10 -23.26 25.40 10.36
C LEU C 10 -23.44 23.89 10.44
N GLY C 11 -24.34 23.46 11.33
CA GLY C 11 -24.40 22.06 11.71
C GLY C 11 -23.05 21.58 12.16
N GLY C 12 -22.50 20.62 11.41
CA GLY C 12 -21.35 19.82 11.84
C GLY C 12 -20.11 20.45 11.25
N LEU C 13 -20.28 21.61 10.63
CA LEU C 13 -19.19 22.23 9.89
C LEU C 13 -18.83 23.59 10.48
N ARG C 14 -17.53 23.88 10.52
CA ARG C 14 -17.04 25.20 10.90
C ARG C 14 -16.38 25.91 9.72
N LEU C 15 -16.83 27.12 9.43
CA LEU C 15 -16.11 28.03 8.53
C LEU C 15 -15.20 28.94 9.36
N LYS C 16 -13.97 29.15 8.93
CA LYS C 16 -13.02 29.86 9.77
C LYS C 16 -13.31 31.37 9.83
N ASN C 17 -14.15 31.86 8.92
CA ASN C 17 -14.49 33.29 8.88
C ASN C 17 -15.79 33.43 8.11
N ARG C 18 -16.29 34.67 7.96
CA ARG C 18 -17.58 34.86 7.30
C ARG C 18 -17.45 35.35 5.87
N LEU C 19 -16.24 35.26 5.30
CA LEU C 19 -16.09 35.61 3.92
C LEU C 19 -16.25 34.38 3.01
N ALA C 20 -17.04 34.52 1.96
CA ALA C 20 -17.10 33.43 1.01
C ALA C 20 -16.95 33.94 -0.37
N MET C 21 -16.32 33.14 -1.21
CA MET C 21 -16.27 33.45 -2.63
C MET C 21 -17.57 33.06 -3.31
N SER C 22 -18.21 34.04 -3.96
CA SER C 22 -19.50 33.86 -4.58
C SER C 22 -19.29 33.05 -5.84
N PRO C 23 -20.27 32.20 -6.19
CA PRO C 23 -20.15 31.39 -7.38
C PRO C 23 -20.09 32.26 -8.63
N MET C 24 -19.03 32.09 -9.41
CA MET C 24 -18.85 32.84 -10.60
C MET C 24 -18.44 31.95 -11.79
N CYS C 25 -19.35 31.79 -12.74
CA CYS C 25 -19.04 31.09 -13.99
C CYS C 25 -17.74 31.53 -14.68
N GLN C 26 -16.91 30.53 -14.99
CA GLN C 26 -15.63 30.80 -15.64
C GLN C 26 -15.62 30.42 -17.13
N TYR C 27 -16.63 29.67 -17.58
CA TYR C 27 -16.74 29.34 -19.00
C TYR C 27 -15.45 28.75 -19.58
N SER C 28 -14.79 27.90 -18.79
CA SER C 28 -13.43 27.48 -19.10
C SER C 28 -13.28 25.98 -18.87
N ALA C 29 -14.39 25.25 -18.78
CA ALA C 29 -14.39 23.80 -18.71
C ALA C 29 -14.20 23.24 -20.12
N THR C 30 -13.91 21.92 -20.23
CA THR C 30 -13.97 21.26 -21.54
C THR C 30 -15.41 21.20 -22.07
N LEU C 31 -15.56 20.93 -23.36
CA LEU C 31 -16.89 20.68 -23.91
C LEU C 31 -17.65 19.59 -23.18
N GLU C 32 -16.95 18.70 -22.48
CA GLU C 32 -17.63 17.66 -21.71
C GLU C 32 -17.88 18.11 -20.26
N GLY C 33 -17.58 19.39 -19.99
CA GLY C 33 -17.84 19.96 -18.67
C GLY C 33 -16.83 19.53 -17.62
N GLU C 34 -15.61 19.21 -18.08
CA GLU C 34 -14.54 18.84 -17.16
C GLU C 34 -13.81 20.01 -16.56
N VAL C 35 -13.29 19.82 -15.36
CA VAL C 35 -12.40 20.77 -14.69
C VAL C 35 -11.12 20.85 -15.52
N THR C 36 -10.59 22.05 -15.70
CA THR C 36 -9.35 22.25 -16.46
C THR C 36 -8.32 23.05 -15.65
N ASP C 37 -7.17 23.31 -16.26
CA ASP C 37 -6.12 24.03 -15.53
C ASP C 37 -6.64 25.40 -15.09
N TRP C 38 -7.54 26.00 -15.86
CA TRP C 38 -8.06 27.33 -15.49
C TRP C 38 -8.64 27.32 -14.08
N HIS C 39 -9.53 26.37 -13.81
CA HIS C 39 -10.15 26.26 -12.46
C HIS C 39 -9.11 25.89 -11.41
N LEU C 40 -8.19 25.00 -11.77
CA LEU C 40 -7.18 24.57 -10.80
C LEU C 40 -6.22 25.70 -10.38
N LEU C 41 -6.11 26.74 -11.20
CA LEU C 41 -5.33 27.93 -10.79
C LEU C 41 -6.23 28.96 -10.09
N HIS C 42 -7.41 29.17 -10.68
CA HIS C 42 -8.29 30.27 -10.31
C HIS C 42 -8.88 30.12 -8.92
N TYR C 43 -9.34 28.91 -8.58
CA TYR C 43 -9.96 28.73 -7.26
C TYR C 43 -8.97 28.64 -6.09
N PRO C 44 -7.86 27.91 -6.26
CA PRO C 44 -6.97 27.85 -5.10
C PRO C 44 -6.32 29.22 -4.76
N THR C 45 -6.19 30.09 -5.76
CA THR C 45 -5.72 31.48 -5.58
C THR C 45 -6.57 32.25 -4.59
N ARG C 46 -7.88 32.08 -4.69
CA ARG C 46 -8.75 32.77 -3.72
C ARG C 46 -8.74 32.14 -2.35
N ALA C 47 -8.46 30.84 -2.33
CA ALA C 47 -8.35 30.07 -1.10
C ALA C 47 -7.14 30.51 -0.28
N LEU C 48 -6.00 30.64 -0.95
CA LEU C 48 -4.82 31.19 -0.33
C LEU C 48 -5.12 32.61 0.12
N GLY C 49 -5.98 33.29 -0.64
CA GLY C 49 -6.31 34.68 -0.38
C GLY C 49 -7.14 34.84 0.88
N GLY C 50 -7.66 33.74 1.39
CA GLY C 50 -8.15 33.76 2.75
C GLY C 50 -9.65 33.63 2.99
N VAL C 51 -10.45 33.31 1.98
CA VAL C 51 -11.88 33.07 2.23
C VAL C 51 -12.08 31.79 3.05
N GLY C 52 -13.10 31.77 3.91
CA GLY C 52 -13.35 30.57 4.67
C GLY C 52 -14.07 29.54 3.81
N LEU C 53 -14.74 30.04 2.79
CA LEU C 53 -15.56 29.17 1.92
C LEU C 53 -15.53 29.65 0.46
N ILE C 54 -15.28 28.70 -0.43
CA ILE C 54 -15.48 28.89 -1.86
C ILE C 54 -16.66 28.10 -2.39
N LEU C 55 -17.59 28.83 -2.99
CA LEU C 55 -18.66 28.24 -3.76
C LEU C 55 -18.20 28.22 -5.21
N VAL C 56 -17.82 27.02 -5.65
CA VAL C 56 -17.60 26.80 -7.07
C VAL C 56 -18.80 27.21 -7.90
N GLU C 57 -18.48 27.86 -9.03
CA GLU C 57 -19.44 28.36 -10.02
C GLU C 57 -20.56 27.36 -10.37
N ALA C 58 -21.62 27.88 -11.00
CA ALA C 58 -22.79 27.11 -11.42
C ALA C 58 -22.37 25.87 -12.22
N THR C 59 -22.73 24.70 -11.71
CA THR C 59 -22.30 23.42 -12.27
C THR C 59 -23.54 22.62 -12.69
N ALA C 60 -23.67 22.40 -14.00
CA ALA C 60 -24.92 21.90 -14.58
C ALA C 60 -25.23 20.48 -14.15
N VAL C 61 -26.48 20.21 -13.76
CA VAL C 61 -26.83 18.87 -13.35
C VAL C 61 -27.18 17.96 -14.55
N GLU C 62 -27.36 18.55 -15.73
CA GLU C 62 -27.53 17.73 -16.93
C GLU C 62 -27.10 18.62 -18.07
N PRO C 63 -26.79 18.02 -19.22
CA PRO C 63 -26.15 18.75 -20.31
C PRO C 63 -26.92 20.00 -20.76
N LEU C 64 -28.23 19.88 -20.82
CA LEU C 64 -29.08 20.97 -21.33
C LEU C 64 -29.38 21.99 -20.23
N GLY C 65 -28.82 21.77 -19.05
CA GLY C 65 -28.92 22.75 -17.97
C GLY C 65 -27.72 23.67 -17.97
N ARG C 66 -26.80 23.50 -18.91
CA ARG C 66 -25.63 24.37 -19.02
C ARG C 66 -25.94 25.75 -19.61
N ILE C 67 -25.29 26.79 -19.10
CA ILE C 67 -25.37 28.08 -19.74
C ILE C 67 -24.62 28.03 -21.07
N SER C 68 -23.33 27.71 -21.02
CA SER C 68 -22.51 27.61 -22.23
C SER C 68 -21.96 26.19 -22.46
N PRO C 69 -21.43 25.92 -23.67
CA PRO C 69 -20.79 24.62 -23.91
C PRO C 69 -19.48 24.45 -23.10
N TYR C 70 -19.06 25.50 -22.39
CA TYR C 70 -17.89 25.37 -21.53
C TYR C 70 -18.11 25.52 -20.02
N ASP C 71 -19.33 25.19 -19.58
CA ASP C 71 -19.65 25.20 -18.17
C ASP C 71 -19.06 23.95 -17.52
N LEU C 72 -18.85 24.02 -16.21
CA LEU C 72 -18.59 22.82 -15.42
C LEU C 72 -19.82 21.94 -15.47
N GLY C 73 -19.59 20.64 -15.50
CA GLY C 73 -20.73 19.72 -15.44
C GLY C 73 -20.62 18.77 -14.28
N ILE C 74 -21.76 18.22 -13.87
CA ILE C 74 -21.74 17.19 -12.84
C ILE C 74 -22.70 16.01 -13.17
N TRP C 75 -22.99 15.81 -14.45
CA TRP C 75 -23.98 14.80 -14.87
C TRP C 75 -23.40 13.38 -14.98
N SER C 76 -22.11 13.21 -14.69
CA SER C 76 -21.45 11.94 -14.97
C SER C 76 -20.36 11.59 -13.96
N GLU C 77 -20.20 10.29 -13.71
CA GLU C 77 -19.19 9.85 -12.79
C GLU C 77 -17.81 10.17 -13.36
N ASP C 78 -17.72 10.40 -14.66
CA ASP C 78 -16.43 10.78 -15.24
C ASP C 78 -16.10 12.23 -14.93
N HIS C 79 -17.06 12.96 -14.36
CA HIS C 79 -16.77 14.29 -13.79
C HIS C 79 -15.96 14.24 -12.47
N LEU C 80 -16.09 13.13 -11.75
CA LEU C 80 -15.48 13.01 -10.40
C LEU C 80 -13.97 13.30 -10.29
N PRO C 81 -13.14 12.73 -11.17
CA PRO C 81 -11.69 12.98 -11.01
C PRO C 81 -11.35 14.47 -10.97
N GLY C 82 -11.80 15.20 -11.98
CA GLY C 82 -11.59 16.64 -12.02
C GLY C 82 -12.12 17.32 -10.78
N LEU C 83 -13.36 16.99 -10.41
CA LEU C 83 -14.01 17.72 -9.34
C LEU C 83 -13.39 17.39 -8.01
N LYS C 84 -12.92 16.15 -7.87
CA LYS C 84 -12.22 15.75 -6.67
C LYS C 84 -10.92 16.54 -6.51
N GLU C 85 -10.20 16.71 -7.62
CA GLU C 85 -8.92 17.43 -7.56
C GLU C 85 -9.15 18.94 -7.35
N LEU C 86 -10.25 19.47 -7.87
CA LEU C 86 -10.56 20.87 -7.61
C LEU C 86 -10.85 21.07 -6.11
N ALA C 87 -11.76 20.26 -5.57
CA ALA C 87 -12.06 20.34 -4.14
C ALA C 87 -10.82 20.12 -3.26
N ARG C 88 -9.94 19.21 -3.67
CA ARG C 88 -8.69 18.98 -2.96
C ARG C 88 -7.70 20.18 -2.92
N ARG C 89 -7.44 20.78 -4.07
CA ARG C 89 -6.64 22.02 -4.12
C ARG C 89 -7.21 23.16 -3.28
N ILE C 90 -8.51 23.35 -3.32
CA ILE C 90 -9.18 24.38 -2.52
C ILE C 90 -8.93 24.17 -1.04
N ARG C 91 -9.15 22.95 -0.58
CA ARG C 91 -8.99 22.60 0.82
C ARG C 91 -7.51 22.71 1.20
N GLU C 92 -6.65 22.26 0.31
CA GLU C 92 -5.21 22.40 0.52
C GLU C 92 -4.77 23.84 0.75
N ALA C 93 -5.40 24.77 0.05
CA ALA C 93 -5.06 26.18 0.18
C ALA C 93 -5.84 26.88 1.30
N GLY C 94 -6.68 26.15 2.04
CA GLY C 94 -7.13 26.62 3.34
C GLY C 94 -8.61 26.88 3.48
N ALA C 95 -9.36 26.65 2.40
CA ALA C 95 -10.76 27.01 2.41
C ALA C 95 -11.62 25.76 2.41
N VAL C 96 -12.84 25.86 2.90
CA VAL C 96 -13.80 24.78 2.69
C VAL C 96 -14.32 24.86 1.25
N PRO C 97 -14.30 23.73 0.52
CA PRO C 97 -14.87 23.70 -0.83
C PRO C 97 -16.40 23.44 -0.86
N GLY C 98 -17.10 24.33 -1.54
CA GLY C 98 -18.50 24.13 -1.86
C GLY C 98 -18.72 24.29 -3.34
N ILE C 99 -19.94 23.96 -3.75
CA ILE C 99 -20.24 23.98 -5.16
C ILE C 99 -21.70 24.29 -5.29
N GLN C 100 -22.00 25.13 -6.28
CA GLN C 100 -23.36 25.44 -6.63
C GLN C 100 -23.83 24.47 -7.73
N LEU C 101 -24.98 23.80 -7.49
CA LEU C 101 -25.54 22.90 -8.47
C LEU C 101 -26.57 23.67 -9.28
N ALA C 102 -26.52 23.51 -10.60
CA ALA C 102 -27.35 24.37 -11.43
C ALA C 102 -28.06 23.72 -12.60
N HIS C 103 -29.09 24.42 -13.04
CA HIS C 103 -29.76 24.13 -14.28
C HIS C 103 -30.27 25.43 -14.88
N ALA C 104 -29.83 25.73 -16.09
CA ALA C 104 -30.14 27.03 -16.69
C ALA C 104 -31.55 27.24 -17.25
N GLY C 105 -32.37 26.18 -17.31
CA GLY C 105 -33.75 26.31 -17.80
C GLY C 105 -33.82 27.06 -19.12
N ARG C 106 -34.63 28.12 -19.20
CA ARG C 106 -34.87 28.78 -20.49
C ARG C 106 -33.73 29.67 -21.00
N LYS C 107 -32.73 29.87 -20.15
CA LYS C 107 -31.57 30.68 -20.53
C LYS C 107 -30.40 29.75 -20.84
N ALA C 108 -30.68 28.46 -20.96
CA ALA C 108 -29.63 27.53 -21.34
C ALA C 108 -29.09 27.77 -22.78
N GLY C 109 -27.82 27.46 -22.98
CA GLY C 109 -27.25 27.35 -24.33
C GLY C 109 -26.95 28.69 -24.99
N THR C 110 -26.00 29.44 -24.42
CA THR C 110 -25.52 30.70 -25.01
C THR C 110 -23.99 30.68 -25.11
N ALA C 111 -23.44 31.43 -26.05
CA ALA C 111 -21.99 31.45 -26.22
C ALA C 111 -21.34 32.12 -25.00
N ARG C 112 -20.08 31.82 -24.76
CA ARG C 112 -19.36 32.55 -23.72
C ARG C 112 -19.51 34.04 -23.92
N PRO C 113 -19.53 34.80 -22.83
CA PRO C 113 -19.80 36.24 -22.93
C PRO C 113 -18.82 36.97 -23.85
N TRP C 114 -17.57 36.52 -23.90
CA TRP C 114 -16.56 37.18 -24.73
C TRP C 114 -16.54 36.59 -26.15
N GLU C 115 -17.44 35.67 -26.40
CA GLU C 115 -17.61 35.18 -27.76
C GLU C 115 -18.94 35.66 -28.35
N GLY C 116 -19.48 36.73 -27.76
CA GLY C 116 -20.69 37.36 -28.27
C GLY C 116 -21.91 37.07 -27.42
N GLY C 117 -21.95 35.89 -26.79
CA GLY C 117 -23.04 35.53 -25.87
C GLY C 117 -24.41 35.19 -26.47
N LYS C 118 -24.43 34.81 -27.75
CA LYS C 118 -25.71 34.57 -28.45
C LYS C 118 -26.29 33.22 -28.13
N PRO C 119 -27.62 33.14 -28.01
CA PRO C 119 -28.23 31.82 -27.87
C PRO C 119 -27.78 30.88 -28.99
N LEU C 120 -27.60 29.61 -28.67
CA LEU C 120 -27.00 28.65 -29.61
C LEU C 120 -28.04 27.73 -30.21
N GLY C 121 -29.29 27.90 -29.80
CA GLY C 121 -30.40 27.12 -30.33
C GLY C 121 -30.59 25.71 -29.78
N TRP C 122 -30.27 25.49 -28.51
CA TRP C 122 -30.51 24.20 -27.88
C TRP C 122 -31.99 24.03 -27.64
N ARG C 123 -32.40 22.80 -27.38
CA ARG C 123 -33.77 22.50 -27.01
C ARG C 123 -33.96 22.75 -25.52
N VAL C 124 -34.06 24.02 -25.10
CA VAL C 124 -34.12 24.36 -23.66
C VAL C 124 -35.49 24.10 -23.02
N VAL C 125 -35.50 23.81 -21.71
CA VAL C 125 -36.75 23.53 -20.99
C VAL C 125 -37.07 24.63 -19.97
N GLY C 126 -38.27 24.57 -19.40
CA GLY C 126 -38.77 25.65 -18.56
C GLY C 126 -40.20 25.35 -18.16
N PRO C 127 -40.76 26.16 -17.25
CA PRO C 127 -42.14 25.90 -16.81
C PRO C 127 -43.17 26.28 -17.88
N SER C 128 -42.90 27.34 -18.64
CA SER C 128 -43.84 27.79 -19.66
C SER C 128 -43.14 28.13 -20.97
N PRO C 129 -43.90 28.14 -22.09
CA PRO C 129 -43.33 28.38 -23.42
C PRO C 129 -43.21 29.86 -23.69
N ILE C 130 -42.35 30.51 -22.91
CA ILE C 130 -42.14 31.95 -23.00
C ILE C 130 -40.65 32.17 -23.09
N PRO C 131 -40.16 32.61 -24.26
CA PRO C 131 -38.73 32.79 -24.41
C PRO C 131 -38.21 33.93 -23.51
N PHE C 132 -37.01 33.75 -22.98
CA PHE C 132 -36.41 34.75 -22.12
C PHE C 132 -36.43 36.12 -22.78
N ASP C 133 -36.02 36.19 -24.03
CA ASP C 133 -36.11 37.45 -24.75
C ASP C 133 -36.00 37.20 -26.25
N GLU C 134 -36.14 38.27 -27.02
CA GLU C 134 -36.00 38.18 -28.47
C GLU C 134 -34.70 37.48 -28.84
N GLY C 135 -34.75 36.70 -29.92
CA GLY C 135 -33.64 35.84 -30.32
C GLY C 135 -33.41 34.64 -29.41
N TYR C 136 -34.22 34.48 -28.36
CA TYR C 136 -34.10 33.31 -27.49
C TYR C 136 -35.08 32.23 -27.91
N PRO C 137 -34.69 30.95 -27.81
CA PRO C 137 -35.64 29.91 -28.25
C PRO C 137 -36.80 29.83 -27.29
N VAL C 138 -37.99 29.51 -27.79
CA VAL C 138 -39.12 29.26 -26.91
C VAL C 138 -38.80 27.99 -26.17
N PRO C 139 -38.93 27.99 -24.83
CA PRO C 139 -38.59 26.78 -24.08
C PRO C 139 -39.69 25.72 -24.18
N GLU C 140 -39.30 24.46 -24.05
CA GLU C 140 -40.23 23.35 -23.95
C GLU C 140 -40.72 23.31 -22.50
N PRO C 141 -42.06 23.44 -22.28
CA PRO C 141 -42.54 23.32 -20.89
C PRO C 141 -42.34 21.92 -20.34
N LEU C 142 -41.76 21.80 -19.14
CA LEU C 142 -41.48 20.49 -18.57
C LEU C 142 -42.79 19.83 -18.21
N ASP C 143 -42.86 18.51 -18.38
CA ASP C 143 -43.98 17.81 -17.77
C ASP C 143 -43.51 17.15 -16.48
N GLU C 144 -44.44 16.53 -15.78
CA GLU C 144 -44.12 15.91 -14.53
C GLU C 144 -42.98 14.91 -14.61
N ALA C 145 -42.93 14.14 -15.69
CA ALA C 145 -41.82 13.19 -15.84
C ALA C 145 -40.48 13.97 -16.00
N GLY C 146 -40.50 15.05 -16.77
CA GLY C 146 -39.30 15.85 -16.99
C GLY C 146 -38.83 16.53 -15.71
N MET C 147 -39.77 17.03 -14.94
CA MET C 147 -39.45 17.63 -13.64
C MET C 147 -38.81 16.60 -12.71
N GLU C 148 -39.35 15.38 -12.69
CA GLU C 148 -38.74 14.32 -11.89
C GLU C 148 -37.35 13.88 -12.37
N ARG C 149 -37.13 13.88 -13.68
CA ARG C 149 -35.77 13.64 -14.17
C ARG C 149 -34.80 14.71 -13.67
N ILE C 150 -35.18 15.98 -13.78
CA ILE C 150 -34.26 17.06 -13.43
C ILE C 150 -34.04 17.05 -11.91
N LEU C 151 -35.07 16.69 -11.14
CA LEU C 151 -34.92 16.59 -9.70
C LEU C 151 -33.98 15.43 -9.27
N GLN C 152 -34.05 14.32 -9.99
CA GLN C 152 -33.12 13.21 -9.74
C GLN C 152 -31.70 13.61 -10.17
N ALA C 153 -31.61 14.41 -11.24
CA ALA C 153 -30.34 14.96 -11.68
C ALA C 153 -29.67 15.90 -10.61
N PHE C 154 -30.50 16.67 -9.88
CA PHE C 154 -30.00 17.45 -8.73
C PHE C 154 -29.53 16.54 -7.58
N VAL C 155 -30.30 15.53 -7.25
CA VAL C 155 -29.95 14.61 -6.18
C VAL C 155 -28.66 13.84 -6.51
N GLU C 156 -28.56 13.33 -7.72
CA GLU C 156 -27.33 12.63 -8.15
C GLU C 156 -26.15 13.57 -8.28
N GLY C 157 -26.44 14.79 -8.71
CA GLY C 157 -25.45 15.86 -8.65
C GLY C 157 -24.90 16.12 -7.26
N ALA C 158 -25.79 16.23 -6.26
CA ALA C 158 -25.39 16.35 -4.86
C ALA C 158 -24.62 15.14 -4.35
N ARG C 159 -25.07 13.94 -4.67
CA ARG C 159 -24.34 12.80 -4.17
C ARG C 159 -22.94 12.83 -4.76
N ARG C 160 -22.82 13.18 -6.03
CA ARG C 160 -21.50 13.14 -6.66
C ARG C 160 -20.55 14.20 -6.07
N ALA C 161 -21.05 15.41 -5.86
CA ALA C 161 -20.31 16.51 -5.26
C ALA C 161 -19.76 16.10 -3.88
N LEU C 162 -20.59 15.37 -3.15
CA LEU C 162 -20.19 14.93 -1.82
C LEU C 162 -19.06 13.90 -1.94
N ARG C 163 -19.21 12.94 -2.85
CA ARG C 163 -18.14 11.97 -3.12
C ARG C 163 -16.86 12.67 -3.59
N ALA C 164 -16.99 13.88 -4.14
CA ALA C 164 -15.78 14.56 -4.65
C ALA C 164 -15.07 15.34 -3.56
N GLY C 165 -15.70 15.38 -2.38
CA GLY C 165 -15.17 16.19 -1.27
C GLY C 165 -15.76 17.58 -1.02
N PHE C 166 -16.76 18.00 -1.77
CA PHE C 166 -17.38 19.31 -1.48
C PHE C 166 -18.19 19.21 -0.21
N GLN C 167 -18.14 20.23 0.65
CA GLN C 167 -18.79 20.11 1.96
C GLN C 167 -19.99 21.01 2.12
N VAL C 168 -20.17 21.95 1.20
CA VAL C 168 -21.33 22.83 1.23
C VAL C 168 -21.94 22.70 -0.14
N ILE C 169 -23.23 22.38 -0.17
CA ILE C 169 -23.94 22.30 -1.44
C ILE C 169 -24.89 23.49 -1.56
N GLU C 170 -24.80 24.26 -2.63
CA GLU C 170 -25.81 25.31 -2.88
C GLU C 170 -26.65 25.00 -4.12
N LEU C 171 -27.97 25.08 -3.99
CA LEU C 171 -28.84 24.88 -5.13
C LEU C 171 -29.11 26.24 -5.73
N HIS C 172 -28.88 26.37 -7.03
CA HIS C 172 -29.03 27.64 -7.75
C HIS C 172 -30.50 27.82 -8.09
N MET C 173 -31.24 28.51 -7.24
CA MET C 173 -32.64 28.77 -7.57
C MET C 173 -32.81 30.24 -7.88
N ALA C 174 -31.79 30.85 -8.47
CA ALA C 174 -31.81 32.29 -8.74
C ALA C 174 -31.64 32.69 -10.21
N HIS C 175 -31.72 33.99 -10.48
CA HIS C 175 -31.24 34.56 -11.72
C HIS C 175 -31.96 34.13 -13.00
N GLY C 176 -33.23 33.76 -12.86
CA GLY C 176 -34.07 33.40 -13.98
C GLY C 176 -33.65 32.12 -14.68
N TYR C 177 -32.73 31.39 -14.07
CA TYR C 177 -32.50 30.01 -14.52
C TYR C 177 -33.64 29.09 -14.03
N LEU C 178 -33.49 27.79 -14.14
CA LEU C 178 -34.66 26.88 -14.14
C LEU C 178 -35.54 27.05 -12.91
N LEU C 179 -35.00 26.83 -11.72
CA LEU C 179 -35.84 26.81 -10.53
C LEU C 179 -36.36 28.20 -10.17
N SER C 180 -35.53 29.20 -10.43
CA SER C 180 -35.93 30.59 -10.32
C SER C 180 -37.09 30.89 -11.25
N SER C 181 -37.06 30.33 -12.47
CA SER C 181 -38.10 30.63 -13.42
C SER C 181 -39.43 30.00 -13.02
N PHE C 182 -39.38 28.90 -12.29
CA PHE C 182 -40.62 28.35 -11.73
C PHE C 182 -41.26 29.30 -10.69
N LEU C 183 -40.43 30.04 -9.93
CA LEU C 183 -40.94 30.86 -8.83
C LEU C 183 -41.60 32.14 -9.31
N SER C 184 -40.99 32.78 -10.31
CA SER C 184 -41.50 34.06 -10.83
C SER C 184 -42.71 33.91 -11.77
N PRO C 185 -43.78 34.67 -11.50
CA PRO C 185 -44.93 34.63 -12.39
C PRO C 185 -44.62 35.26 -13.75
N LEU C 186 -43.46 35.91 -13.88
CA LEU C 186 -43.08 36.50 -15.16
C LEU C 186 -42.63 35.47 -16.18
N SER C 187 -42.09 34.35 -15.70
CA SER C 187 -41.68 33.23 -16.56
C SER C 187 -42.60 32.01 -16.45
N ASN C 188 -43.29 31.87 -15.33
CA ASN C 188 -44.11 30.67 -15.07
C ASN C 188 -45.56 31.10 -15.08
N GLN C 189 -46.26 30.77 -16.18
CA GLN C 189 -47.71 30.97 -16.28
C GLN C 189 -48.45 29.64 -16.40
N ARG C 190 -47.96 28.60 -15.72
CA ARG C 190 -48.60 27.30 -15.76
C ARG C 190 -49.92 27.36 -15.03
N THR C 191 -50.80 26.42 -15.39
CA THR C 191 -52.14 26.29 -14.81
C THR C 191 -52.34 24.93 -14.15
N ASP C 192 -51.34 24.05 -14.22
CA ASP C 192 -51.30 22.86 -13.36
C ASP C 192 -50.94 23.14 -11.89
N ALA C 193 -50.39 22.14 -11.20
CA ALA C 193 -50.05 22.30 -9.77
C ALA C 193 -48.76 23.09 -9.58
N TYR C 194 -48.06 23.39 -10.67
CA TYR C 194 -46.72 23.97 -10.59
C TYR C 194 -46.66 25.43 -10.97
N GLY C 195 -47.83 26.00 -11.22
CA GLY C 195 -47.92 27.41 -11.55
C GLY C 195 -49.19 27.98 -10.98
N GLY C 196 -49.24 29.30 -10.90
CA GLY C 196 -50.48 29.99 -10.57
C GLY C 196 -50.27 30.62 -9.21
N SER C 197 -50.76 29.96 -8.18
CA SER C 197 -50.56 30.44 -6.84
C SER C 197 -49.09 30.37 -6.39
N LEU C 198 -48.78 31.18 -5.39
CA LEU C 198 -47.47 31.21 -4.77
C LEU C 198 -47.01 29.85 -4.26
N GLU C 199 -47.92 29.10 -3.63
CA GLU C 199 -47.61 27.74 -3.23
C GLU C 199 -47.29 26.90 -4.43
N ASN C 200 -48.02 27.10 -5.53
CA ASN C 200 -47.83 26.25 -6.71
C ASN C 200 -46.44 26.52 -7.33
N ARG C 201 -46.13 27.81 -7.47
CA ARG C 201 -44.86 28.26 -8.05
C ARG C 201 -43.66 27.80 -7.20
N MET C 202 -43.85 27.68 -5.88
CA MET C 202 -42.81 27.17 -4.99
C MET C 202 -42.67 25.66 -5.01
N ARG C 203 -43.69 24.95 -5.54
CA ARG C 203 -43.81 23.50 -5.36
C ARG C 203 -42.59 22.72 -5.84
N PHE C 204 -42.21 22.88 -7.09
CA PHE C 204 -41.08 22.13 -7.63
C PHE C 204 -39.73 22.58 -7.05
N PRO C 205 -39.51 23.91 -6.99
CA PRO C 205 -38.29 24.29 -6.24
C PRO C 205 -38.25 23.66 -4.84
N LEU C 206 -39.37 23.60 -4.13
CA LEU C 206 -39.28 23.02 -2.79
C LEU C 206 -39.09 21.52 -2.84
N GLN C 207 -39.62 20.88 -3.88
CA GLN C 207 -39.41 19.46 -4.05
C GLN C 207 -37.92 19.15 -4.28
N VAL C 208 -37.29 19.93 -5.15
CA VAL C 208 -35.86 19.77 -5.41
C VAL C 208 -35.08 19.95 -4.10
N ALA C 209 -35.40 20.99 -3.33
CA ALA C 209 -34.71 21.23 -2.06
C ALA C 209 -34.84 20.07 -1.11
N GLN C 210 -36.07 19.58 -0.94
CA GLN C 210 -36.30 18.52 0.01
C GLN C 210 -35.50 17.29 -0.35
N ALA C 211 -35.57 16.88 -1.60
CA ALA C 211 -34.95 15.64 -2.02
C ALA C 211 -33.43 15.74 -1.99
N VAL C 212 -32.88 16.95 -2.15
CA VAL C 212 -31.43 17.08 -2.04
C VAL C 212 -31.02 17.07 -0.56
N ARG C 213 -31.85 17.70 0.26
CA ARG C 213 -31.59 17.69 1.70
C ARG C 213 -31.45 16.27 2.26
N GLU C 214 -32.12 15.31 1.62
CA GLU C 214 -32.18 13.95 2.12
C GLU C 214 -30.92 13.19 1.80
N VAL C 215 -30.14 13.62 0.81
CA VAL C 215 -28.90 12.92 0.49
C VAL C 215 -27.64 13.63 0.98
N VAL C 216 -27.82 14.86 1.45
CA VAL C 216 -26.77 15.62 2.09
C VAL C 216 -26.85 15.39 3.59
N PRO C 217 -25.85 14.70 4.16
CA PRO C 217 -25.85 14.37 5.59
C PRO C 217 -26.16 15.62 6.40
N ARG C 218 -26.94 15.45 7.45
CA ARG C 218 -27.54 16.58 8.12
C ARG C 218 -26.49 17.49 8.76
N GLU C 219 -25.27 16.99 8.90
CA GLU C 219 -24.17 17.81 9.42
C GLU C 219 -23.47 18.69 8.38
N LEU C 220 -23.77 18.45 7.10
CA LEU C 220 -23.26 19.34 6.05
C LEU C 220 -24.34 20.37 5.68
N PRO C 221 -23.93 21.63 5.48
CA PRO C 221 -24.91 22.69 5.21
C PRO C 221 -25.48 22.58 3.81
N LEU C 222 -26.79 22.74 3.66
CA LEU C 222 -27.43 23.00 2.37
C LEU C 222 -27.85 24.45 2.21
N PHE C 223 -27.28 25.14 1.21
CA PHE C 223 -27.58 26.52 0.89
C PHE C 223 -28.62 26.56 -0.23
N VAL C 224 -29.47 27.59 -0.26
CA VAL C 224 -30.25 27.83 -1.47
C VAL C 224 -30.04 29.29 -1.85
N ARG C 225 -29.78 29.55 -3.12
CA ARG C 225 -29.64 30.93 -3.57
C ARG C 225 -30.92 31.28 -4.34
N VAL C 226 -31.44 32.48 -4.12
CA VAL C 226 -32.67 32.92 -4.74
C VAL C 226 -32.55 34.35 -5.20
N SER C 227 -33.27 34.70 -6.26
CA SER C 227 -33.55 36.12 -6.51
C SER C 227 -34.67 36.58 -5.62
N ALA C 228 -34.34 37.35 -4.58
CA ALA C 228 -35.34 37.80 -3.54
C ALA C 228 -36.45 38.68 -4.14
N THR C 229 -36.12 39.35 -5.22
CA THR C 229 -37.11 39.96 -6.12
C THR C 229 -36.62 39.81 -7.56
N ASP C 230 -37.55 39.93 -8.51
CA ASP C 230 -37.17 39.94 -9.92
C ASP C 230 -37.29 41.33 -10.49
N TRP C 231 -37.58 42.28 -9.60
CA TRP C 231 -37.76 43.70 -9.98
C TRP C 231 -38.93 44.06 -10.91
N GLY C 232 -39.65 43.07 -11.44
CA GLY C 232 -40.77 43.34 -12.37
C GLY C 232 -42.14 43.52 -11.70
N GLU C 233 -42.96 44.44 -12.24
CA GLU C 233 -44.34 44.63 -11.72
C GLU C 233 -45.06 43.31 -11.72
N GLY C 234 -45.74 42.97 -10.63
CA GLY C 234 -46.47 41.72 -10.56
C GLY C 234 -45.59 40.55 -10.22
N GLY C 235 -44.28 40.80 -10.16
CA GLY C 235 -43.26 39.75 -10.11
C GLY C 235 -43.07 39.10 -8.77
N TRP C 236 -42.06 38.24 -8.65
CA TRP C 236 -41.66 37.67 -7.35
C TRP C 236 -41.15 38.82 -6.48
N SER C 237 -41.64 38.90 -5.24
CA SER C 237 -41.28 40.01 -4.33
C SER C 237 -40.56 39.55 -3.07
N LEU C 238 -40.11 40.51 -2.27
CA LEU C 238 -39.63 40.20 -0.93
C LEU C 238 -40.62 39.41 -0.11
N GLU C 239 -41.89 39.79 -0.13
CA GLU C 239 -42.88 39.06 0.65
C GLU C 239 -42.88 37.57 0.25
N ASP C 240 -42.85 37.31 -1.05
CA ASP C 240 -42.81 35.91 -1.55
C ASP C 240 -41.56 35.18 -1.06
N THR C 241 -40.42 35.86 -1.14
CA THR C 241 -39.14 35.31 -0.65
C THR C 241 -39.20 34.92 0.83
N LEU C 242 -39.86 35.73 1.66
CA LEU C 242 -40.10 35.33 3.06
C LEU C 242 -40.87 34.00 3.20
N ALA C 243 -41.96 33.88 2.44
CA ALA C 243 -42.76 32.66 2.47
C ALA C 243 -41.88 31.51 2.01
N PHE C 244 -41.15 31.74 0.93
CA PHE C 244 -40.21 30.73 0.44
C PHE C 244 -39.18 30.32 1.51
N ALA C 245 -38.65 31.31 2.23
CA ALA C 245 -37.64 31.02 3.22
C ALA C 245 -38.22 30.22 4.37
N ARG C 246 -39.44 30.55 4.80
CA ARG C 246 -40.03 29.79 5.90
C ARG C 246 -40.14 28.30 5.58
N ARG C 247 -40.63 27.96 4.39
CA ARG C 247 -40.75 26.55 3.98
C ARG C 247 -39.36 25.93 3.87
N LEU C 248 -38.39 26.68 3.35
CA LEU C 248 -37.04 26.15 3.19
C LEU C 248 -36.51 25.83 4.58
N LYS C 249 -36.74 26.73 5.51
CA LYS C 249 -36.35 26.50 6.87
C LYS C 249 -36.92 25.20 7.42
N GLU C 250 -38.23 25.00 7.24
CA GLU C 250 -38.87 23.77 7.76
C GLU C 250 -38.31 22.51 7.08
N LEU C 251 -37.78 22.66 5.86
CA LEU C 251 -37.14 21.55 5.15
C LEU C 251 -35.72 21.22 5.59
N GLY C 252 -35.15 22.03 6.48
CA GLY C 252 -33.80 21.76 6.94
C GLY C 252 -32.70 22.41 6.11
N VAL C 253 -33.06 23.37 5.26
CA VAL C 253 -32.12 24.23 4.52
C VAL C 253 -31.45 25.17 5.53
N ASP C 254 -30.15 25.38 5.39
CA ASP C 254 -29.35 25.91 6.48
C ASP C 254 -29.15 27.40 6.31
N LEU C 255 -29.11 27.84 5.06
CA LEU C 255 -28.79 29.22 4.76
C LEU C 255 -29.42 29.59 3.43
N LEU C 256 -30.04 30.77 3.39
CA LEU C 256 -30.53 31.36 2.15
C LEU C 256 -29.57 32.40 1.60
N ASP C 257 -29.14 32.20 0.36
CA ASP C 257 -28.15 33.06 -0.30
C ASP C 257 -28.92 34.06 -1.14
N CYS C 258 -28.94 35.31 -0.70
CA CYS C 258 -29.88 36.28 -1.24
C CYS C 258 -29.36 37.12 -2.39
N SER C 259 -29.79 36.77 -3.60
CA SER C 259 -29.53 37.64 -4.73
C SER C 259 -30.85 38.27 -5.21
N SER C 260 -30.88 38.66 -6.48
CA SER C 260 -32.06 39.27 -7.08
C SER C 260 -31.95 39.34 -8.60
N GLY C 261 -33.07 39.51 -9.28
CA GLY C 261 -33.05 39.70 -10.75
C GLY C 261 -32.77 38.50 -11.66
N GLY C 262 -32.53 38.79 -12.94
CA GLY C 262 -32.18 37.76 -13.93
C GLY C 262 -33.36 37.05 -14.60
N VAL C 263 -34.55 37.12 -13.99
CA VAL C 263 -35.72 36.43 -14.52
C VAL C 263 -36.13 36.99 -15.89
N VAL C 264 -36.12 38.32 -16.01
CA VAL C 264 -36.37 38.95 -17.30
C VAL C 264 -35.45 40.14 -17.44
N LEU C 265 -35.26 40.59 -18.68
CA LEU C 265 -34.26 41.61 -18.96
C LEU C 265 -34.75 43.05 -18.76
N ARG C 266 -36.03 43.31 -18.95
CA ARG C 266 -36.45 44.72 -18.97
C ARG C 266 -37.03 45.23 -17.65
N VAL C 267 -36.19 45.23 -16.62
CA VAL C 267 -36.61 45.76 -15.33
C VAL C 267 -35.53 46.72 -14.88
N ARG C 268 -35.89 47.75 -14.12
CA ARG C 268 -34.88 48.63 -13.53
C ARG C 268 -34.33 48.04 -12.22
N ILE C 269 -33.01 47.94 -12.14
CA ILE C 269 -32.38 47.47 -10.92
C ILE C 269 -31.58 48.55 -10.22
N PRO C 270 -31.99 48.90 -9.01
CA PRO C 270 -31.28 49.97 -8.29
C PRO C 270 -29.93 49.50 -7.73
N LEU C 271 -28.96 49.23 -8.62
CA LEU C 271 -27.63 48.78 -8.20
C LEU C 271 -27.05 49.83 -7.26
N ALA C 272 -26.52 49.40 -6.14
CA ALA C 272 -25.76 50.27 -5.25
C ALA C 272 -25.02 49.34 -4.29
N PRO C 273 -23.97 49.85 -3.64
CA PRO C 273 -23.31 49.05 -2.63
C PRO C 273 -24.31 48.53 -1.61
N GLY C 274 -24.30 47.22 -1.44
CA GLY C 274 -25.23 46.56 -0.51
C GLY C 274 -26.69 46.55 -0.88
N PHE C 275 -27.02 46.84 -2.14
CA PHE C 275 -28.43 46.87 -2.57
C PHE C 275 -29.24 45.59 -2.32
N GLN C 276 -28.58 44.45 -2.07
CA GLN C 276 -29.29 43.17 -1.80
C GLN C 276 -29.24 42.79 -0.37
N VAL C 277 -28.47 43.55 0.40
CA VAL C 277 -28.41 43.35 1.82
C VAL C 277 -29.77 43.37 2.54
N PRO C 278 -30.69 44.29 2.16
CA PRO C 278 -32.02 44.31 2.83
C PRO C 278 -32.80 43.01 2.72
N PHE C 279 -32.58 42.28 1.60
CA PHE C 279 -33.20 40.98 1.40
C PHE C 279 -32.68 39.92 2.38
N ALA C 280 -31.36 39.81 2.54
CA ALA C 280 -30.77 38.90 3.55
C ALA C 280 -31.18 39.26 4.99
N ASP C 281 -31.26 40.57 5.27
CA ASP C 281 -31.65 41.14 6.57
C ASP C 281 -33.08 40.71 6.94
N ALA C 282 -34.01 40.92 6.03
CA ALA C 282 -35.42 40.67 6.30
C ALA C 282 -35.73 39.18 6.56
N VAL C 283 -35.09 38.29 5.81
CA VAL C 283 -35.28 36.86 6.00
C VAL C 283 -34.74 36.41 7.33
N ARG C 284 -33.51 36.85 7.61
CA ARG C 284 -32.82 36.52 8.85
C ARG C 284 -33.66 36.97 10.05
N LYS C 285 -34.06 38.23 10.07
CA LYS C 285 -34.73 38.78 11.26
C LYS C 285 -36.22 38.38 11.37
N ARG C 286 -36.91 38.24 10.25
CA ARG C 286 -38.36 37.97 10.25
C ARG C 286 -38.67 36.46 10.18
N VAL C 287 -37.75 35.68 9.61
CA VAL C 287 -38.00 34.28 9.40
C VAL C 287 -37.14 33.48 10.37
N GLY C 288 -35.94 34.00 10.61
CA GLY C 288 -34.99 33.31 11.46
C GLY C 288 -34.20 32.25 10.73
N LEU C 289 -34.11 32.38 9.41
CA LEU C 289 -33.22 31.50 8.63
C LEU C 289 -31.90 32.21 8.38
N ARG C 290 -30.77 31.52 8.54
CA ARG C 290 -29.49 32.19 8.29
C ARG C 290 -29.42 32.73 6.87
N THR C 291 -28.73 33.86 6.66
CA THR C 291 -28.65 34.37 5.32
C THR C 291 -27.20 34.59 4.88
N GLY C 292 -26.97 34.52 3.57
CA GLY C 292 -25.77 35.09 2.97
C GLY C 292 -26.09 36.37 2.22
N ALA C 293 -25.26 37.41 2.40
CA ALA C 293 -25.45 38.68 1.68
C ALA C 293 -24.47 38.74 0.54
N VAL C 294 -24.86 39.36 -0.58
CA VAL C 294 -24.01 39.43 -1.74
C VAL C 294 -24.48 40.63 -2.55
N GLY C 295 -23.58 41.22 -3.32
CA GLY C 295 -23.99 42.32 -4.18
C GLY C 295 -23.18 43.59 -3.90
N LEU C 296 -22.14 43.79 -4.70
CA LEU C 296 -21.37 45.04 -4.62
C LEU C 296 -20.88 45.25 -3.21
N ILE C 297 -20.33 44.21 -2.61
CA ILE C 297 -19.68 44.32 -1.31
C ILE C 297 -18.18 44.32 -1.56
N THR C 298 -17.51 45.41 -1.21
CA THR C 298 -16.12 45.62 -1.67
C THR C 298 -15.11 46.07 -0.58
N THR C 299 -15.60 46.42 0.61
CA THR C 299 -14.72 46.96 1.65
C THR C 299 -14.88 46.16 2.93
N PRO C 300 -13.79 45.96 3.66
CA PRO C 300 -13.85 45.31 4.97
C PRO C 300 -14.87 45.93 5.94
N GLU C 301 -14.92 47.26 5.98
CA GLU C 301 -15.76 47.93 6.97
C GLU C 301 -17.23 47.71 6.70
N GLN C 302 -17.55 47.78 5.41
CA GLN C 302 -18.82 47.41 4.86
C GLN C 302 -19.29 46.00 5.23
N ALA C 303 -18.44 45.01 4.91
CA ALA C 303 -18.65 43.61 5.32
C ALA C 303 -18.88 43.43 6.83
N GLU C 304 -18.02 44.07 7.64
CA GLU C 304 -18.10 43.97 9.11
C GLU C 304 -19.42 44.57 9.64
N THR C 305 -19.78 45.73 9.06
CA THR C 305 -20.91 46.50 9.55
C THR C 305 -22.23 45.77 9.30
N LEU C 306 -22.42 45.22 8.10
CA LEU C 306 -23.67 44.49 7.88
C LEU C 306 -23.85 43.26 8.80
N LEU C 307 -22.75 42.62 9.14
CA LEU C 307 -22.77 41.59 10.15
C LEU C 307 -23.10 42.15 11.56
N GLN C 308 -22.47 43.26 11.93
CA GLN C 308 -22.75 43.87 13.24
C GLN C 308 -24.24 44.18 13.35
N ALA C 309 -24.85 44.53 12.22
CA ALA C 309 -26.28 44.89 12.22
C ALA C 309 -27.22 43.67 12.26
N GLY C 310 -26.68 42.46 12.13
CA GLY C 310 -27.52 41.26 12.07
C GLY C 310 -28.11 41.02 10.69
N SER C 311 -27.52 41.61 9.65
CA SER C 311 -28.18 41.59 8.34
C SER C 311 -27.90 40.28 7.63
N ALA C 312 -26.82 39.60 7.98
CA ALA C 312 -26.55 38.36 7.31
C ALA C 312 -25.75 37.56 8.27
N ASP C 313 -25.54 36.29 7.97
CA ASP C 313 -24.53 35.51 8.70
C ASP C 313 -23.23 35.36 7.91
N LEU C 314 -23.32 35.50 6.59
CA LEU C 314 -22.21 35.15 5.68
C LEU C 314 -22.11 36.25 4.66
N VAL C 315 -20.87 36.64 4.34
CA VAL C 315 -20.70 37.68 3.36
C VAL C 315 -20.11 37.04 2.11
N LEU C 316 -20.86 37.12 1.00
CA LEU C 316 -20.35 36.65 -0.29
C LEU C 316 -19.71 37.74 -1.14
N LEU C 317 -18.59 37.38 -1.76
CA LEU C 317 -17.82 38.34 -2.55
C LEU C 317 -17.65 37.82 -3.98
N GLY C 318 -18.08 38.59 -4.97
CA GLY C 318 -17.94 38.14 -6.37
C GLY C 318 -16.79 38.88 -7.08
N ARG C 319 -17.15 39.94 -7.79
CA ARG C 319 -16.22 40.73 -8.57
C ARG C 319 -14.94 41.20 -7.88
N VAL C 320 -15.02 41.64 -6.62
CA VAL C 320 -13.80 42.14 -5.94
C VAL C 320 -12.76 41.02 -5.82
N LEU C 321 -13.23 39.77 -5.80
CA LEU C 321 -12.27 38.67 -5.82
C LEU C 321 -11.76 38.32 -7.24
N LEU C 322 -12.42 38.78 -8.32
CA LEU C 322 -11.83 38.59 -9.65
C LEU C 322 -10.65 39.54 -9.86
N ARG C 323 -10.68 40.70 -9.21
CA ARG C 323 -9.60 41.69 -9.40
C ARG C 323 -8.67 41.83 -8.18
N ASP C 324 -9.09 41.27 -7.06
CA ASP C 324 -8.30 41.32 -5.82
C ASP C 324 -8.46 40.01 -5.02
N PRO C 325 -7.91 38.88 -5.53
CA PRO C 325 -8.10 37.55 -4.90
C PRO C 325 -7.60 37.44 -3.44
N TYR C 326 -6.70 38.35 -3.03
CA TYR C 326 -6.19 38.30 -1.65
C TYR C 326 -6.89 39.35 -0.77
N PHE C 327 -7.89 40.03 -1.30
CA PHE C 327 -8.75 40.87 -0.43
C PHE C 327 -8.82 40.41 1.04
N PRO C 328 -9.15 39.12 1.27
CA PRO C 328 -9.50 38.76 2.68
C PRO C 328 -8.32 38.87 3.66
N LEU C 329 -7.12 38.57 3.23
CA LEU C 329 -5.95 38.84 4.07
C LEU C 329 -5.84 40.32 4.34
N ARG C 330 -6.09 41.16 3.33
CA ARG C 330 -6.05 42.62 3.50
C ARG C 330 -7.18 43.12 4.37
N ALA C 331 -8.33 42.46 4.29
CA ALA C 331 -9.47 42.85 5.12
C ALA C 331 -9.18 42.61 6.59
N ALA C 332 -8.56 41.48 6.94
CA ALA C 332 -8.22 41.22 8.35
C ALA C 332 -7.46 42.41 8.91
N LYS C 333 -6.41 42.80 8.19
CA LYS C 333 -5.50 43.84 8.64
C LYS C 333 -6.25 45.16 8.81
N ALA C 334 -7.04 45.52 7.81
CA ALA C 334 -7.95 46.65 7.93
C ALA C 334 -8.86 46.60 9.15
N LEU C 335 -9.12 45.41 9.68
CA LEU C 335 -10.05 45.30 10.81
C LEU C 335 -9.34 45.05 12.15
N GLY C 336 -8.01 45.16 12.17
CA GLY C 336 -7.23 44.95 13.40
C GLY C 336 -7.08 43.47 13.76
N VAL C 337 -7.31 42.60 12.78
CA VAL C 337 -7.10 41.19 12.98
C VAL C 337 -5.80 40.75 12.32
N ALA C 338 -5.11 39.80 12.94
CA ALA C 338 -3.88 39.25 12.36
C ALA C 338 -4.20 38.24 11.25
N PRO C 339 -3.84 38.56 10.01
CA PRO C 339 -4.29 37.66 8.96
C PRO C 339 -3.58 36.31 8.96
N GLU C 340 -4.34 35.24 8.77
CA GLU C 340 -3.77 33.95 8.54
C GLU C 340 -3.14 34.02 7.17
N VAL C 341 -1.82 34.12 7.11
CA VAL C 341 -1.11 34.31 5.87
C VAL C 341 -0.16 33.14 5.67
N PRO C 342 -0.03 32.66 4.43
CA PRO C 342 0.93 31.59 4.20
C PRO C 342 2.32 32.04 4.64
N PRO C 343 3.06 31.17 5.34
CA PRO C 343 4.39 31.49 5.81
C PRO C 343 5.31 32.08 4.73
N GLN C 344 5.17 31.63 3.49
CA GLN C 344 6.00 32.15 2.41
C GLN C 344 5.76 33.65 2.19
N TYR C 345 4.60 34.13 2.65
CA TYR C 345 4.19 35.49 2.34
C TYR C 345 4.29 36.40 3.56
N GLN C 346 4.76 35.85 4.67
CA GLN C 346 4.79 36.59 5.93
C GLN C 346 5.40 37.99 5.77
N ARG C 347 6.51 38.06 5.04
CA ARG C 347 7.23 39.30 4.89
C ARG C 347 6.44 40.33 4.08
N GLY C 348 5.37 39.87 3.44
CA GLY C 348 4.55 40.79 2.65
C GLY C 348 3.49 41.52 3.44
N PHE C 349 3.27 41.10 4.70
CA PHE C 349 2.15 41.68 5.44
C PHE C 349 2.62 42.35 6.71
N ALA D 2 34.22 14.25 20.50
CA ALA D 2 34.71 12.92 20.02
C ALA D 2 35.05 12.97 18.54
N LEU D 3 36.17 12.36 18.19
CA LEU D 3 36.67 12.50 16.83
C LEU D 3 35.80 11.74 15.88
N LEU D 4 35.29 10.58 16.31
CA LEU D 4 34.38 9.78 15.46
C LEU D 4 33.25 10.65 14.87
N PHE D 5 32.76 11.57 15.68
CA PHE D 5 31.71 12.49 15.22
C PHE D 5 32.20 13.89 14.88
N THR D 6 33.43 14.00 14.42
CA THR D 6 33.89 15.27 13.85
C THR D 6 34.00 15.14 12.31
N PRO D 7 33.69 16.22 11.56
CA PRO D 7 33.73 16.16 10.09
C PRO D 7 35.13 15.82 9.53
N LEU D 8 35.18 15.16 8.40
CA LEU D 8 36.44 14.82 7.76
C LEU D 8 36.47 15.52 6.42
N GLU D 9 37.49 16.34 6.19
CA GLU D 9 37.57 17.14 4.96
C GLU D 9 38.37 16.41 3.89
N LEU D 10 37.74 16.13 2.76
CA LEU D 10 38.42 15.45 1.65
C LEU D 10 38.32 16.25 0.37
N GLY D 11 39.36 17.02 0.09
CA GLY D 11 39.33 17.93 -1.03
C GLY D 11 38.15 18.85 -0.86
N GLY D 12 37.21 18.78 -1.79
CA GLY D 12 36.10 19.73 -1.81
C GLY D 12 34.94 19.26 -0.96
N LEU D 13 35.12 18.10 -0.32
CA LEU D 13 34.00 17.37 0.25
C LEU D 13 34.07 17.28 1.77
N ARG D 14 32.93 17.46 2.43
CA ARG D 14 32.85 17.18 3.86
C ARG D 14 32.03 15.92 4.20
N LEU D 15 32.64 14.95 4.85
CA LEU D 15 31.89 13.90 5.50
C LEU D 15 31.55 14.39 6.91
N LYS D 16 30.29 14.27 7.32
CA LYS D 16 29.86 14.87 8.56
C LYS D 16 30.44 14.12 9.73
N ASN D 17 30.84 12.88 9.51
CA ASN D 17 31.49 12.17 10.60
C ASN D 17 32.47 11.19 10.05
N ARG D 18 33.08 10.42 10.92
CA ARG D 18 34.15 9.54 10.49
C ARG D 18 33.69 8.11 10.34
N LEU D 19 32.38 7.89 10.37
CA LEU D 19 31.83 6.56 10.11
C LEU D 19 31.40 6.42 8.64
N ALA D 20 31.77 5.29 8.06
CA ALA D 20 31.40 4.93 6.70
C ALA D 20 30.93 3.48 6.68
N MET D 21 29.83 3.24 5.96
CA MET D 21 29.43 1.88 5.58
C MET D 21 30.37 1.27 4.55
N SER D 22 31.08 0.22 4.93
CA SER D 22 31.97 -0.50 4.04
C SER D 22 31.13 -1.18 2.94
N PRO D 23 31.67 -1.32 1.72
CA PRO D 23 30.99 -2.01 0.61
C PRO D 23 30.68 -3.47 0.88
N MET D 24 29.43 -3.87 0.71
CA MET D 24 29.07 -5.23 1.02
C MET D 24 28.09 -5.74 -0.05
N CYS D 25 28.59 -6.51 -0.99
CA CYS D 25 27.75 -7.15 -1.98
C CYS D 25 26.48 -7.71 -1.32
N GLN D 26 25.37 -7.36 -1.94
CA GLN D 26 24.04 -7.89 -1.61
C GLN D 26 23.52 -9.03 -2.55
N TYR D 27 24.15 -9.21 -3.71
CA TYR D 27 23.70 -10.26 -4.67
C TYR D 27 22.19 -10.23 -4.97
N SER D 28 21.65 -9.03 -5.25
CA SER D 28 20.21 -8.80 -5.27
C SER D 28 19.83 -7.84 -6.38
N ALA D 29 20.77 -7.57 -7.29
CA ALA D 29 20.48 -6.89 -8.55
C ALA D 29 19.73 -7.83 -9.53
N THR D 30 19.16 -7.25 -10.60
CA THR D 30 18.64 -8.04 -11.72
C THR D 30 19.79 -8.62 -12.50
N LEU D 31 19.47 -9.64 -13.27
CA LEU D 31 20.42 -10.24 -14.16
C LEU D 31 21.17 -9.23 -15.00
N GLU D 32 20.53 -8.11 -15.34
CA GLU D 32 21.20 -7.07 -16.11
C GLU D 32 22.02 -6.09 -15.26
N GLY D 33 22.19 -6.38 -13.97
CA GLY D 33 22.97 -5.49 -13.10
C GLY D 33 22.20 -4.27 -12.60
N GLU D 34 20.87 -4.36 -12.59
CA GLU D 34 20.09 -3.20 -12.14
C GLU D 34 19.86 -3.12 -10.63
N VAL D 35 19.88 -1.88 -10.11
CA VAL D 35 19.44 -1.60 -8.74
C VAL D 35 18.00 -2.11 -8.55
N THR D 36 17.71 -2.78 -7.44
CA THR D 36 16.34 -3.22 -7.19
C THR D 36 15.77 -2.63 -5.91
N ASP D 37 14.53 -3.01 -5.61
CA ASP D 37 13.91 -2.62 -4.35
C ASP D 37 14.75 -2.99 -3.15
N TRP D 38 15.55 -4.04 -3.27
CA TRP D 38 16.36 -4.45 -2.15
C TRP D 38 17.43 -3.41 -1.81
N HIS D 39 18.16 -2.96 -2.82
CA HIS D 39 19.12 -1.90 -2.58
C HIS D 39 18.40 -0.64 -2.08
N LEU D 40 17.25 -0.29 -2.65
CA LEU D 40 16.56 0.92 -2.22
C LEU D 40 16.12 0.89 -0.74
N LEU D 41 16.00 -0.31 -0.17
CA LEU D 41 15.64 -0.45 1.24
C LEU D 41 16.88 -0.60 2.11
N HIS D 42 17.82 -1.43 1.67
CA HIS D 42 19.03 -1.74 2.41
C HIS D 42 19.82 -0.47 2.71
N TYR D 43 20.00 0.36 1.69
CA TYR D 43 20.99 1.43 1.85
C TYR D 43 20.45 2.63 2.61
N PRO D 44 19.22 3.07 2.26
CA PRO D 44 18.83 4.26 3.00
C PRO D 44 18.63 4.01 4.50
N THR D 45 18.30 2.77 4.86
CA THR D 45 18.24 2.38 6.29
C THR D 45 19.50 2.75 7.07
N ARG D 46 20.66 2.45 6.50
CA ARG D 46 21.91 2.73 7.19
C ARG D 46 22.20 4.21 7.16
N ALA D 47 21.67 4.88 6.15
CA ALA D 47 21.84 6.32 5.99
C ALA D 47 21.08 7.05 7.10
N LEU D 48 19.83 6.65 7.31
CA LEU D 48 19.10 7.13 8.47
C LEU D 48 19.83 6.73 9.76
N GLY D 49 20.52 5.59 9.71
CA GLY D 49 21.23 5.07 10.88
C GLY D 49 22.39 5.93 11.35
N GLY D 50 22.79 6.90 10.51
CA GLY D 50 23.64 7.99 10.95
C GLY D 50 25.04 8.08 10.34
N VAL D 51 25.36 7.14 9.48
CA VAL D 51 26.69 7.04 8.90
C VAL D 51 26.93 8.26 7.96
N GLY D 52 28.15 8.81 7.94
CA GLY D 52 28.41 10.00 7.11
C GLY D 52 28.65 9.69 5.64
N LEU D 53 29.09 8.47 5.37
CA LEU D 53 29.41 8.02 4.01
C LEU D 53 28.92 6.57 3.85
N ILE D 54 28.21 6.30 2.77
CA ILE D 54 27.94 4.91 2.40
C ILE D 54 28.71 4.58 1.12
N LEU D 55 29.59 3.58 1.16
CA LEU D 55 30.14 3.02 -0.08
C LEU D 55 29.31 1.84 -0.56
N VAL D 56 28.59 2.07 -1.64
CA VAL D 56 27.83 1.00 -2.28
C VAL D 56 28.76 -0.14 -2.70
N GLU D 57 28.26 -1.36 -2.49
CA GLU D 57 28.96 -2.61 -2.81
C GLU D 57 29.66 -2.62 -4.18
N ALA D 58 30.62 -3.52 -4.34
CA ALA D 58 31.32 -3.72 -5.60
C ALA D 58 30.37 -3.68 -6.79
N THR D 59 30.63 -2.76 -7.72
CA THR D 59 29.79 -2.54 -8.88
C THR D 59 30.59 -2.76 -10.17
N ALA D 60 30.29 -3.84 -10.88
CA ALA D 60 31.21 -4.31 -11.90
C ALA D 60 31.27 -3.34 -13.04
N VAL D 61 32.46 -3.12 -13.57
CA VAL D 61 32.61 -2.14 -14.65
C VAL D 61 32.37 -2.78 -16.03
N GLU D 62 32.39 -4.11 -16.09
CA GLU D 62 31.95 -4.83 -17.28
C GLU D 62 31.30 -6.11 -16.82
N PRO D 63 30.49 -6.74 -17.68
CA PRO D 63 29.77 -7.93 -17.22
C PRO D 63 30.68 -9.07 -16.71
N LEU D 64 31.84 -9.25 -17.34
CA LEU D 64 32.72 -10.36 -16.97
C LEU D 64 33.44 -10.07 -15.67
N GLY D 65 33.38 -8.80 -15.23
CA GLY D 65 34.00 -8.40 -13.97
C GLY D 65 33.11 -8.58 -12.74
N ARG D 66 31.91 -9.13 -12.93
CA ARG D 66 31.01 -9.43 -11.82
C ARG D 66 31.43 -10.64 -11.01
N ILE D 67 31.16 -10.60 -9.71
CA ILE D 67 31.16 -11.81 -8.90
C ILE D 67 29.96 -12.69 -9.24
N SER D 68 28.76 -12.18 -9.04
CA SER D 68 27.60 -13.00 -9.32
C SER D 68 26.82 -12.44 -10.49
N PRO D 69 25.92 -13.26 -11.07
CA PRO D 69 24.93 -12.80 -12.06
C PRO D 69 24.01 -11.71 -11.53
N TYR D 70 24.03 -11.48 -10.21
CA TYR D 70 23.16 -10.47 -9.60
C TYR D 70 23.91 -9.39 -8.82
N ASP D 71 25.16 -9.12 -9.22
CA ASP D 71 25.86 -7.92 -8.80
C ASP D 71 25.24 -6.67 -9.44
N LEU D 72 25.41 -5.52 -8.80
CA LEU D 72 25.22 -4.22 -9.46
C LEU D 72 26.24 -4.09 -10.59
N GLY D 73 25.88 -3.42 -11.69
CA GLY D 73 26.85 -3.12 -12.74
C GLY D 73 26.78 -1.66 -13.11
N ILE D 74 27.73 -1.19 -13.88
CA ILE D 74 27.69 0.20 -14.24
C ILE D 74 28.26 0.32 -15.65
N TRP D 75 28.18 -0.79 -16.39
CA TRP D 75 28.76 -0.85 -17.73
C TRP D 75 27.80 -0.27 -18.75
N SER D 76 26.57 0.04 -18.33
CA SER D 76 25.58 0.56 -19.27
C SER D 76 24.92 1.87 -18.86
N GLU D 77 24.64 2.71 -19.85
CA GLU D 77 23.81 3.89 -19.65
C GLU D 77 22.47 3.55 -19.01
N ASP D 78 21.91 2.37 -19.28
CA ASP D 78 20.64 1.97 -18.65
C ASP D 78 20.79 1.65 -17.16
N HIS D 79 22.02 1.69 -16.66
CA HIS D 79 22.22 1.50 -15.23
C HIS D 79 21.94 2.77 -14.46
N LEU D 80 21.76 3.87 -15.18
CA LEU D 80 21.83 5.19 -14.58
C LEU D 80 20.54 5.58 -13.81
N PRO D 81 19.36 5.34 -14.39
CA PRO D 81 18.15 5.65 -13.64
C PRO D 81 18.21 4.99 -12.26
N GLY D 82 18.59 3.71 -12.21
CA GLY D 82 18.69 2.98 -10.94
C GLY D 82 19.72 3.53 -9.97
N LEU D 83 20.96 3.66 -10.45
CA LEU D 83 22.06 4.17 -9.67
C LEU D 83 21.71 5.57 -9.18
N LYS D 84 21.09 6.35 -10.05
CA LYS D 84 20.79 7.72 -9.69
C LYS D 84 19.76 7.74 -8.54
N GLU D 85 18.80 6.84 -8.57
CA GLU D 85 17.78 6.80 -7.50
C GLU D 85 18.33 6.29 -6.15
N LEU D 86 19.29 5.35 -6.21
CA LEU D 86 19.98 4.85 -5.02
C LEU D 86 20.76 5.96 -4.29
N ALA D 87 21.73 6.57 -4.98
CA ALA D 87 22.39 7.76 -4.47
C ALA D 87 21.40 8.79 -3.93
N ARG D 88 20.36 9.08 -4.69
CA ARG D 88 19.38 10.07 -4.22
C ARG D 88 18.73 9.70 -2.89
N ARG D 89 18.30 8.46 -2.76
CA ARG D 89 17.72 8.00 -1.51
C ARG D 89 18.73 7.99 -0.36
N ILE D 90 19.98 7.68 -0.67
CA ILE D 90 21.01 7.66 0.34
C ILE D 90 21.24 9.08 0.85
N ARG D 91 21.45 10.00 -0.12
CA ARG D 91 21.61 11.42 0.17
C ARG D 91 20.44 11.91 0.97
N GLU D 92 19.24 11.54 0.52
CA GLU D 92 18.04 12.03 1.17
C GLU D 92 17.96 11.59 2.63
N ALA D 93 18.44 10.40 2.95
CA ALA D 93 18.46 9.91 4.33
C ALA D 93 19.66 10.40 5.17
N GLY D 94 20.59 11.15 4.56
CA GLY D 94 21.55 11.94 5.32
C GLY D 94 23.01 11.62 5.09
N ALA D 95 23.31 10.63 4.26
CA ALA D 95 24.68 10.20 4.04
C ALA D 95 25.24 10.72 2.71
N VAL D 96 26.55 10.87 2.62
CA VAL D 96 27.16 11.05 1.33
C VAL D 96 27.20 9.71 0.57
N PRO D 97 26.68 9.68 -0.68
CA PRO D 97 26.75 8.41 -1.47
C PRO D 97 28.10 8.19 -2.18
N GLY D 98 28.75 7.07 -1.87
CA GLY D 98 29.96 6.64 -2.55
C GLY D 98 29.65 5.32 -3.21
N ILE D 99 30.52 4.88 -4.13
CA ILE D 99 30.34 3.59 -4.81
C ILE D 99 31.71 2.94 -5.03
N GLN D 100 31.76 1.61 -4.91
CA GLN D 100 32.97 0.87 -5.18
C GLN D 100 32.93 0.27 -6.58
N LEU D 101 33.86 0.70 -7.44
CA LEU D 101 33.93 0.18 -8.80
C LEU D 101 34.83 -1.04 -8.81
N ALA D 102 34.41 -2.10 -9.49
CA ALA D 102 35.07 -3.38 -9.35
C ALA D 102 35.20 -4.25 -10.60
N HIS D 103 36.16 -5.17 -10.54
CA HIS D 103 36.32 -6.24 -11.49
C HIS D 103 36.82 -7.48 -10.75
N ALA D 104 36.03 -8.54 -10.75
CA ALA D 104 36.38 -9.78 -10.06
C ALA D 104 37.50 -10.57 -10.69
N GLY D 105 37.81 -10.32 -11.96
CA GLY D 105 39.00 -10.96 -12.54
C GLY D 105 38.86 -12.48 -12.43
N ARG D 106 39.88 -13.15 -11.92
CA ARG D 106 39.85 -14.62 -11.91
C ARG D 106 38.90 -15.23 -10.91
N LYS D 107 38.28 -14.40 -10.09
CA LYS D 107 37.27 -14.88 -9.16
C LYS D 107 35.87 -14.53 -9.64
N ALA D 108 35.81 -13.89 -10.81
CA ALA D 108 34.54 -13.63 -11.48
C ALA D 108 33.66 -14.87 -11.59
N GLY D 109 32.36 -14.65 -11.71
CA GLY D 109 31.43 -15.69 -12.17
C GLY D 109 31.23 -16.82 -11.20
N THR D 110 30.71 -16.52 -10.01
CA THR D 110 30.30 -17.55 -9.08
C THR D 110 28.86 -17.28 -8.68
N ALA D 111 28.16 -18.33 -8.26
CA ALA D 111 26.78 -18.22 -7.80
C ALA D 111 26.69 -17.46 -6.49
N ARG D 112 25.50 -17.01 -6.15
CA ARG D 112 25.28 -16.38 -4.87
C ARG D 112 25.69 -17.29 -3.74
N PRO D 113 26.29 -16.70 -2.70
CA PRO D 113 26.72 -17.45 -1.52
C PRO D 113 25.67 -18.43 -1.02
N TRP D 114 24.42 -17.97 -0.89
CA TRP D 114 23.36 -18.82 -0.37
C TRP D 114 22.75 -19.70 -1.46
N GLU D 115 23.43 -19.82 -2.58
CA GLU D 115 23.08 -20.81 -3.57
C GLU D 115 24.31 -21.60 -3.98
N GLY D 116 25.23 -21.73 -3.04
CA GLY D 116 26.33 -22.66 -3.18
C GLY D 116 27.60 -22.05 -3.73
N GLY D 117 27.55 -20.76 -4.03
CA GLY D 117 28.73 -20.03 -4.44
C GLY D 117 29.66 -20.69 -5.44
N LYS D 118 29.17 -21.61 -6.27
CA LYS D 118 30.05 -22.38 -7.20
C LYS D 118 30.35 -21.62 -8.48
N PRO D 119 31.55 -21.87 -9.06
CA PRO D 119 31.91 -21.33 -10.38
C PRO D 119 30.85 -21.61 -11.46
N LEU D 120 30.69 -20.67 -12.39
CA LEU D 120 29.63 -20.75 -13.36
C LEU D 120 30.17 -20.97 -14.76
N GLY D 121 31.49 -21.11 -14.89
CA GLY D 121 32.09 -21.38 -16.19
C GLY D 121 32.31 -20.19 -17.13
N TRP D 122 32.22 -18.96 -16.64
CA TRP D 122 32.47 -17.79 -17.50
C TRP D 122 33.91 -17.78 -17.99
N ARG D 123 34.20 -16.92 -18.97
CA ARG D 123 35.57 -16.71 -19.44
C ARG D 123 36.26 -15.64 -18.62
N VAL D 124 36.67 -15.98 -17.41
CA VAL D 124 37.21 -14.99 -16.49
C VAL D 124 38.65 -14.63 -16.89
N VAL D 125 39.05 -13.39 -16.61
CA VAL D 125 40.40 -12.91 -16.95
C VAL D 125 41.31 -12.78 -15.72
N GLY D 126 42.61 -12.65 -15.95
CA GLY D 126 43.60 -12.62 -14.89
C GLY D 126 44.92 -12.13 -15.46
N PRO D 127 45.90 -11.87 -14.58
CA PRO D 127 47.19 -11.45 -15.14
C PRO D 127 47.94 -12.66 -15.71
N SER D 128 47.67 -13.82 -15.13
CA SER D 128 48.37 -15.04 -15.46
C SER D 128 47.37 -16.17 -15.42
N PRO D 129 47.73 -17.31 -16.01
CA PRO D 129 46.85 -18.48 -16.02
C PRO D 129 47.06 -19.39 -14.83
N ILE D 130 46.72 -18.91 -13.63
CA ILE D 130 46.68 -19.75 -12.43
C ILE D 130 45.27 -19.66 -11.83
N PRO D 131 44.61 -20.81 -11.64
CA PRO D 131 43.24 -20.72 -11.15
C PRO D 131 43.26 -20.30 -9.70
N PHE D 132 42.19 -19.63 -9.26
CA PHE D 132 42.10 -19.14 -7.90
C PHE D 132 42.35 -20.27 -6.92
N ASP D 133 41.49 -21.28 -6.94
CA ASP D 133 41.72 -22.53 -6.21
C ASP D 133 41.11 -23.71 -6.98
N GLU D 134 41.41 -24.92 -6.54
CA GLU D 134 40.77 -26.11 -7.08
C GLU D 134 39.28 -25.85 -7.26
N GLY D 135 38.68 -26.47 -8.29
CA GLY D 135 37.31 -26.17 -8.64
C GLY D 135 37.19 -24.94 -9.52
N TYR D 136 38.11 -23.99 -9.35
CA TYR D 136 38.03 -22.70 -10.05
C TYR D 136 38.66 -22.71 -11.44
N PRO D 137 38.03 -22.02 -12.40
CA PRO D 137 38.55 -22.01 -13.78
C PRO D 137 39.98 -21.52 -13.81
N VAL D 138 40.73 -21.83 -14.88
CA VAL D 138 41.99 -21.12 -15.17
C VAL D 138 41.62 -19.87 -15.94
N PRO D 139 42.04 -18.69 -15.44
CA PRO D 139 41.70 -17.43 -16.08
C PRO D 139 42.44 -17.25 -17.40
N GLU D 140 41.94 -16.39 -18.29
CA GLU D 140 42.72 -15.96 -19.45
C GLU D 140 43.61 -14.78 -19.09
N PRO D 141 44.91 -14.91 -19.37
CA PRO D 141 45.77 -13.76 -19.10
C PRO D 141 45.41 -12.63 -20.05
N LEU D 142 45.28 -11.42 -19.51
CA LEU D 142 45.00 -10.27 -20.35
C LEU D 142 46.16 -9.93 -21.28
N ASP D 143 45.84 -9.51 -22.50
CA ASP D 143 46.85 -8.87 -23.33
C ASP D 143 46.67 -7.37 -23.26
N GLU D 144 47.49 -6.64 -23.99
CA GLU D 144 47.45 -5.19 -23.91
C GLU D 144 46.11 -4.61 -24.33
N ALA D 145 45.44 -5.27 -25.28
CA ALA D 145 44.12 -4.83 -25.69
C ALA D 145 43.15 -4.89 -24.51
N GLY D 146 43.10 -6.04 -23.85
CA GLY D 146 42.16 -6.27 -22.77
C GLY D 146 42.39 -5.41 -21.53
N MET D 147 43.65 -5.11 -21.23
CA MET D 147 43.96 -4.22 -20.12
C MET D 147 43.41 -2.84 -20.42
N GLU D 148 43.59 -2.38 -21.66
CA GLU D 148 43.12 -1.05 -22.07
C GLU D 148 41.58 -0.98 -22.07
N ARG D 149 40.94 -2.05 -22.51
CA ARG D 149 39.49 -2.12 -22.41
C ARG D 149 39.04 -2.08 -20.96
N ILE D 150 39.67 -2.88 -20.11
CA ILE D 150 39.34 -2.86 -18.70
C ILE D 150 39.55 -1.50 -18.06
N LEU D 151 40.64 -0.83 -18.44
CA LEU D 151 40.92 0.52 -17.95
C LEU D 151 39.80 1.51 -18.30
N GLN D 152 39.38 1.49 -19.56
CA GLN D 152 38.37 2.44 -20.06
C GLN D 152 37.01 2.14 -19.43
N ALA D 153 36.80 0.88 -19.06
CA ALA D 153 35.59 0.47 -18.34
C ALA D 153 35.55 1.13 -16.96
N PHE D 154 36.71 1.10 -16.28
CA PHE D 154 36.86 1.78 -15.02
C PHE D 154 36.63 3.28 -15.14
N VAL D 155 37.21 3.92 -16.16
CA VAL D 155 37.02 5.37 -16.38
C VAL D 155 35.58 5.77 -16.67
N GLU D 156 34.90 4.95 -17.46
CA GLU D 156 33.53 5.22 -17.90
C GLU D 156 32.56 4.87 -16.79
N GLY D 157 32.87 3.81 -16.05
CA GLY D 157 32.18 3.53 -14.80
C GLY D 157 32.34 4.67 -13.81
N ALA D 158 33.54 5.22 -13.71
CA ALA D 158 33.77 6.38 -12.85
C ALA D 158 32.95 7.60 -13.31
N ARG D 159 32.94 7.87 -14.62
CA ARG D 159 32.09 8.93 -15.20
C ARG D 159 30.58 8.71 -15.00
N ARG D 160 30.13 7.49 -15.23
CA ARG D 160 28.70 7.19 -15.02
C ARG D 160 28.26 7.42 -13.56
N ALA D 161 29.07 6.92 -12.63
CA ALA D 161 28.85 7.08 -11.19
C ALA D 161 28.72 8.55 -10.81
N LEU D 162 29.62 9.37 -11.33
CA LEU D 162 29.52 10.79 -11.06
C LEU D 162 28.22 11.36 -11.65
N ARG D 163 27.83 10.88 -12.82
CA ARG D 163 26.61 11.32 -13.45
C ARG D 163 25.41 10.94 -12.61
N ALA D 164 25.50 9.81 -11.92
CA ALA D 164 24.37 9.32 -11.12
C ALA D 164 24.36 10.04 -9.79
N GLY D 165 25.33 10.93 -9.57
CA GLY D 165 25.36 11.65 -8.29
C GLY D 165 26.14 11.03 -7.14
N PHE D 166 26.98 10.04 -7.37
CA PHE D 166 27.95 9.66 -6.33
C PHE D 166 29.13 10.63 -6.21
N GLN D 167 29.59 10.88 -4.98
CA GLN D 167 30.62 11.89 -4.72
C GLN D 167 31.92 11.25 -4.25
N VAL D 168 31.89 9.96 -3.89
CA VAL D 168 33.14 9.29 -3.53
C VAL D 168 33.27 8.09 -4.40
N ILE D 169 34.38 8.00 -5.12
CA ILE D 169 34.62 6.83 -5.93
C ILE D 169 35.66 5.95 -5.25
N GLU D 170 35.41 4.66 -5.11
CA GLU D 170 36.47 3.78 -4.65
C GLU D 170 36.78 2.75 -5.70
N LEU D 171 38.06 2.57 -5.99
CA LEU D 171 38.52 1.53 -6.88
C LEU D 171 38.91 0.31 -6.04
N HIS D 172 38.30 -0.82 -6.37
CA HIS D 172 38.53 -2.09 -5.65
C HIS D 172 39.78 -2.76 -6.19
N MET D 173 40.87 -2.69 -5.45
CA MET D 173 42.11 -3.34 -5.86
C MET D 173 42.57 -4.27 -4.75
N ALA D 174 41.58 -4.93 -4.12
CA ALA D 174 41.80 -5.78 -2.95
C ALA D 174 41.14 -7.16 -3.16
N HIS D 175 41.41 -8.09 -2.24
CA HIS D 175 40.64 -9.33 -2.10
C HIS D 175 40.77 -10.35 -3.24
N GLY D 176 41.90 -10.35 -3.93
CA GLY D 176 42.13 -11.30 -4.99
C GLY D 176 41.38 -11.05 -6.29
N TYR D 177 40.62 -9.96 -6.36
CA TYR D 177 39.99 -9.59 -7.62
C TYR D 177 41.02 -8.96 -8.56
N LEU D 178 40.60 -8.43 -9.69
CA LEU D 178 41.50 -8.30 -10.82
C LEU D 178 42.75 -7.47 -10.49
N LEU D 179 42.55 -6.22 -10.08
CA LEU D 179 43.69 -5.34 -9.82
C LEU D 179 44.56 -5.83 -8.67
N SER D 180 43.91 -6.47 -7.70
CA SER D 180 44.63 -7.01 -6.57
C SER D 180 45.52 -8.17 -7.01
N SER D 181 45.01 -9.04 -7.89
CA SER D 181 45.78 -10.17 -8.39
C SER D 181 46.97 -9.75 -9.28
N PHE D 182 46.95 -8.53 -9.77
CA PHE D 182 48.08 -8.01 -10.53
C PHE D 182 49.21 -7.63 -9.59
N LEU D 183 48.83 -7.16 -8.39
CA LEU D 183 49.82 -6.70 -7.40
C LEU D 183 50.57 -7.88 -6.83
N SER D 184 49.83 -8.89 -6.40
CA SER D 184 50.44 -9.99 -5.71
C SER D 184 51.22 -10.88 -6.69
N PRO D 185 52.41 -11.31 -6.27
CA PRO D 185 53.16 -12.26 -7.09
C PRO D 185 52.63 -13.67 -6.89
N LEU D 186 51.72 -13.82 -5.95
CA LEU D 186 51.02 -15.08 -5.76
C LEU D 186 50.17 -15.47 -6.97
N SER D 187 49.67 -14.47 -7.68
CA SER D 187 48.72 -14.71 -8.77
C SER D 187 49.20 -14.01 -10.05
N ASN D 188 50.15 -13.10 -9.90
CA ASN D 188 50.71 -12.44 -11.06
C ASN D 188 52.12 -12.95 -11.30
N GLN D 189 52.24 -13.83 -12.28
CA GLN D 189 53.54 -14.38 -12.64
C GLN D 189 53.94 -13.92 -14.04
N ARG D 190 53.37 -12.80 -14.49
CA ARG D 190 53.67 -12.30 -15.80
C ARG D 190 55.15 -12.03 -16.02
N THR D 191 55.56 -12.08 -17.29
CA THR D 191 56.96 -11.98 -17.65
C THR D 191 57.16 -10.84 -18.61
N ASP D 192 56.10 -10.06 -18.81
CA ASP D 192 56.23 -8.83 -19.57
C ASP D 192 56.44 -7.62 -18.66
N ALA D 193 56.12 -6.41 -19.15
CA ALA D 193 56.21 -5.23 -18.31
C ALA D 193 55.11 -5.17 -17.24
N TYR D 194 54.41 -6.28 -17.02
CA TYR D 194 53.32 -6.29 -16.01
C TYR D 194 53.42 -7.40 -14.97
N GLY D 195 54.57 -8.08 -14.93
CA GLY D 195 54.81 -9.10 -13.92
C GLY D 195 56.27 -9.06 -13.54
N GLY D 196 56.69 -9.89 -12.59
CA GLY D 196 58.06 -9.86 -12.11
C GLY D 196 58.32 -8.90 -10.96
N SER D 197 58.89 -7.74 -11.27
CA SER D 197 59.29 -6.81 -10.22
C SER D 197 58.09 -6.11 -9.59
N LEU D 198 58.31 -5.48 -8.44
CA LEU D 198 57.25 -4.76 -7.74
C LEU D 198 56.76 -3.58 -8.59
N GLU D 199 57.68 -2.97 -9.32
CA GLU D 199 57.38 -1.90 -10.26
C GLU D 199 56.42 -2.35 -11.36
N ASN D 200 56.67 -3.53 -11.91
CA ASN D 200 55.85 -4.09 -13.00
C ASN D 200 54.43 -4.47 -12.54
N ARG D 201 54.37 -5.17 -11.41
CA ARG D 201 53.10 -5.55 -10.80
C ARG D 201 52.22 -4.36 -10.42
N MET D 202 52.83 -3.26 -9.99
CA MET D 202 52.08 -2.06 -9.64
C MET D 202 51.58 -1.38 -10.90
N ARG D 203 52.10 -1.82 -12.05
CA ARG D 203 51.97 -1.06 -13.30
C ARG D 203 50.53 -0.91 -13.81
N PHE D 204 49.80 -2.00 -13.96
CA PHE D 204 48.43 -1.87 -14.44
C PHE D 204 47.55 -1.20 -13.37
N PRO D 205 47.69 -1.59 -12.10
CA PRO D 205 46.88 -0.92 -11.08
C PRO D 205 47.06 0.61 -11.08
N LEU D 206 48.31 1.08 -11.18
CA LEU D 206 48.56 2.51 -11.15
C LEU D 206 48.12 3.18 -12.42
N GLN D 207 48.12 2.47 -13.53
CA GLN D 207 47.50 3.03 -14.72
C GLN D 207 46.01 3.27 -14.46
N VAL D 208 45.34 2.28 -13.89
CA VAL D 208 43.89 2.42 -13.68
C VAL D 208 43.58 3.64 -12.81
N ALA D 209 44.28 3.73 -11.66
CA ALA D 209 44.15 4.87 -10.75
C ALA D 209 44.37 6.25 -11.38
N GLN D 210 45.50 6.40 -12.08
CA GLN D 210 45.77 7.63 -12.83
C GLN D 210 44.61 7.96 -13.73
N ALA D 211 44.21 6.99 -14.53
CA ALA D 211 43.15 7.20 -15.52
C ALA D 211 41.83 7.58 -14.87
N VAL D 212 41.48 6.91 -13.78
CA VAL D 212 40.27 7.27 -13.07
C VAL D 212 40.46 8.62 -12.38
N ARG D 213 41.63 8.87 -11.82
CA ARG D 213 41.88 10.16 -11.17
C ARG D 213 41.54 11.26 -12.14
N GLU D 214 41.86 11.03 -13.41
CA GLU D 214 41.77 12.10 -14.44
C GLU D 214 40.33 12.52 -14.67
N VAL D 215 39.39 11.58 -14.51
CA VAL D 215 38.00 11.90 -14.83
C VAL D 215 37.13 12.25 -13.60
N VAL D 216 37.70 12.08 -12.41
CA VAL D 216 37.02 12.53 -11.19
C VAL D 216 37.47 13.93 -10.78
N PRO D 217 36.54 14.91 -10.80
CA PRO D 217 36.88 16.27 -10.39
C PRO D 217 37.71 16.29 -9.10
N ARG D 218 38.67 17.20 -9.03
CA ARG D 218 39.62 17.24 -7.91
C ARG D 218 39.00 17.55 -6.55
N GLU D 219 37.81 18.16 -6.54
CA GLU D 219 37.11 18.39 -5.28
C GLU D 219 36.46 17.12 -4.72
N LEU D 220 36.44 16.05 -5.52
CA LEU D 220 35.87 14.79 -5.06
C LEU D 220 36.93 13.73 -4.79
N PRO D 221 36.82 13.05 -3.63
CA PRO D 221 37.81 12.08 -3.17
C PRO D 221 37.82 10.82 -4.03
N LEU D 222 38.99 10.39 -4.47
CA LEU D 222 39.14 9.06 -5.02
C LEU D 222 39.78 8.16 -3.96
N PHE D 223 39.11 7.07 -3.57
CA PHE D 223 39.62 6.06 -2.64
C PHE D 223 40.16 4.88 -3.45
N VAL D 224 41.13 4.18 -2.88
CA VAL D 224 41.51 2.89 -3.40
C VAL D 224 41.51 1.91 -2.23
N ARG D 225 40.90 0.74 -2.39
CA ARG D 225 41.00 -0.27 -1.35
C ARG D 225 42.01 -1.31 -1.78
N VAL D 226 42.83 -1.77 -0.83
CA VAL D 226 43.88 -2.75 -1.13
C VAL D 226 43.94 -3.84 -0.07
N SER D 227 44.38 -5.03 -0.45
CA SER D 227 44.81 -5.99 0.55
C SER D 227 46.25 -5.62 0.91
N ALA D 228 46.45 -5.08 2.11
CA ALA D 228 47.74 -4.54 2.55
C ALA D 228 48.74 -5.67 2.73
N THR D 229 48.24 -6.87 2.95
CA THR D 229 49.06 -8.05 2.75
C THR D 229 48.17 -9.12 2.15
N ASP D 230 48.80 -10.13 1.53
CA ASP D 230 48.08 -11.38 1.18
C ASP D 230 48.22 -12.55 2.17
N TRP D 231 48.86 -12.30 3.32
CA TRP D 231 49.07 -13.33 4.35
C TRP D 231 49.79 -14.57 3.81
N GLY D 232 50.47 -14.41 2.69
CA GLY D 232 51.10 -15.54 2.01
C GLY D 232 52.61 -15.41 1.93
N GLU D 233 53.31 -16.50 2.16
CA GLU D 233 54.77 -16.53 2.01
C GLU D 233 55.19 -16.11 0.61
N GLY D 234 56.13 -15.17 0.51
CA GLY D 234 56.57 -14.69 -0.79
C GLY D 234 55.62 -13.69 -1.40
N GLY D 235 54.55 -13.36 -0.67
CA GLY D 235 53.42 -12.65 -1.25
C GLY D 235 53.55 -11.15 -1.12
N TRP D 236 52.47 -10.43 -1.42
CA TRP D 236 52.42 -8.99 -1.23
C TRP D 236 52.47 -8.71 0.27
N SER D 237 53.38 -7.84 0.69
CA SER D 237 53.61 -7.51 2.12
C SER D 237 53.19 -6.09 2.49
N LEU D 238 53.21 -5.79 3.78
CA LEU D 238 53.02 -4.40 4.21
C LEU D 238 54.02 -3.46 3.52
N GLU D 239 55.27 -3.90 3.39
CA GLU D 239 56.31 -3.09 2.74
C GLU D 239 55.90 -2.69 1.34
N ASP D 240 55.41 -3.69 0.60
CA ASP D 240 54.92 -3.51 -0.76
C ASP D 240 53.82 -2.46 -0.77
N THR D 241 52.87 -2.62 0.15
CA THR D 241 51.78 -1.66 0.28
C THR D 241 52.26 -0.23 0.50
N LEU D 242 53.29 -0.05 1.31
CA LEU D 242 53.82 1.30 1.54
C LEU D 242 54.33 1.91 0.22
N ALA D 243 54.96 1.09 -0.59
CA ALA D 243 55.55 1.52 -1.87
C ALA D 243 54.43 1.94 -2.82
N PHE D 244 53.40 1.09 -2.86
CA PHE D 244 52.20 1.31 -3.66
C PHE D 244 51.47 2.55 -3.16
N ALA D 245 51.30 2.64 -1.85
CA ALA D 245 50.70 3.81 -1.23
C ALA D 245 51.37 5.11 -1.67
N ARG D 246 52.69 5.15 -1.60
CA ARG D 246 53.45 6.31 -2.03
CA ARG D 246 53.35 6.36 -2.01
C ARG D 246 53.06 6.71 -3.46
N ARG D 247 53.03 5.71 -4.34
CA ARG D 247 52.71 5.95 -5.74
C ARG D 247 51.31 6.51 -5.90
N LEU D 248 50.33 5.92 -5.20
CA LEU D 248 48.95 6.42 -5.28
C LEU D 248 48.82 7.87 -4.82
N LYS D 249 49.45 8.18 -3.68
CA LYS D 249 49.51 9.56 -3.20
C LYS D 249 50.06 10.49 -4.25
N GLU D 250 51.15 10.08 -4.90
CA GLU D 250 51.68 10.88 -5.99
C GLU D 250 50.63 11.12 -7.08
N LEU D 251 49.81 10.10 -7.37
CA LEU D 251 48.73 10.20 -8.37
C LEU D 251 47.59 11.15 -8.01
N GLY D 252 47.46 11.49 -6.74
CA GLY D 252 46.27 12.23 -6.32
C GLY D 252 45.17 11.35 -5.76
N VAL D 253 45.48 10.10 -5.44
CA VAL D 253 44.52 9.30 -4.67
C VAL D 253 44.40 9.96 -3.29
N ASP D 254 43.20 10.01 -2.73
CA ASP D 254 42.97 10.75 -1.50
C ASP D 254 43.04 9.88 -0.23
N LEU D 255 42.80 8.58 -0.36
CA LEU D 255 42.69 7.76 0.81
C LEU D 255 42.93 6.33 0.43
N LEU D 256 43.69 5.60 1.26
CA LEU D 256 43.80 4.16 1.09
C LEU D 256 42.88 3.46 2.12
N ASP D 257 41.99 2.63 1.61
CA ASP D 257 41.03 1.90 2.41
C ASP D 257 41.64 0.54 2.63
N CYS D 258 42.03 0.27 3.86
CA CYS D 258 43.05 -0.73 4.13
C CYS D 258 42.50 -2.09 4.54
N SER D 259 42.36 -2.99 3.57
CA SER D 259 41.86 -4.34 3.90
C SER D 259 43.02 -5.35 3.79
N SER D 260 42.73 -6.65 3.68
CA SER D 260 43.81 -7.62 3.51
C SER D 260 43.28 -8.96 2.99
N GLY D 261 44.18 -9.81 2.52
CA GLY D 261 43.81 -11.21 2.25
C GLY D 261 43.03 -11.38 0.97
N GLY D 262 42.52 -12.58 0.74
CA GLY D 262 41.68 -12.81 -0.43
C GLY D 262 42.40 -13.31 -1.66
N VAL D 263 43.69 -13.04 -1.79
CA VAL D 263 44.39 -13.36 -3.04
C VAL D 263 44.38 -14.86 -3.33
N VAL D 264 44.59 -15.66 -2.29
CA VAL D 264 44.50 -17.12 -2.37
C VAL D 264 43.73 -17.65 -1.16
N LEU D 265 43.23 -18.88 -1.25
CA LEU D 265 42.37 -19.44 -0.21
C LEU D 265 43.11 -19.92 1.03
N ARG D 266 44.24 -20.58 0.83
CA ARG D 266 44.86 -21.34 1.92
C ARG D 266 45.98 -20.55 2.61
N VAL D 267 45.60 -19.61 3.47
CA VAL D 267 46.57 -18.81 4.20
C VAL D 267 46.04 -18.63 5.61
N ARG D 268 46.94 -18.40 6.56
CA ARG D 268 46.49 -18.21 7.92
C ARG D 268 46.33 -16.72 8.18
N ILE D 269 45.10 -16.28 8.40
CA ILE D 269 44.83 -14.88 8.67
C ILE D 269 44.51 -14.71 10.16
N PRO D 270 45.33 -13.92 10.86
CA PRO D 270 45.16 -13.69 12.30
C PRO D 270 43.98 -12.78 12.63
N LEU D 271 42.76 -13.30 12.48
CA LEU D 271 41.53 -12.55 12.78
C LEU D 271 41.46 -12.08 14.24
N ALA D 272 41.15 -10.81 14.45
CA ALA D 272 40.88 -10.29 15.80
C ALA D 272 40.28 -8.91 15.64
N PRO D 273 39.56 -8.42 16.66
CA PRO D 273 39.10 -7.04 16.56
C PRO D 273 40.28 -6.16 16.19
N GLY D 274 40.13 -5.39 15.10
CA GLY D 274 41.13 -4.39 14.70
C GLY D 274 42.33 -4.94 13.96
N PHE D 275 42.29 -6.23 13.60
CA PHE D 275 43.50 -6.89 13.09
C PHE D 275 44.14 -6.20 11.85
N GLN D 276 43.39 -5.34 11.17
CA GLN D 276 43.92 -4.71 9.96
C GLN D 276 44.19 -3.24 10.22
N VAL D 277 43.80 -2.78 11.41
CA VAL D 277 44.22 -1.47 11.84
C VAL D 277 45.73 -1.16 11.72
N PRO D 278 46.61 -2.07 12.14
CA PRO D 278 48.03 -1.79 11.93
C PRO D 278 48.43 -1.38 10.51
N PHE D 279 47.70 -1.85 9.48
CA PHE D 279 48.05 -1.47 8.11
C PHE D 279 47.62 -0.04 7.79
N ALA D 280 46.47 0.36 8.31
CA ALA D 280 45.99 1.71 8.09
C ALA D 280 46.94 2.64 8.82
N ASP D 281 47.39 2.18 9.99
CA ASP D 281 48.30 2.97 10.80
C ASP D 281 49.66 3.14 10.08
N ALA D 282 50.26 2.03 9.67
CA ALA D 282 51.56 2.12 9.00
C ALA D 282 51.52 3.10 7.80
N VAL D 283 50.53 2.96 6.93
CA VAL D 283 50.48 3.76 5.70
C VAL D 283 50.33 5.21 6.08
N ARG D 284 49.32 5.49 6.90
CA ARG D 284 49.07 6.85 7.31
C ARG D 284 50.30 7.56 7.88
N LYS D 285 50.96 6.91 8.85
CA LYS D 285 52.03 7.56 9.62
C LYS D 285 53.38 7.57 8.89
N ARG D 286 53.57 6.61 8.00
CA ARG D 286 54.84 6.49 7.29
C ARG D 286 54.77 7.05 5.90
N VAL D 287 53.58 7.12 5.34
CA VAL D 287 53.46 7.61 3.96
C VAL D 287 52.83 8.98 3.89
N GLY D 288 52.02 9.32 4.86
CA GLY D 288 51.34 10.62 4.82
C GLY D 288 50.07 10.57 3.99
N LEU D 289 49.62 9.37 3.65
CA LEU D 289 48.37 9.21 2.92
C LEU D 289 47.19 8.87 3.87
N ARG D 290 46.10 9.61 3.76
CA ARG D 290 44.90 9.31 4.55
C ARG D 290 44.48 7.84 4.44
N THR D 291 43.99 7.23 5.53
CA THR D 291 43.55 5.82 5.49
C THR D 291 42.12 5.60 6.02
N GLY D 292 41.52 4.49 5.63
CA GLY D 292 40.26 4.01 6.23
C GLY D 292 40.57 2.69 6.89
N ALA D 293 40.14 2.54 8.16
CA ALA D 293 40.39 1.31 8.89
C ALA D 293 39.16 0.44 8.71
N VAL D 294 39.35 -0.83 8.48
CA VAL D 294 38.22 -1.73 8.48
C VAL D 294 38.64 -3.09 9.04
N GLY D 295 37.67 -3.83 9.58
CA GLY D 295 37.93 -5.21 10.01
C GLY D 295 37.64 -5.48 11.48
N LEU D 296 36.43 -5.98 11.76
CA LEU D 296 36.05 -6.37 13.09
C LEU D 296 36.06 -5.19 14.02
N ILE D 297 35.54 -4.07 13.54
CA ILE D 297 35.27 -2.90 14.35
C ILE D 297 33.79 -2.87 14.73
N THR D 298 33.49 -3.00 16.02
CA THR D 298 32.10 -3.21 16.41
C THR D 298 31.64 -2.30 17.55
N THR D 299 32.54 -1.46 18.06
CA THR D 299 32.32 -0.75 19.32
C THR D 299 32.55 0.76 19.13
N PRO D 300 31.70 1.62 19.71
CA PRO D 300 32.02 3.04 19.57
C PRO D 300 33.39 3.42 20.15
N GLU D 301 33.76 2.79 21.27
CA GLU D 301 34.95 3.20 22.01
C GLU D 301 36.17 2.70 21.25
N GLN D 302 36.03 1.52 20.66
CA GLN D 302 37.02 1.03 19.72
C GLN D 302 37.23 1.99 18.53
N ALA D 303 36.12 2.42 17.91
CA ALA D 303 36.17 3.35 16.78
C ALA D 303 36.86 4.64 17.13
N GLU D 304 36.53 5.20 18.30
CA GLU D 304 37.08 6.48 18.75
C GLU D 304 38.59 6.35 18.99
N THR D 305 38.98 5.22 19.56
CA THR D 305 40.33 5.05 20.02
C THR D 305 41.33 4.95 18.89
N LEU D 306 40.99 4.17 17.87
CA LEU D 306 41.92 4.00 16.76
C LEU D 306 42.13 5.33 16.03
N LEU D 307 41.10 6.18 16.04
CA LEU D 307 41.19 7.57 15.58
C LEU D 307 42.06 8.45 16.45
N GLN D 308 41.81 8.43 17.77
CA GLN D 308 42.68 9.16 18.69
C GLN D 308 44.14 8.78 18.47
N ALA D 309 44.43 7.50 18.19
CA ALA D 309 45.84 7.08 18.04
C ALA D 309 46.47 7.49 16.69
N GLY D 310 45.71 8.23 15.88
CA GLY D 310 46.09 8.55 14.50
C GLY D 310 46.21 7.35 13.56
N SER D 311 45.40 6.32 13.76
CA SER D 311 45.65 5.04 13.07
C SER D 311 45.02 5.08 11.68
N ALA D 312 43.96 5.86 11.59
CA ALA D 312 43.22 6.01 10.38
C ALA D 312 42.55 7.38 10.43
N ASP D 313 42.09 7.87 9.28
CA ASP D 313 41.20 9.03 9.25
C ASP D 313 39.73 8.69 9.22
N LEU D 314 39.40 7.49 8.75
CA LEU D 314 38.00 7.09 8.52
C LEU D 314 37.79 5.68 9.06
N VAL D 315 36.66 5.44 9.72
CA VAL D 315 36.35 4.13 10.24
C VAL D 315 35.29 3.49 9.37
N LEU D 316 35.60 2.32 8.78
CA LEU D 316 34.60 1.63 7.96
C LEU D 316 33.96 0.44 8.69
N LEU D 317 32.64 0.35 8.59
CA LEU D 317 31.93 -0.69 9.26
C LEU D 317 31.28 -1.60 8.23
N GLY D 318 31.44 -2.91 8.40
CA GLY D 318 30.69 -3.82 7.57
C GLY D 318 29.64 -4.56 8.34
N ARG D 319 30.01 -5.74 8.85
CA ARG D 319 29.03 -6.64 9.41
C ARG D 319 28.14 -6.11 10.53
N VAL D 320 28.70 -5.24 11.37
CA VAL D 320 27.94 -4.66 12.46
C VAL D 320 26.78 -3.83 11.92
N LEU D 321 26.95 -3.21 10.76
CA LEU D 321 25.82 -2.50 10.12
C LEU D 321 24.74 -3.42 9.47
N LEU D 322 25.06 -4.67 9.16
CA LEU D 322 24.04 -5.58 8.71
C LEU D 322 23.11 -5.96 9.88
N ARG D 323 23.65 -6.15 11.07
CA ARG D 323 22.83 -6.61 12.17
C ARG D 323 22.40 -5.44 13.06
N ASP D 324 23.08 -4.31 12.92
CA ASP D 324 22.72 -3.12 13.67
C ASP D 324 22.82 -1.85 12.85
N PRO D 325 21.84 -1.65 11.96
CA PRO D 325 21.84 -0.51 11.03
C PRO D 325 21.86 0.89 11.67
N TYR D 326 21.43 1.01 12.93
CA TYR D 326 21.40 2.30 13.62
C TYR D 326 22.55 2.45 14.62
N PHE D 327 23.57 1.63 14.46
CA PHE D 327 24.75 1.71 15.32
C PHE D 327 25.27 3.16 15.47
N PRO D 328 25.30 3.94 14.37
CA PRO D 328 25.92 5.26 14.55
C PRO D 328 25.15 6.16 15.50
N LEU D 329 23.81 6.05 15.54
CA LEU D 329 23.07 6.89 16.46
C LEU D 329 23.44 6.54 17.89
N ARG D 330 23.55 5.24 18.17
CA ARG D 330 23.91 4.77 19.49
C ARG D 330 25.36 5.05 19.85
N ALA D 331 26.24 4.90 18.86
CA ALA D 331 27.64 5.26 19.05
C ALA D 331 27.82 6.72 19.49
N ALA D 332 26.97 7.62 19.01
CA ALA D 332 27.03 9.02 19.44
C ALA D 332 26.81 9.19 20.94
N LYS D 333 25.73 8.63 21.45
CA LYS D 333 25.40 8.70 22.87
C LYS D 333 26.47 8.04 23.71
N ALA D 334 26.98 6.90 23.25
CA ALA D 334 28.13 6.26 23.87
C ALA D 334 29.29 7.20 24.08
N LEU D 335 29.49 8.14 23.19
CA LEU D 335 30.69 8.97 23.23
C LEU D 335 30.36 10.40 23.67
N GLY D 336 29.17 10.56 24.23
CA GLY D 336 28.78 11.80 24.89
C GLY D 336 28.30 12.85 23.92
N VAL D 337 28.04 12.44 22.68
CA VAL D 337 27.59 13.36 21.64
C VAL D 337 26.09 13.13 21.41
N ALA D 338 25.35 14.17 21.05
CA ALA D 338 23.90 14.03 20.84
C ALA D 338 23.64 13.40 19.48
N PRO D 339 22.83 12.33 19.44
CA PRO D 339 22.61 11.66 18.16
C PRO D 339 21.90 12.55 17.16
N GLU D 340 22.28 12.41 15.90
CA GLU D 340 21.51 13.02 14.84
C GLU D 340 20.34 12.14 14.50
N VAL D 341 19.26 12.26 15.26
CA VAL D 341 18.10 11.38 15.09
C VAL D 341 17.06 11.99 14.13
N PRO D 342 16.51 11.17 13.24
CA PRO D 342 15.29 11.60 12.56
C PRO D 342 14.27 12.05 13.61
N PRO D 343 13.56 13.16 13.34
CA PRO D 343 12.68 13.75 14.35
C PRO D 343 11.48 12.87 14.64
N GLN D 344 11.10 12.05 13.66
CA GLN D 344 10.11 10.98 13.86
C GLN D 344 10.62 10.02 14.95
N TYR D 345 11.94 9.96 15.12
CA TYR D 345 12.52 9.02 16.06
C TYR D 345 12.95 9.67 17.39
N GLN D 346 12.70 10.96 17.53
CA GLN D 346 13.25 11.71 18.68
C GLN D 346 12.96 11.07 20.05
N ARG D 347 11.72 10.66 20.26
CA ARG D 347 11.32 10.12 21.56
CA ARG D 347 11.28 10.10 21.54
C ARG D 347 11.93 8.76 21.85
N GLY D 348 12.62 8.19 20.87
CA GLY D 348 13.21 6.88 21.08
C GLY D 348 14.64 6.94 21.57
N PHE D 349 15.18 8.15 21.67
CA PHE D 349 16.59 8.31 21.93
C PHE D 349 16.82 9.14 23.17
N1 FMN E . 0.32 4.54 21.08
C2 FMN E . -0.84 4.29 20.41
O2 FMN E . -1.67 3.54 20.96
N3 FMN E . -1.01 4.82 19.13
C4 FMN E . -0.02 5.57 18.52
O4 FMN E . 0.06 5.57 17.29
C4A FMN E . 1.14 5.87 19.23
N5 FMN E . 2.12 6.65 18.64
C5A FMN E . 3.31 6.86 19.34
C6 FMN E . 4.31 7.66 18.77
C7 FMN E . 5.50 7.85 19.46
C7M FMN E . 6.59 8.70 18.87
C8 FMN E . 5.68 7.24 20.73
C8M FMN E . 7.06 7.20 21.33
C9 FMN E . 4.66 6.51 21.30
C9A FMN E . 3.49 6.27 20.61
N10 FMN E . 2.48 5.47 21.19
C10 FMN E . 1.32 5.29 20.49
C1' FMN E . 2.71 4.61 22.42
C2' FMN E . 3.53 3.39 22.06
O2' FMN E . 2.82 2.62 21.08
C3' FMN E . 3.85 2.55 23.31
O3' FMN E . 2.63 2.07 23.88
C4' FMN E . 4.60 3.36 24.40
O4' FMN E . 5.58 4.22 23.83
C5' FMN E . 5.24 2.52 25.51
O5' FMN E . 5.91 1.40 24.96
P FMN E . 7.49 1.53 24.69
O1P FMN E . 8.12 1.82 26.05
O2P FMN E . 7.88 2.63 23.78
O3P FMN E . 8.01 0.23 24.15
C1' HBA F . 2.70 10.37 20.65
O1' HBA F . 3.12 10.67 19.53
C1 HBA F . 1.50 9.50 20.78
C2 HBA F . 1.28 8.78 21.96
C3 HBA F . 0.16 7.95 22.08
C4 HBA F . -0.76 7.86 21.04
C5 HBA F . -0.54 8.58 19.87
C6 HBA F . 0.57 9.41 19.75
O4 HBA F . -1.85 7.02 21.17
N1 FMN G . -2.68 -31.40 -10.98
C2 FMN G . -3.69 -30.58 -10.51
O2 FMN G . -4.88 -30.98 -10.36
N3 FMN G . -3.40 -29.26 -10.24
C4 FMN G . -2.12 -28.75 -10.37
O4 FMN G . -1.92 -27.54 -10.31
C4A FMN G . -1.11 -29.58 -10.81
N5 FMN G . 0.16 -29.04 -10.90
C5A FMN G . 1.17 -29.86 -11.38
C6 FMN G . 2.48 -29.35 -11.52
C7 FMN G . 3.50 -30.16 -11.98
C7M FMN G . 4.93 -29.65 -12.05
C8 FMN G . 3.20 -31.48 -12.36
C8M FMN G . 4.23 -32.29 -13.07
C9 FMN G . 1.91 -31.99 -12.19
C9A FMN G . 0.89 -31.19 -11.71
N10 FMN G . -0.39 -31.72 -11.58
C10 FMN G . -1.40 -30.92 -11.13
C1' FMN G . -0.69 -33.08 -12.15
C2' FMN G . -0.80 -32.99 -13.68
O2' FMN G . -1.69 -31.94 -13.93
C3' FMN G . -1.23 -34.32 -14.33
O3' FMN G . -2.53 -34.76 -13.92
C4' FMN G . -0.22 -35.43 -13.99
O4' FMN G . 1.09 -34.87 -14.01
C5' FMN G . -0.32 -36.61 -14.96
O5' FMN G . -0.36 -36.14 -16.29
P FMN G . 0.97 -36.12 -17.18
O1P FMN G . 1.57 -37.49 -17.13
O2P FMN G . 1.92 -35.11 -16.63
O3P FMN G . 0.56 -35.75 -18.56
C1' HBA H . 2.90 -30.57 -7.94
O1' HBA H . 3.44 -29.54 -8.34
C1 HBA H . 1.42 -30.71 -7.87
C2 HBA H . 0.83 -31.86 -8.36
C3 HBA H . -0.56 -32.03 -8.33
C4 HBA H . -1.34 -31.01 -7.80
C5 HBA H . -0.76 -29.86 -7.26
C6 HBA H . 0.62 -29.69 -7.33
O4 HBA H . -2.68 -31.21 -7.74
N1 FMN I . -24.04 33.76 -9.50
C2 FMN I . -24.48 32.48 -9.33
O2 FMN I . -25.36 32.30 -8.48
N3 FMN I . -23.96 31.45 -10.12
C4 FMN I . -22.98 31.75 -11.06
O4 FMN I . -22.13 30.90 -11.33
C4A FMN I . -22.58 33.06 -11.22
N5 FMN I . -21.61 33.34 -12.18
C5A FMN I . -21.16 34.62 -12.33
C6 FMN I . -20.19 34.90 -13.28
C7 FMN I . -19.72 36.19 -13.45
C7M FMN I . -18.49 36.40 -14.27
C8 FMN I . -20.20 37.22 -12.63
C8M FMN I . -19.62 38.61 -12.74
C9 FMN I . -21.16 36.94 -11.66
C9A FMN I . -21.65 35.64 -11.52
N10 FMN I . -22.62 35.35 -10.57
C10 FMN I . -23.07 34.07 -10.43
C1' FMN I . -23.09 36.44 -9.67
C2' FMN I . -22.08 36.63 -8.55
O2' FMN I . -21.91 35.38 -7.93
C3' FMN I . -22.52 37.68 -7.54
O3' FMN I . -23.71 37.26 -6.91
C4' FMN I . -22.81 39.01 -8.20
O4' FMN I . -21.78 39.27 -9.12
C5' FMN I . -22.89 40.12 -7.16
O5' FMN I . -21.74 40.11 -6.33
P FMN I . -20.44 41.08 -6.56
O1P FMN I . -20.90 42.53 -6.71
O2P FMN I . -19.68 40.65 -7.79
O3P FMN I . -19.73 40.91 -5.27
C1' HBA J . -22.68 35.45 -15.57
O1' HBA J . -21.82 34.88 -16.23
C1 HBA J . -23.58 34.70 -14.66
C2 HBA J . -24.33 35.42 -13.75
C3 HBA J . -25.22 34.79 -12.89
C4 HBA J . -25.33 33.41 -12.89
C5 HBA J . -24.58 32.67 -13.80
C6 HBA J . -23.69 33.30 -14.69
O4 HBA J . -26.19 32.82 -12.01
N1 FMN K . 34.59 -5.78 0.54
C2 FMN K . 34.78 -5.10 -0.64
O2 FMN K . 35.83 -4.47 -0.81
N3 FMN K . 33.85 -5.16 -1.66
C4 FMN K . 32.65 -5.82 -1.48
O4 FMN K . 31.65 -5.38 -2.06
C4A FMN K . 32.45 -6.50 -0.26
N5 FMN K . 31.28 -7.21 -0.08
C5A FMN K . 31.07 -7.89 1.11
C6 FMN K . 29.87 -8.56 1.28
C7 FMN K . 29.61 -9.22 2.47
C7M FMN K . 28.29 -9.96 2.62
C8 FMN K . 30.58 -9.16 3.51
C8M FMN K . 30.29 -9.63 4.90
C9 FMN K . 31.79 -8.48 3.33
C9A FMN K . 32.02 -7.84 2.13
N10 FMN K . 33.19 -7.14 1.95
C10 FMN K . 33.41 -6.48 0.75
C1' FMN K . 34.13 -6.98 3.12
C2' FMN K . 33.68 -5.81 3.99
O2' FMN K . 33.40 -4.68 3.17
C3' FMN K . 34.68 -5.52 5.15
O3' FMN K . 35.92 -5.05 4.65
C4' FMN K . 34.97 -6.79 6.00
O4' FMN K . 33.83 -7.59 6.22
C5' FMN K . 35.57 -6.44 7.36
O5' FMN K . 34.77 -5.43 7.96
P FMN K . 33.66 -5.87 9.02
O1P FMN K . 34.32 -6.74 10.08
O2P FMN K . 32.56 -6.63 8.36
O3P FMN K . 33.19 -4.58 9.68
C1' HBA L . 31.75 -11.22 -0.13
O1' HBA L . 30.65 -11.32 -0.63
C1 HBA L . 32.72 -10.24 -0.67
C2 HBA L . 33.82 -9.95 0.12
C3 HBA L . 34.79 -9.07 -0.33
C4 HBA L . 34.66 -8.46 -1.55
C5 HBA L . 33.56 -8.75 -2.38
C6 HBA L . 32.57 -9.64 -1.92
O4 HBA L . 35.64 -7.59 -1.92
#